data_9LLD
#
_entry.id   9LLD
#
_cell.length_a   1.00
_cell.length_b   1.00
_cell.length_c   1.00
_cell.angle_alpha   90.00
_cell.angle_beta   90.00
_cell.angle_gamma   90.00
#
_symmetry.space_group_name_H-M   'P 1'
#
loop_
_entity.id
_entity.type
_entity.pdbx_description
1 polymer 'Core gene UL27 family protein'
2 polymer '2C4 Fab H chain'
3 polymer '2C4 Fab L chain'
#
loop_
_entity_poly.entity_id
_entity_poly.type
_entity_poly.pdbx_seq_one_letter_code
_entity_poly.pdbx_strand_id
1 'polypeptide(L)'
;MTPRSRLATLGTVILLVCFCAGAAHSRGDTFQTSSSPTPPGSSSKAPTKPGEEASGPKSVDFYQFRVCSASITGELFRFN
LEQTCPDTKDKYHQEGILLVYKKNIVPHIFKVRRYRKIATSVTVYRGHRESAITNKYELPRPVPLYEISHMDSTYQCFSS
MKVNVNGVENTFTDRDDVNTTVFLQPVEGLTDNIQRYFSQPVIYAEPGRVEATYRVRTTVNCEIVDMIARSAEPYNYFVT
SLGDTVEVSPFCYNESSCSTTPSNKNGLSVQVVLNHTVVTYSDRGTSPTPQNRIFVETGAYTLSWASESKTTAVCPLALW
KTFPRSIQTTHEDSFHFVANEITATFTAPLTPVANFTDTYSCLTSDINTTLNASKAKLASTHVPNGTVQYFHTTGGLYLV
WQPMSAINLTHAQGDSGNPTSSPPPSASPMTTSASRGGSGGASTAAAGGGGSTDNLSYTQLQFAYDKLRDGINQVLEELS
RAWCREQVRDNLMWYELSKINPTSVMTAIYGRPVSAKFVGDAISVTECINVDQSSVNIHKSLRTNSKDVCYARPLVTFKF
LNSSNLFTGQLGARNEIILTNNQVETCKDTCEHYFITRNETLVYKDYAYLRTINTTDISTLNTFIALNLSFIQNIDFKAI
ELYSSAEKRLASSGSHHHHHH
;
C,A,B
2 'polypeptide(L)'
;MGWSCIILFLVATATGVHSQVQLVQSGAELKTPGSSVKVSCKASGGTFSSNTVSWLRQAPGQGLEWMGRIIPIVDVTNYA
QKFQGRVKITADKSTTTAYMQLSSLRSEDTAVYFCARDDAIDPFSYWGQGTLVTVSSASTKGPSVFPLAPSSKSTSGGTA
ALGCLVKDYFPEPVTVSWNSGALTSGVHTFPAVLQSSGLYSLSSVVTVPSSSLGTQTYICNVNHKPSNTKVDKRVEPKSC
DKGSHHHHHHHH
;
H,D,E
3 'polypeptide(L)'
;MGWSCIILFLVATATGSWASSELSQPASVSGSPGQSITISCTGTSSDVGAYNFVSWYQQHPGKAPKLMIYDVTKWPSGVS
NRFSGSKSGNTASLTISGLQAEDEADYYCSSYASSNTYVFGTGTKLTVLGQPKAAPSVTLFPPSSEELQANKATLVCLIS
DFYPGAVTVAWKADSSPVKAGVETTTPSKQSNNKYAASSYLSLTPEQWKSHRSYSCQVTHEGSTVEKTVAPTECS
;
L,F,G
#
# COMPACT_ATOMS: atom_id res chain seq x y z
N LYS A 58 -1.70 -34.92 26.10
CA LYS A 58 -2.65 -34.40 25.11
C LYS A 58 -2.88 -32.91 25.30
N SER A 59 -2.62 -32.14 24.25
CA SER A 59 -2.79 -30.69 24.26
C SER A 59 -3.50 -30.24 22.99
N VAL A 60 -4.60 -30.92 22.66
CA VAL A 60 -5.33 -30.62 21.42
C VAL A 60 -5.89 -29.20 21.46
N ASP A 61 -6.54 -28.84 22.55
CA ASP A 61 -7.14 -27.51 22.68
C ASP A 61 -7.42 -27.22 24.14
N PHE A 62 -7.77 -25.97 24.42
CA PHE A 62 -8.13 -25.55 25.77
C PHE A 62 -9.52 -26.02 26.19
N TYR A 63 -10.31 -26.55 25.25
CA TYR A 63 -11.67 -26.96 25.58
C TYR A 63 -11.70 -28.09 26.60
N GLN A 64 -10.81 -29.08 26.44
CA GLN A 64 -10.80 -30.23 27.32
C GLN A 64 -10.10 -29.91 28.64
N PHE A 65 -10.70 -30.37 29.74
CA PHE A 65 -10.09 -30.19 31.05
C PHE A 65 -8.83 -31.03 31.17
N ARG A 66 -7.79 -30.44 31.75
CA ARG A 66 -6.53 -31.14 31.93
C ARG A 66 -5.75 -30.49 33.05
N VAL A 67 -4.80 -31.25 33.60
CA VAL A 67 -3.88 -30.77 34.62
C VAL A 67 -2.47 -31.05 34.14
N CYS A 68 -1.67 -30.00 33.99
CA CYS A 68 -0.30 -30.13 33.46
C CYS A 68 0.62 -29.24 34.29
N SER A 69 1.27 -29.83 35.29
CA SER A 69 2.22 -29.12 36.13
C SER A 69 3.58 -29.82 36.21
N ALA A 70 3.77 -30.93 35.51
CA ALA A 70 5.04 -31.63 35.56
C ALA A 70 6.13 -30.84 34.88
N SER A 71 7.34 -30.87 35.46
CA SER A 71 8.49 -30.17 34.90
C SER A 71 9.74 -30.97 35.27
N ILE A 72 10.20 -31.81 34.33
CA ILE A 72 11.37 -32.65 34.59
C ILE A 72 12.45 -32.38 33.55
N THR A 73 12.13 -32.60 32.28
CA THR A 73 13.08 -32.46 31.19
C THR A 73 12.47 -31.67 30.04
N GLY A 74 11.82 -30.54 30.36
CA GLY A 74 11.25 -29.71 29.33
C GLY A 74 12.32 -29.02 28.49
N GLU A 75 11.95 -28.71 27.25
CA GLU A 75 12.87 -28.04 26.34
C GLU A 75 13.16 -26.62 26.83
N LEU A 76 14.40 -26.19 26.63
CA LEU A 76 14.85 -24.88 27.08
C LEU A 76 14.81 -23.88 25.94
N PHE A 77 14.47 -22.63 26.26
CA PHE A 77 14.40 -21.57 25.27
C PHE A 77 14.91 -20.27 25.89
N ARG A 78 15.39 -19.39 25.02
CA ARG A 78 15.90 -18.08 25.44
C ARG A 78 15.35 -17.01 24.50
N PHE A 79 15.31 -15.79 24.99
CA PHE A 79 14.80 -14.65 24.23
C PHE A 79 15.97 -13.92 23.57
N ASN A 80 15.86 -13.69 22.26
CA ASN A 80 16.90 -13.01 21.51
C ASN A 80 16.57 -11.52 21.39
N LEU A 81 17.53 -10.68 21.75
CA LEU A 81 17.38 -9.22 21.72
C LEU A 81 18.46 -8.58 20.86
N GLU A 82 18.81 -9.23 19.75
CA GLU A 82 19.86 -8.74 18.86
C GLU A 82 19.38 -8.49 17.44
N GLN A 83 18.24 -9.04 17.03
CA GLN A 83 17.74 -8.84 15.68
C GLN A 83 17.32 -7.38 15.48
N THR A 84 17.60 -6.85 14.30
CA THR A 84 17.21 -5.48 13.97
C THR A 84 17.00 -5.36 12.47
N CYS A 85 16.27 -4.33 12.09
CA CYS A 85 16.00 -4.10 10.67
C CYS A 85 17.21 -3.44 10.01
N PRO A 86 17.83 -4.08 9.02
CA PRO A 86 18.92 -3.42 8.31
C PRO A 86 18.41 -2.24 7.50
N ASP A 87 19.27 -1.23 7.36
CA ASP A 87 18.92 -0.08 6.55
C ASP A 87 18.89 -0.46 5.08
N THR A 88 18.11 0.30 4.31
CA THR A 88 17.97 0.02 2.89
C THR A 88 19.26 0.33 2.15
N LYS A 89 19.45 -0.35 1.02
CA LYS A 89 20.61 -0.13 0.18
C LYS A 89 20.39 1.12 -0.67
N ASP A 90 21.26 1.35 -1.63
CA ASP A 90 21.16 2.49 -2.52
C ASP A 90 21.02 2.00 -3.97
N LYS A 91 21.02 2.94 -4.90
CA LYS A 91 20.89 2.63 -6.32
C LYS A 91 21.98 3.37 -7.08
N TYR A 92 22.67 2.65 -7.97
CA TYR A 92 23.72 3.28 -8.77
C TYR A 92 23.14 4.37 -9.67
N HIS A 93 22.00 4.09 -10.31
CA HIS A 93 21.34 5.03 -11.20
C HIS A 93 22.30 5.53 -12.28
N GLN A 94 22.80 4.59 -13.07
CA GLN A 94 23.70 4.93 -14.17
C GLN A 94 22.98 5.83 -15.17
N GLU A 95 23.72 6.76 -15.76
CA GLU A 95 23.11 7.71 -16.67
C GLU A 95 24.17 8.27 -17.62
N GLY A 96 23.70 9.04 -18.59
CA GLY A 96 24.60 9.61 -19.56
C GLY A 96 23.84 10.34 -20.64
N ILE A 97 24.56 10.67 -21.71
CA ILE A 97 23.95 11.33 -22.86
C ILE A 97 23.28 10.30 -23.74
N LEU A 98 22.11 10.65 -24.26
CA LEU A 98 21.31 9.73 -25.07
C LEU A 98 20.80 10.45 -26.30
N LEU A 99 20.94 9.83 -27.46
CA LEU A 99 20.43 10.35 -28.71
C LEU A 99 19.53 9.33 -29.37
N VAL A 100 18.50 9.81 -30.05
CA VAL A 100 17.57 8.95 -30.76
C VAL A 100 17.70 9.21 -32.25
N TYR A 101 17.29 8.22 -33.03
CA TYR A 101 17.39 8.31 -34.48
C TYR A 101 16.21 7.60 -35.10
N LYS A 102 15.43 8.32 -35.89
CA LYS A 102 14.28 7.79 -36.59
C LYS A 102 14.64 7.49 -38.04
N LYS A 103 13.88 6.58 -38.65
CA LYS A 103 14.08 6.27 -40.05
C LYS A 103 13.62 7.45 -40.90
N ASN A 104 14.53 8.03 -41.66
CA ASN A 104 14.20 9.20 -42.46
C ASN A 104 13.23 8.82 -43.57
N ILE A 105 12.34 9.77 -43.90
CA ILE A 105 11.37 9.58 -44.97
C ILE A 105 11.44 10.67 -46.01
N VAL A 106 12.35 11.62 -45.88
CA VAL A 106 12.49 12.69 -46.88
C VAL A 106 12.92 12.06 -48.20
N PRO A 107 12.17 12.26 -49.27
CA PRO A 107 12.56 11.66 -50.55
C PRO A 107 13.82 12.31 -51.09
N HIS A 108 14.61 11.50 -51.79
CA HIS A 108 15.83 12.01 -52.40
C HIS A 108 15.49 13.00 -53.50
N ILE A 109 16.20 14.12 -53.52
CA ILE A 109 15.95 15.16 -54.50
C ILE A 109 17.24 15.41 -55.28
N PHE A 110 17.08 15.77 -56.55
CA PHE A 110 18.21 16.22 -57.36
C PHE A 110 17.67 16.95 -58.58
N LYS A 111 18.57 17.31 -59.49
CA LYS A 111 18.19 18.05 -60.69
C LYS A 111 18.36 17.19 -61.93
N VAL A 112 17.76 17.63 -63.02
CA VAL A 112 17.74 16.88 -64.27
C VAL A 112 17.61 17.86 -65.42
N ARG A 113 18.15 17.49 -66.57
CA ARG A 113 18.03 18.30 -67.77
C ARG A 113 17.48 17.44 -68.89
N ARG A 114 16.46 17.94 -69.58
CA ARG A 114 15.75 17.17 -70.59
C ARG A 114 15.76 17.91 -71.92
N TYR A 115 15.89 17.14 -72.99
CA TYR A 115 15.92 17.65 -74.36
C TYR A 115 14.81 17.00 -75.17
N ARG A 116 14.14 17.81 -75.99
CA ARG A 116 13.05 17.33 -76.81
C ARG A 116 13.08 18.02 -78.17
N LYS A 117 12.52 17.34 -79.17
CA LYS A 117 12.39 17.86 -80.52
C LYS A 117 10.92 17.81 -80.92
N ILE A 118 10.38 18.95 -81.33
CA ILE A 118 8.97 19.06 -81.67
C ILE A 118 8.84 19.52 -83.11
N ALA A 119 7.95 18.88 -83.87
CA ALA A 119 7.67 19.27 -85.24
C ALA A 119 6.18 19.50 -85.38
N THR A 120 5.79 20.64 -85.94
CA THR A 120 4.38 20.98 -86.10
C THR A 120 4.20 21.75 -87.40
N SER A 121 2.98 21.71 -87.92
CA SER A 121 2.63 22.41 -89.15
C SER A 121 1.28 23.11 -88.99
N VAL A 122 1.09 24.17 -89.76
CA VAL A 122 -0.16 24.92 -89.79
C VAL A 122 -0.71 24.84 -91.21
N THR A 123 -1.99 24.49 -91.32
CA THR A 123 -2.66 24.36 -92.62
C THR A 123 -3.96 25.17 -92.55
N VAL A 124 -3.86 26.47 -92.78
CA VAL A 124 -5.04 27.32 -92.78
C VAL A 124 -5.04 28.27 -93.99
N TYR A 125 -5.65 27.83 -95.09
CA TYR A 125 -5.98 28.72 -96.20
C TYR A 125 -7.31 28.33 -96.83
N ARG A 126 -8.23 27.77 -96.03
CA ARG A 126 -9.45 27.19 -96.58
C ARG A 126 -10.25 28.25 -97.34
N GLY A 127 -10.98 27.78 -98.36
CA GLY A 127 -11.64 28.69 -99.27
C GLY A 127 -10.62 29.52 -100.01
N HIS A 128 -10.55 30.81 -99.68
CA HIS A 128 -9.45 31.65 -100.15
C HIS A 128 -8.35 31.71 -99.10
N ARG A 129 -8.68 32.16 -97.89
CA ARG A 129 -7.72 32.22 -96.79
C ARG A 129 -8.47 32.04 -95.49
N GLU A 130 -8.04 31.07 -94.69
CA GLU A 130 -8.66 30.79 -93.40
C GLU A 130 -7.61 30.84 -92.30
N SER A 131 -8.08 30.71 -91.06
CA SER A 131 -7.21 30.75 -89.89
C SER A 131 -7.48 29.53 -89.01
N ALA A 132 -6.40 28.85 -88.61
CA ALA A 132 -6.49 27.69 -87.73
C ALA A 132 -7.43 26.62 -88.27
N ILE A 133 -7.34 26.38 -89.58
CA ILE A 133 -8.21 25.39 -90.21
C ILE A 133 -7.91 23.99 -89.68
N THR A 134 -6.62 23.64 -89.58
CA THR A 134 -6.24 22.33 -89.08
C THR A 134 -4.80 22.39 -88.58
N ASN A 135 -4.58 22.01 -87.33
CA ASN A 135 -3.25 21.93 -86.76
C ASN A 135 -2.68 20.55 -86.98
N LYS A 136 -1.36 20.48 -87.14
CA LYS A 136 -0.70 19.22 -87.43
C LYS A 136 -0.62 18.35 -86.17
N TYR A 137 0.00 17.18 -86.33
CA TYR A 137 0.09 16.22 -85.22
C TYR A 137 0.91 16.78 -84.06
N GLU A 138 1.85 17.68 -84.34
CA GLU A 138 2.73 18.25 -83.33
C GLU A 138 3.50 17.15 -82.59
N LEU A 139 4.25 16.38 -83.36
CA LEU A 139 4.94 15.22 -82.81
C LEU A 139 6.18 15.64 -82.02
N PRO A 140 6.27 15.30 -80.73
CA PRO A 140 7.52 15.53 -80.00
C PRO A 140 8.45 14.33 -80.08
N ARG A 141 9.73 14.58 -80.35
CA ARG A 141 10.70 13.53 -80.60
C ARG A 141 11.95 13.76 -79.77
N PRO A 142 12.72 12.69 -79.49
CA PRO A 142 13.99 12.86 -78.79
C PRO A 142 15.04 13.56 -79.64
N VAL A 143 16.26 13.64 -79.13
CA VAL A 143 17.36 14.34 -79.79
C VAL A 143 18.43 13.32 -80.13
N PRO A 144 19.27 13.60 -81.12
CA PRO A 144 20.24 12.60 -81.59
C PRO A 144 21.48 12.46 -80.74
N LEU A 145 21.47 12.96 -79.50
CA LEU A 145 22.54 12.74 -78.54
C LEU A 145 23.86 13.37 -78.98
N TYR A 146 24.51 12.77 -79.97
CA TYR A 146 25.82 13.27 -80.41
C TYR A 146 25.75 14.72 -80.85
N GLU A 147 24.93 15.02 -81.86
CA GLU A 147 24.72 16.40 -82.26
C GLU A 147 24.09 17.19 -81.11
N ILE A 148 23.21 16.55 -80.35
CA ILE A 148 22.62 17.19 -79.17
C ILE A 148 23.69 17.55 -78.16
N SER A 149 24.63 16.63 -77.92
CA SER A 149 25.75 16.93 -77.03
C SER A 149 26.55 18.11 -77.57
N HIS A 150 26.82 18.11 -78.88
CA HIS A 150 27.43 19.27 -79.49
C HIS A 150 26.55 20.50 -79.32
N MET A 151 25.23 20.33 -79.52
CA MET A 151 24.30 21.41 -79.22
C MET A 151 24.34 21.76 -77.73
N ASP A 152 24.39 20.73 -76.88
CA ASP A 152 24.54 20.98 -75.44
C ASP A 152 25.88 21.65 -75.14
N SER A 153 26.95 21.18 -75.79
CA SER A 153 28.25 21.80 -75.61
C SER A 153 28.22 23.25 -76.06
N THR A 154 27.62 23.51 -77.22
CA THR A 154 27.43 24.89 -77.66
C THR A 154 26.49 25.63 -76.72
N TYR A 155 25.32 25.03 -76.44
CA TYR A 155 24.30 25.59 -75.56
C TYR A 155 23.75 26.90 -76.12
N GLN A 156 24.25 27.29 -77.29
CA GLN A 156 23.72 28.44 -78.03
C GLN A 156 23.68 28.15 -79.53
N CYS A 157 23.76 26.88 -79.91
CA CYS A 157 23.70 26.50 -81.33
C CYS A 157 23.26 25.04 -81.38
N PHE A 158 21.98 24.82 -81.66
CA PHE A 158 21.42 23.48 -81.79
C PHE A 158 20.95 23.27 -83.22
N SER A 159 21.28 22.10 -83.78
CA SER A 159 20.93 21.83 -85.17
C SER A 159 19.41 21.80 -85.36
N SER A 160 18.96 22.40 -86.45
CA SER A 160 17.56 22.44 -86.80
C SER A 160 17.28 21.49 -87.96
N MET A 161 16.03 21.52 -88.44
CA MET A 161 15.60 20.72 -89.58
C MET A 161 15.80 19.23 -89.33
N LYS A 162 15.09 18.72 -88.31
CA LYS A 162 15.17 17.31 -87.98
C LYS A 162 14.60 16.47 -89.12
N VAL A 163 15.34 15.45 -89.52
CA VAL A 163 14.94 14.54 -90.57
C VAL A 163 14.74 13.16 -89.93
N ASN A 164 13.49 12.87 -89.55
CA ASN A 164 13.20 11.66 -88.80
C ASN A 164 11.72 11.34 -88.78
N VAL A 165 11.37 10.08 -89.10
CA VAL A 165 9.99 9.60 -89.00
C VAL A 165 10.04 8.08 -89.02
N ASN A 166 9.01 7.45 -88.46
CA ASN A 166 8.96 6.00 -88.46
C ASN A 166 8.77 5.45 -89.86
N GLY A 167 7.98 6.12 -90.69
CA GLY A 167 7.79 5.69 -92.06
C GLY A 167 9.04 5.93 -92.89
N VAL A 168 9.47 7.18 -92.98
CA VAL A 168 10.70 7.53 -93.68
C VAL A 168 11.22 8.86 -93.13
N GLU A 169 12.51 8.92 -92.84
CA GLU A 169 13.11 10.14 -92.28
C GLU A 169 12.99 11.28 -93.28
N ASN A 170 12.15 12.26 -92.96
CA ASN A 170 11.91 13.42 -93.81
C ASN A 170 12.17 14.69 -93.04
N THR A 171 12.85 15.64 -93.67
CA THR A 171 13.14 16.91 -93.02
C THR A 171 11.87 17.74 -92.89
N PHE A 172 11.63 18.26 -91.70
CA PHE A 172 10.53 19.18 -91.43
C PHE A 172 11.09 20.43 -90.79
N THR A 173 10.92 21.57 -91.43
CA THR A 173 11.55 22.81 -91.00
C THR A 173 10.97 23.97 -91.80
N ASP A 174 11.60 25.13 -91.67
CA ASP A 174 11.31 26.32 -92.47
C ASP A 174 12.28 26.41 -93.64
N ARG A 175 12.60 25.27 -94.26
CA ARG A 175 13.61 25.14 -95.31
C ARG A 175 15.01 25.46 -94.78
N ASP A 176 15.45 24.68 -93.80
CA ASP A 176 16.80 24.72 -93.26
C ASP A 176 17.49 23.38 -93.52
N ASP A 177 18.70 23.22 -92.99
CA ASP A 177 19.47 22.00 -93.16
C ASP A 177 19.56 21.23 -91.85
N VAL A 178 19.83 19.94 -91.96
CA VAL A 178 19.80 19.05 -90.80
C VAL A 178 20.90 19.42 -89.81
N ASN A 179 22.11 19.70 -90.30
CA ASN A 179 23.25 19.90 -89.43
C ASN A 179 23.58 21.37 -89.17
N THR A 180 22.82 22.30 -89.75
CA THR A 180 23.01 23.71 -89.41
C THR A 180 22.25 24.04 -88.14
N THR A 181 22.82 24.92 -87.34
CA THR A 181 22.31 25.20 -86.01
C THR A 181 21.68 26.58 -85.93
N VAL A 182 20.87 26.76 -84.88
CA VAL A 182 20.28 28.04 -84.54
C VAL A 182 20.52 28.30 -83.07
N PHE A 183 20.53 29.58 -82.72
CA PHE A 183 20.81 29.98 -81.34
C PHE A 183 19.60 29.70 -80.45
N LEU A 184 19.82 28.91 -79.39
CA LEU A 184 18.75 28.66 -78.44
C LEU A 184 18.41 29.94 -77.68
N GLN A 185 17.12 30.13 -77.43
CA GLN A 185 16.64 31.34 -76.80
C GLN A 185 16.38 31.07 -75.33
N PRO A 186 17.17 31.60 -74.41
CA PRO A 186 16.83 31.48 -72.99
C PRO A 186 15.65 32.37 -72.64
N VAL A 187 14.48 31.77 -72.44
CA VAL A 187 13.25 32.51 -72.26
C VAL A 187 12.92 32.57 -70.77
N GLU A 188 12.16 33.59 -70.39
CA GLU A 188 11.69 33.72 -69.02
C GLU A 188 10.40 32.92 -68.83
N GLY A 189 9.92 32.87 -67.60
CA GLY A 189 8.70 32.16 -67.29
C GLY A 189 8.36 32.32 -65.83
N LEU A 190 7.12 31.96 -65.52
CA LEU A 190 6.61 32.08 -64.15
C LEU A 190 6.76 30.73 -63.43
N THR A 191 8.02 30.43 -63.09
CA THR A 191 8.36 29.22 -62.37
C THR A 191 9.80 29.34 -61.90
N ASP A 192 10.03 29.06 -60.62
CA ASP A 192 11.36 29.12 -60.04
C ASP A 192 12.13 27.81 -60.19
N ASN A 193 11.77 26.98 -61.18
CA ASN A 193 12.41 25.69 -61.37
C ASN A 193 12.80 25.44 -62.82
N ILE A 194 12.80 26.47 -63.66
CA ILE A 194 13.07 26.29 -65.07
C ILE A 194 13.66 27.57 -65.65
N GLN A 195 14.70 27.40 -66.46
CA GLN A 195 15.18 28.42 -67.40
C GLN A 195 15.04 27.80 -68.79
N ARG A 196 13.83 27.88 -69.34
CA ARG A 196 13.54 27.16 -70.58
C ARG A 196 14.38 27.69 -71.73
N TYR A 197 14.79 26.78 -72.61
CA TYR A 197 15.68 27.08 -73.73
C TYR A 197 15.00 26.63 -75.01
N PHE A 198 14.80 27.57 -75.94
CA PHE A 198 13.96 27.36 -77.10
C PHE A 198 14.76 27.55 -78.39
N SER A 199 14.47 26.69 -79.37
CA SER A 199 14.83 26.91 -80.75
C SER A 199 13.55 27.12 -81.53
N GLN A 200 13.52 28.16 -82.38
CA GLN A 200 12.32 28.56 -83.09
C GLN A 200 11.19 28.75 -82.08
N PRO A 201 11.23 29.81 -81.27
CA PRO A 201 10.19 30.03 -80.26
C PRO A 201 8.92 30.67 -80.78
N VAL A 202 8.71 30.68 -82.09
CA VAL A 202 7.57 31.35 -82.70
C VAL A 202 6.77 30.32 -83.50
N ILE A 203 5.47 30.60 -83.66
CA ILE A 203 4.62 29.72 -84.45
C ILE A 203 5.13 29.66 -85.89
N TYR A 204 4.71 28.63 -86.61
CA TYR A 204 5.13 28.45 -88.00
C TYR A 204 4.73 29.65 -88.84
N ALA A 205 5.25 29.67 -90.08
CA ALA A 205 5.09 30.82 -90.95
C ALA A 205 3.63 31.19 -91.13
N GLU A 206 2.79 30.20 -91.42
CA GLU A 206 1.35 30.38 -91.60
C GLU A 206 1.07 31.51 -92.59
N PRO A 207 1.39 31.33 -93.87
CA PRO A 207 1.20 32.45 -94.82
C PRO A 207 -0.24 32.92 -94.91
N GLY A 208 -1.21 32.00 -94.83
CA GLY A 208 -2.60 32.37 -94.97
C GLY A 208 -2.93 33.03 -96.29
N ARG A 209 -2.23 32.65 -97.36
CA ARG A 209 -2.40 33.28 -98.66
C ARG A 209 -3.68 32.76 -99.32
N VAL A 210 -3.90 33.15 -100.57
CA VAL A 210 -5.08 32.73 -101.31
C VAL A 210 -4.81 31.35 -101.91
N GLU A 211 -5.13 30.30 -101.15
CA GLU A 211 -4.95 28.92 -101.59
C GLU A 211 -6.27 28.19 -101.53
N ALA A 212 -6.42 27.19 -102.40
CA ALA A 212 -7.68 26.45 -102.48
C ALA A 212 -7.92 25.64 -101.21
N THR A 213 -6.93 24.85 -100.80
CA THR A 213 -7.13 23.92 -99.68
C THR A 213 -6.66 24.51 -98.35
N TYR A 214 -5.36 24.78 -98.23
CA TYR A 214 -4.77 25.26 -96.98
C TYR A 214 -3.29 25.56 -97.24
N ARG A 215 -2.65 26.15 -96.23
CA ARG A 215 -1.22 26.35 -96.25
C ARG A 215 -0.50 25.08 -95.82
N VAL A 216 0.83 25.08 -95.89
CA VAL A 216 1.60 23.89 -95.53
C VAL A 216 2.78 24.28 -94.64
N ARG A 217 2.77 25.51 -94.14
CA ARG A 217 3.90 26.00 -93.35
C ARG A 217 4.10 25.16 -92.10
N THR A 218 5.37 24.96 -91.73
CA THR A 218 5.72 24.10 -90.61
C THR A 218 7.00 24.61 -89.95
N THR A 219 7.14 24.30 -88.65
CA THR A 219 8.33 24.62 -87.90
C THR A 219 8.64 23.51 -86.90
N VAL A 220 9.92 23.44 -86.53
CA VAL A 220 10.38 22.55 -85.47
C VAL A 220 10.85 23.38 -84.29
N ASN A 221 11.24 22.70 -83.22
CA ASN A 221 11.64 23.37 -81.98
C ASN A 221 12.49 22.43 -81.17
N CYS A 222 13.70 22.86 -80.83
CA CYS A 222 14.55 22.18 -79.86
C CYS A 222 14.24 22.76 -78.49
N GLU A 223 13.84 21.92 -77.56
CA GLU A 223 13.45 22.34 -76.22
C GLU A 223 14.44 21.77 -75.21
N ILE A 224 15.09 22.64 -74.45
CA ILE A 224 16.00 22.24 -73.39
C ILE A 224 15.45 22.78 -72.08
N VAL A 225 15.22 21.89 -71.13
CA VAL A 225 14.58 22.24 -69.87
C VAL A 225 15.40 21.70 -68.71
N ASP A 226 15.36 22.43 -67.59
CA ASP A 226 15.92 21.99 -66.33
C ASP A 226 14.78 21.78 -65.35
N MET A 227 14.82 20.68 -64.61
CA MET A 227 13.74 20.34 -63.70
C MET A 227 14.31 19.65 -62.47
N ILE A 228 13.43 19.36 -61.52
CA ILE A 228 13.79 18.74 -60.25
C ILE A 228 13.15 17.37 -60.20
N ALA A 229 13.90 16.39 -59.69
CA ALA A 229 13.46 15.00 -59.65
C ALA A 229 13.49 14.49 -58.22
N ARG A 230 12.43 13.75 -57.87
CA ARG A 230 12.25 13.15 -56.55
C ARG A 230 12.21 11.64 -56.67
N SER A 231 12.87 10.97 -55.73
CA SER A 231 12.95 9.52 -55.69
C SER A 231 12.65 9.02 -54.28
N ALA A 232 12.18 7.79 -54.21
CA ALA A 232 11.84 7.18 -52.93
C ALA A 232 13.09 6.59 -52.27
N GLU A 233 12.89 6.03 -51.08
CA GLU A 233 14.00 5.43 -50.34
C GLU A 233 14.69 4.31 -51.12
N PRO A 234 13.98 3.32 -51.69
CA PRO A 234 14.70 2.26 -52.42
C PRO A 234 15.48 2.77 -53.62
N TYR A 235 15.13 3.95 -54.14
CA TYR A 235 15.91 4.61 -55.20
C TYR A 235 16.05 3.74 -56.44
N ASN A 236 15.03 2.95 -56.77
CA ASN A 236 15.03 2.17 -58.00
C ASN A 236 14.28 2.86 -59.13
N TYR A 237 13.48 3.88 -58.83
CA TYR A 237 12.75 4.63 -59.83
C TYR A 237 12.37 5.96 -59.20
N PHE A 238 12.00 6.92 -60.06
CA PHE A 238 11.76 8.27 -59.58
C PHE A 238 10.88 9.02 -60.58
N VAL A 239 10.52 10.25 -60.22
CA VAL A 239 9.66 11.10 -61.03
C VAL A 239 10.29 12.48 -61.08
N THR A 240 9.85 13.29 -62.03
CA THR A 240 10.35 14.65 -62.17
C THR A 240 9.26 15.66 -61.83
N SER A 241 9.70 16.90 -61.58
CA SER A 241 8.76 17.98 -61.32
C SER A 241 7.84 18.21 -62.51
N LEU A 242 8.34 18.00 -63.73
CA LEU A 242 7.52 18.16 -64.93
C LEU A 242 6.40 17.13 -65.01
N GLY A 243 6.45 16.06 -64.21
CA GLY A 243 5.43 15.05 -64.19
C GLY A 243 5.78 13.78 -64.92
N ASP A 244 6.82 13.80 -65.74
CA ASP A 244 7.23 12.59 -66.45
C ASP A 244 7.73 11.55 -65.46
N THR A 245 7.45 10.28 -65.76
CA THR A 245 7.81 9.16 -64.89
C THR A 245 8.79 8.25 -65.61
N VAL A 246 9.71 7.66 -64.85
CA VAL A 246 10.74 6.79 -65.39
C VAL A 246 11.05 5.72 -64.34
N GLU A 247 11.29 4.49 -64.81
CA GLU A 247 11.46 3.33 -63.94
C GLU A 247 12.93 2.90 -63.83
N VAL A 248 13.86 3.85 -63.77
CA VAL A 248 15.27 3.54 -63.64
C VAL A 248 15.81 4.14 -62.36
N SER A 249 16.85 3.51 -61.82
CA SER A 249 17.46 3.95 -60.57
C SER A 249 18.30 5.20 -60.81
N PRO A 250 18.09 6.26 -60.03
CA PRO A 250 18.97 7.44 -60.17
C PRO A 250 20.42 7.14 -59.89
N PHE A 251 20.69 6.16 -59.03
CA PHE A 251 22.05 5.72 -58.76
C PHE A 251 22.38 4.56 -59.69
N CYS A 252 23.35 4.77 -60.59
CA CYS A 252 23.74 3.77 -61.56
C CYS A 252 25.05 4.21 -62.21
N TYR A 253 25.91 3.22 -62.50
CA TYR A 253 27.21 3.46 -63.10
C TYR A 253 28.04 4.45 -62.29
N ASN A 254 27.80 4.50 -60.99
CA ASN A 254 28.59 5.31 -60.06
C ASN A 254 28.86 4.42 -58.84
N GLU A 255 29.95 3.66 -58.89
CA GLU A 255 30.22 2.61 -57.92
C GLU A 255 29.01 1.69 -57.78
N SER A 256 28.27 1.52 -58.87
CA SER A 256 27.02 0.77 -58.87
C SER A 256 26.76 0.24 -60.27
N SER A 257 25.86 -0.74 -60.36
CA SER A 257 25.59 -1.43 -61.60
C SER A 257 24.44 -0.77 -62.34
N CYS A 258 23.92 -1.46 -63.36
CA CYS A 258 22.69 -1.12 -64.08
C CYS A 258 22.86 0.08 -65.01
N SER A 259 24.08 0.42 -65.39
CA SER A 259 24.29 1.46 -66.38
C SER A 259 25.71 1.38 -66.93
N THR A 260 25.87 1.82 -68.17
CA THR A 260 27.17 1.82 -68.83
C THR A 260 27.11 2.79 -70.00
N THR A 261 28.24 2.92 -70.70
CA THR A 261 28.29 3.79 -71.87
C THR A 261 27.40 3.29 -73.00
N PRO A 262 27.44 2.02 -73.41
CA PRO A 262 26.53 1.58 -74.47
C PRO A 262 25.08 1.63 -74.01
N SER A 263 24.22 2.20 -74.85
CA SER A 263 22.80 2.34 -74.54
C SER A 263 22.05 1.11 -75.04
N ASN A 264 21.48 0.35 -74.10
CA ASN A 264 20.70 -0.83 -74.46
C ASN A 264 19.78 -1.16 -73.29
N LYS A 265 18.48 -1.17 -73.54
CA LYS A 265 17.48 -1.52 -72.54
C LYS A 265 16.16 -1.76 -73.24
N ASN A 266 15.18 -2.26 -72.49
CA ASN A 266 13.86 -2.55 -73.04
C ASN A 266 13.15 -1.23 -73.31
N GLY A 267 13.16 -0.79 -74.57
CA GLY A 267 12.58 0.49 -74.92
C GLY A 267 13.24 1.67 -74.25
N LEU A 268 14.46 1.49 -73.76
CA LEU A 268 15.17 2.52 -73.02
C LEU A 268 16.64 2.48 -73.41
N SER A 269 17.35 3.56 -73.08
CA SER A 269 18.76 3.70 -73.38
C SER A 269 19.50 4.09 -72.11
N VAL A 270 20.67 3.49 -71.90
CA VAL A 270 21.51 3.78 -70.75
C VAL A 270 22.87 4.20 -71.27
N GLN A 271 23.11 5.50 -71.32
CA GLN A 271 24.39 6.04 -71.78
C GLN A 271 25.09 6.75 -70.63
N VAL A 272 26.38 6.49 -70.47
CA VAL A 272 27.21 7.26 -69.56
C VAL A 272 28.36 7.87 -70.34
N VAL A 273 28.62 9.14 -70.11
CA VAL A 273 29.70 9.87 -70.76
C VAL A 273 30.64 10.41 -69.67
N LEU A 274 31.91 10.05 -69.80
CA LEU A 274 32.92 10.52 -68.86
C LEU A 274 33.46 11.87 -69.29
N ASN A 275 33.65 12.76 -68.31
CA ASN A 275 34.18 14.10 -68.54
C ASN A 275 33.36 14.82 -69.61
N HIS A 276 32.03 14.72 -69.48
CA HIS A 276 31.15 15.28 -70.51
C HIS A 276 31.29 16.79 -70.61
N THR A 277 31.42 17.47 -69.48
CA THR A 277 31.61 18.91 -69.42
C THR A 277 30.49 19.65 -70.14
N VAL A 278 29.27 19.49 -69.62
CA VAL A 278 28.13 20.23 -70.14
C VAL A 278 28.39 21.72 -69.98
N VAL A 279 27.91 22.51 -70.94
CA VAL A 279 28.18 23.94 -70.94
C VAL A 279 27.65 24.60 -69.67
N THR A 280 26.64 23.99 -69.04
CA THR A 280 26.16 24.36 -67.71
C THR A 280 25.50 25.73 -67.67
N TYR A 281 25.51 26.46 -68.79
CA TYR A 281 24.81 27.73 -68.88
C TYR A 281 24.54 28.02 -70.36
N SER A 282 23.31 27.75 -70.80
CA SER A 282 22.95 28.03 -72.17
C SER A 282 22.86 29.54 -72.43
N ASP A 283 22.32 30.28 -71.47
CA ASP A 283 22.16 31.72 -71.64
C ASP A 283 23.50 32.42 -71.78
N ARG A 284 24.47 32.04 -70.93
CA ARG A 284 25.81 32.65 -70.94
C ARG A 284 26.82 31.52 -70.73
N GLY A 285 27.36 31.01 -71.83
CA GLY A 285 28.32 29.91 -71.82
C GLY A 285 29.37 29.99 -70.74
N THR A 286 29.61 28.88 -70.06
CA THR A 286 30.53 28.80 -68.93
C THR A 286 31.65 27.80 -69.25
N SER A 287 32.58 27.65 -68.30
CA SER A 287 33.70 26.73 -68.43
C SER A 287 33.77 25.87 -67.17
N PRO A 288 32.86 24.91 -67.03
CA PRO A 288 32.83 24.09 -65.82
C PRO A 288 33.71 22.85 -65.88
N THR A 289 33.68 22.05 -64.82
CA THR A 289 34.49 20.84 -64.76
C THR A 289 33.99 19.78 -65.74
N PRO A 290 34.89 18.96 -66.27
CA PRO A 290 34.48 17.80 -67.08
C PRO A 290 34.06 16.61 -66.21
N GLN A 291 32.80 16.65 -65.79
CA GLN A 291 32.26 15.61 -64.92
C GLN A 291 31.55 14.53 -65.73
N ASN A 292 31.26 13.42 -65.07
CA ASN A 292 30.50 12.34 -65.69
C ASN A 292 29.03 12.76 -65.83
N ARG A 293 28.31 12.02 -66.67
CA ARG A 293 26.86 12.21 -66.76
C ARG A 293 26.24 10.97 -67.37
N ILE A 294 24.93 10.81 -67.15
CA ILE A 294 24.18 9.69 -67.67
C ILE A 294 22.95 10.22 -68.39
N PHE A 295 22.70 9.70 -69.59
CA PHE A 295 21.60 10.10 -70.45
C PHE A 295 20.74 8.88 -70.79
N VAL A 296 19.43 9.14 -70.91
CA VAL A 296 18.45 8.16 -71.34
C VAL A 296 17.60 8.78 -72.44
N GLU A 297 17.40 8.04 -73.52
CA GLU A 297 16.55 8.50 -74.61
C GLU A 297 15.20 7.80 -74.51
N THR A 298 14.15 8.58 -74.31
CA THR A 298 12.80 8.05 -74.16
C THR A 298 12.16 7.91 -75.54
N GLY A 299 10.88 7.53 -75.57
CA GLY A 299 10.16 7.49 -76.83
C GLY A 299 9.86 8.85 -77.41
N ALA A 300 9.96 9.91 -76.60
CA ALA A 300 9.66 11.25 -77.07
C ALA A 300 10.66 12.31 -76.63
N TYR A 301 11.63 12.00 -75.79
CA TYR A 301 12.56 13.01 -75.28
C TYR A 301 13.76 12.31 -74.66
N THR A 302 14.62 13.08 -74.01
CA THR A 302 15.87 12.57 -73.47
C THR A 302 16.14 13.22 -72.11
N LEU A 303 16.32 12.40 -71.09
CA LEU A 303 16.66 12.86 -69.75
C LEU A 303 18.16 12.72 -69.52
N SER A 304 18.68 13.59 -68.64
CA SER A 304 20.12 13.65 -68.40
C SER A 304 20.36 14.09 -66.96
N TRP A 305 21.27 13.42 -66.27
CA TRP A 305 21.61 13.83 -64.92
C TRP A 305 22.98 13.28 -64.54
N ALA A 306 23.53 13.82 -63.45
CA ALA A 306 24.83 13.39 -62.98
C ALA A 306 24.70 12.14 -62.11
N SER A 307 25.47 11.10 -62.44
CA SER A 307 25.39 9.86 -61.70
C SER A 307 26.04 10.02 -60.32
N GLU A 308 25.56 9.23 -59.36
CA GLU A 308 26.05 9.29 -58.00
C GLU A 308 25.66 8.00 -57.28
N SER A 309 26.59 7.48 -56.48
CA SER A 309 26.36 6.23 -55.76
C SER A 309 25.27 6.41 -54.70
N LYS A 310 24.61 5.30 -54.37
CA LYS A 310 23.64 5.32 -53.27
C LYS A 310 24.30 5.72 -51.97
N THR A 311 25.49 5.19 -51.71
CA THR A 311 26.28 5.64 -50.57
C THR A 311 26.71 7.09 -50.78
N THR A 312 26.93 7.78 -49.67
CA THR A 312 27.33 9.19 -49.64
C THR A 312 26.29 10.10 -50.29
N ALA A 313 25.10 9.59 -50.60
CA ALA A 313 24.03 10.41 -51.16
C ALA A 313 22.84 10.52 -50.22
N VAL A 314 22.29 9.40 -49.78
CA VAL A 314 21.14 9.39 -48.89
C VAL A 314 21.40 8.40 -47.76
N CYS A 315 21.09 8.81 -46.55
CA CYS A 315 21.33 7.99 -45.36
C CYS A 315 20.02 7.88 -44.59
N PRO A 316 19.46 6.67 -44.44
CA PRO A 316 18.06 6.54 -44.03
C PRO A 316 17.75 6.96 -42.60
N LEU A 317 18.71 7.45 -41.83
CA LEU A 317 18.47 7.82 -40.45
C LEU A 317 18.74 9.31 -40.25
N ALA A 318 17.85 9.96 -39.51
CA ALA A 318 17.97 11.38 -39.20
C ALA A 318 17.71 11.58 -37.71
N LEU A 319 18.45 12.51 -37.12
CA LEU A 319 18.31 12.78 -35.70
C LEU A 319 16.94 13.37 -35.40
N TRP A 320 16.37 12.97 -34.26
CA TRP A 320 15.08 13.47 -33.81
C TRP A 320 15.20 14.35 -32.59
N LYS A 321 15.77 13.83 -31.49
CA LYS A 321 15.90 14.58 -30.25
C LYS A 321 17.20 14.19 -29.57
N THR A 322 17.65 15.04 -28.67
CA THR A 322 18.82 14.79 -27.84
C THR A 322 18.42 14.85 -26.38
N PHE A 323 19.17 14.14 -25.56
CA PHE A 323 18.85 14.11 -24.14
C PHE A 323 20.13 14.03 -23.31
N PRO A 324 20.44 15.07 -22.55
CA PRO A 324 21.68 15.02 -21.75
C PRO A 324 21.54 14.13 -20.52
N ARG A 325 20.36 14.06 -19.93
CA ARG A 325 20.14 13.29 -18.70
C ARG A 325 19.18 12.15 -19.01
N SER A 326 19.64 10.92 -18.81
CA SER A 326 18.83 9.73 -19.08
C SER A 326 19.34 8.61 -18.19
N ILE A 327 18.49 8.14 -17.29
CA ILE A 327 18.88 7.16 -16.28
C ILE A 327 18.66 5.78 -16.87
N GLN A 328 19.73 5.17 -17.39
CA GLN A 328 19.63 3.80 -17.87
C GLN A 328 19.49 2.85 -16.69
N THR A 329 18.39 2.09 -16.66
CA THR A 329 18.16 1.10 -15.62
C THR A 329 18.01 -0.27 -16.26
N THR A 330 18.69 -1.26 -15.71
CA THR A 330 18.62 -2.61 -16.25
C THR A 330 17.28 -3.26 -15.89
N HIS A 331 17.11 -4.50 -16.32
CA HIS A 331 15.90 -5.25 -16.06
C HIS A 331 16.23 -6.73 -16.16
N GLU A 332 15.19 -7.57 -16.22
CA GLU A 332 15.40 -9.01 -16.27
C GLU A 332 16.14 -9.40 -17.54
N ASP A 333 15.66 -8.96 -18.70
CA ASP A 333 16.27 -9.34 -19.97
C ASP A 333 16.28 -8.19 -20.97
N SER A 334 16.37 -6.95 -20.50
CA SER A 334 16.32 -5.79 -21.37
C SER A 334 16.79 -4.57 -20.58
N PHE A 335 16.92 -3.45 -21.27
CA PHE A 335 17.30 -2.18 -20.67
C PHE A 335 16.11 -1.26 -20.59
N HIS A 336 16.36 -0.06 -20.07
CA HIS A 336 15.31 0.95 -19.95
C HIS A 336 15.98 2.31 -19.94
N PHE A 337 15.77 3.10 -20.99
CA PHE A 337 16.29 4.45 -21.09
C PHE A 337 15.14 5.43 -20.91
N VAL A 338 15.32 6.40 -20.01
CA VAL A 338 14.25 7.29 -19.59
C VAL A 338 14.56 8.69 -20.09
N ALA A 339 13.56 9.31 -20.72
CA ALA A 339 13.64 10.72 -21.15
C ALA A 339 12.48 11.43 -20.47
N ASN A 340 12.78 12.09 -19.35
CA ASN A 340 11.74 12.79 -18.60
C ASN A 340 11.30 14.08 -19.27
N GLU A 341 12.08 14.59 -20.23
CA GLU A 341 11.71 15.83 -20.90
C GLU A 341 10.44 15.67 -21.70
N ILE A 342 10.19 14.49 -22.26
CA ILE A 342 8.98 14.25 -23.03
C ILE A 342 8.20 13.08 -22.43
N THR A 343 8.61 12.65 -21.24
CA THR A 343 7.93 11.61 -20.48
C THR A 343 7.83 10.31 -21.31
N ALA A 344 9.00 9.75 -21.60
CA ALA A 344 9.05 8.55 -22.42
C ALA A 344 10.10 7.60 -21.88
N THR A 345 9.94 6.33 -22.22
CA THR A 345 10.92 5.29 -21.88
C THR A 345 11.05 4.32 -23.05
N PHE A 346 12.29 3.97 -23.36
CA PHE A 346 12.59 3.07 -24.45
C PHE A 346 13.24 1.80 -23.91
N THR A 347 12.96 0.68 -24.58
CA THR A 347 13.50 -0.60 -24.18
C THR A 347 14.36 -1.16 -25.31
N ALA A 348 15.30 -2.04 -24.93
CA ALA A 348 16.22 -2.62 -25.89
C ALA A 348 16.73 -3.93 -25.33
N PRO A 349 17.02 -4.91 -26.17
CA PRO A 349 17.57 -6.17 -25.68
C PRO A 349 18.94 -5.96 -25.05
N LEU A 350 19.26 -6.81 -24.07
CA LEU A 350 20.48 -6.64 -23.30
C LEU A 350 21.72 -6.66 -24.19
N THR A 351 21.70 -7.44 -25.27
CA THR A 351 22.83 -7.49 -26.18
C THR A 351 22.87 -6.23 -27.04
N PRO A 352 24.01 -5.55 -27.13
CA PRO A 352 24.09 -4.38 -28.02
C PRO A 352 24.03 -4.80 -29.47
N VAL A 353 22.82 -5.07 -29.95
CA VAL A 353 22.62 -5.65 -31.28
C VAL A 353 23.24 -4.81 -32.38
N ALA A 354 23.51 -3.54 -32.12
CA ALA A 354 24.16 -2.68 -33.12
C ALA A 354 25.63 -3.07 -33.18
N ASN A 355 25.88 -4.21 -33.82
CA ASN A 355 27.24 -4.72 -33.93
C ASN A 355 28.09 -3.91 -34.90
N PHE A 356 27.47 -3.39 -35.96
CA PHE A 356 28.20 -2.77 -37.07
C PHE A 356 27.59 -1.42 -37.42
N THR A 357 27.45 -0.55 -36.43
CA THR A 357 27.00 0.81 -36.72
C THR A 357 28.02 1.59 -37.53
N ASP A 358 29.22 1.04 -37.75
CA ASP A 358 30.20 1.69 -38.62
C ASP A 358 29.71 1.71 -40.08
N THR A 359 28.99 0.65 -40.49
CA THR A 359 28.47 0.61 -41.86
C THR A 359 27.56 1.79 -42.15
N TYR A 360 26.89 2.33 -41.12
CA TYR A 360 26.12 3.56 -41.26
C TYR A 360 27.07 4.75 -41.25
N SER A 361 27.97 4.76 -42.23
CA SER A 361 29.15 5.61 -42.19
C SER A 361 28.82 7.10 -42.25
N CYS A 362 27.62 7.47 -42.71
CA CYS A 362 27.25 8.87 -42.77
C CYS A 362 27.31 9.51 -41.40
N LEU A 363 26.52 8.97 -40.46
CA LEU A 363 26.34 9.59 -39.17
C LEU A 363 27.63 9.67 -38.37
N THR A 364 28.62 8.86 -38.71
CA THR A 364 29.89 8.82 -37.98
C THR A 364 30.45 10.22 -37.77
N SER A 365 30.33 11.07 -38.79
CA SER A 365 30.80 12.45 -38.68
C SER A 365 30.03 13.23 -37.62
N ASP A 366 28.73 13.41 -37.83
CA ASP A 366 28.00 14.39 -37.03
C ASP A 366 27.75 13.91 -35.60
N ILE A 367 27.62 12.59 -35.40
CA ILE A 367 27.40 12.11 -34.04
C ILE A 367 28.58 12.49 -33.16
N ASN A 368 29.78 12.43 -33.72
CA ASN A 368 30.96 12.92 -33.00
C ASN A 368 30.79 14.40 -32.64
N THR A 369 30.33 15.20 -33.61
CA THR A 369 30.16 16.63 -33.36
C THR A 369 29.09 16.91 -32.32
N THR A 370 27.93 16.25 -32.45
CA THR A 370 26.85 16.47 -31.50
C THR A 370 27.24 16.02 -30.11
N LEU A 371 27.90 14.86 -30.01
CA LEU A 371 28.38 14.39 -28.71
C LEU A 371 29.40 15.37 -28.13
N ASN A 372 30.30 15.89 -28.96
CA ASN A 372 31.29 16.85 -28.49
C ASN A 372 30.60 18.09 -27.93
N ALA A 373 29.61 18.61 -28.65
CA ALA A 373 28.90 19.80 -28.18
C ALA A 373 28.19 19.52 -26.87
N SER A 374 27.47 18.40 -26.80
CA SER A 374 26.71 18.09 -25.59
C SER A 374 27.63 17.91 -24.39
N LYS A 375 28.71 17.14 -24.55
CA LYS A 375 29.60 16.91 -23.43
C LYS A 375 30.40 18.16 -23.08
N ALA A 376 30.67 19.03 -24.05
CA ALA A 376 31.27 20.31 -23.72
C ALA A 376 30.34 21.13 -22.86
N LYS A 377 29.04 21.13 -23.19
CA LYS A 377 28.08 21.80 -22.34
C LYS A 377 28.04 21.18 -20.95
N LEU A 378 28.07 19.85 -20.87
CA LEU A 378 27.84 19.13 -19.63
C LEU A 378 29.09 18.96 -18.78
N ALA A 379 30.28 19.30 -19.31
CA ALA A 379 31.53 18.97 -18.63
C ALA A 379 31.67 19.68 -17.28
N SER A 380 30.87 20.71 -17.03
CA SER A 380 30.95 21.40 -15.75
C SER A 380 30.62 20.49 -14.58
N THR A 381 29.89 19.39 -14.81
CA THR A 381 29.51 18.48 -13.74
C THR A 381 29.72 17.01 -14.05
N HIS A 382 30.01 16.62 -15.29
CA HIS A 382 30.07 15.21 -15.63
C HIS A 382 31.28 14.94 -16.54
N VAL A 383 31.71 13.70 -16.52
CA VAL A 383 32.82 13.21 -17.35
C VAL A 383 32.36 11.90 -17.99
N PRO A 384 33.02 11.40 -19.03
CA PRO A 384 32.62 10.11 -19.61
C PRO A 384 33.21 8.96 -18.81
N ASN A 385 32.33 8.11 -18.27
CA ASN A 385 32.74 6.95 -17.48
C ASN A 385 32.75 5.67 -18.32
N GLY A 386 33.02 5.78 -19.61
CA GLY A 386 33.09 4.61 -20.46
C GLY A 386 32.93 4.97 -21.91
N THR A 387 32.89 3.94 -22.75
CA THR A 387 32.71 4.11 -24.18
C THR A 387 31.23 4.15 -24.54
N VAL A 388 30.95 4.57 -25.76
CA VAL A 388 29.59 4.73 -26.25
C VAL A 388 29.17 3.46 -26.98
N GLN A 389 27.86 3.20 -26.99
CA GLN A 389 27.33 2.06 -27.72
C GLN A 389 26.05 2.47 -28.43
N TYR A 390 25.46 1.53 -29.15
CA TYR A 390 24.23 1.76 -29.89
C TYR A 390 23.31 0.56 -29.73
N PHE A 391 22.01 0.83 -29.79
CA PHE A 391 20.99 -0.19 -29.65
C PHE A 391 19.89 0.05 -30.67
N HIS A 392 19.16 -1.01 -30.97
CA HIS A 392 18.02 -0.96 -31.88
C HIS A 392 16.79 -1.43 -31.13
N THR A 393 15.90 -0.49 -30.79
CA THR A 393 14.70 -0.83 -30.06
C THR A 393 13.73 -1.63 -30.92
N THR A 394 12.65 -2.10 -30.29
CA THR A 394 11.66 -2.90 -31.00
C THR A 394 10.82 -2.02 -31.92
N GLY A 395 10.51 -0.80 -31.50
CA GLY A 395 9.65 0.06 -32.30
C GLY A 395 10.24 0.40 -33.66
N GLY A 396 11.57 0.44 -33.75
CA GLY A 396 12.25 0.77 -34.98
C GLY A 396 13.25 1.90 -34.85
N LEU A 397 13.18 2.69 -33.78
CA LEU A 397 14.14 3.76 -33.58
C LEU A 397 15.52 3.18 -33.29
N TYR A 398 16.51 4.06 -33.19
CA TYR A 398 17.87 3.68 -32.87
C TYR A 398 18.39 4.57 -31.75
N LEU A 399 19.09 3.97 -30.80
CA LEU A 399 19.55 4.67 -29.62
C LEU A 399 21.07 4.72 -29.60
N VAL A 400 21.62 5.90 -29.35
CA VAL A 400 23.05 6.11 -29.17
C VAL A 400 23.26 6.51 -27.72
N TRP A 401 24.11 5.77 -27.00
CA TRP A 401 24.26 5.96 -25.57
C TRP A 401 25.72 6.23 -25.23
N GLN A 402 25.97 7.34 -24.53
CA GLN A 402 27.30 7.68 -24.02
C GLN A 402 27.22 7.81 -22.52
N PRO A 403 27.58 6.79 -21.76
CA PRO A 403 27.47 6.88 -20.30
C PRO A 403 28.39 7.95 -19.74
N MET A 404 27.91 8.64 -18.71
CA MET A 404 28.69 9.67 -18.05
C MET A 404 28.53 9.52 -16.55
N SER A 405 29.57 9.89 -15.82
CA SER A 405 29.55 9.92 -14.36
C SER A 405 29.68 11.37 -13.91
N ALA A 406 28.80 11.79 -13.01
CA ALA A 406 28.90 13.12 -12.44
C ALA A 406 30.20 13.25 -11.66
N ILE A 407 30.87 14.38 -11.82
CA ILE A 407 32.13 14.61 -11.15
C ILE A 407 31.88 14.91 -9.68
N ASN A 408 32.71 14.32 -8.81
CA ASN A 408 32.57 14.54 -7.38
C ASN A 408 33.10 15.92 -7.03
N LEU A 409 32.31 16.68 -6.25
CA LEU A 409 32.71 18.01 -5.85
C LEU A 409 33.95 18.01 -4.96
N THR A 410 34.25 16.88 -4.31
CA THR A 410 35.42 16.78 -3.47
C THR A 410 36.59 16.16 -4.24
N ASP A 454 3.82 7.43 -35.85
CA ASP A 454 3.10 8.07 -34.76
C ASP A 454 2.91 7.06 -33.63
N ASN A 455 3.37 5.83 -33.88
CA ASN A 455 3.24 4.75 -32.89
C ASN A 455 4.28 4.96 -31.80
N LEU A 456 4.03 5.96 -30.95
CA LEU A 456 4.89 6.23 -29.81
C LEU A 456 4.17 6.17 -28.47
N SER A 457 2.86 5.92 -28.45
CA SER A 457 2.11 5.94 -27.20
C SER A 457 2.63 4.91 -26.21
N TYR A 458 2.96 3.71 -26.70
CA TYR A 458 3.39 2.64 -25.80
C TYR A 458 4.60 3.04 -24.98
N THR A 459 5.46 3.92 -25.52
CA THR A 459 6.58 4.42 -24.74
C THR A 459 6.09 5.20 -23.52
N GLN A 460 5.12 6.08 -23.73
CA GLN A 460 4.55 6.82 -22.61
C GLN A 460 3.89 5.87 -21.61
N LEU A 461 3.20 4.85 -22.12
CA LEU A 461 2.59 3.86 -21.24
C LEU A 461 3.65 3.19 -20.37
N GLN A 462 4.76 2.79 -21.00
CA GLN A 462 5.86 2.18 -20.26
C GLN A 462 6.41 3.13 -19.21
N PHE A 463 6.55 4.40 -19.57
CA PHE A 463 7.07 5.39 -18.62
C PHE A 463 6.17 5.50 -17.40
N ALA A 464 4.86 5.64 -17.62
CA ALA A 464 3.94 5.76 -16.50
C ALA A 464 3.95 4.50 -15.65
N TYR A 465 3.96 3.33 -16.29
CA TYR A 465 3.95 2.09 -15.55
C TYR A 465 5.21 1.96 -14.70
N ASP A 466 6.36 2.31 -15.25
CA ASP A 466 7.60 2.23 -14.49
C ASP A 466 7.58 3.20 -13.32
N LYS A 467 7.07 4.42 -13.53
CA LYS A 467 6.98 5.38 -12.44
C LYS A 467 6.13 4.83 -11.30
N LEU A 468 4.95 4.31 -11.65
CA LEU A 468 4.07 3.76 -10.62
C LEU A 468 4.70 2.58 -9.90
N ARG A 469 5.35 1.69 -10.66
CA ARG A 469 5.99 0.53 -10.05
C ARG A 469 7.07 0.96 -9.06
N ASP A 470 7.91 1.92 -9.47
CA ASP A 470 8.96 2.39 -8.58
C ASP A 470 8.38 3.00 -7.32
N GLY A 471 7.36 3.86 -7.47
CA GLY A 471 6.75 4.47 -6.30
C GLY A 471 6.16 3.44 -5.34
N ILE A 472 5.42 2.48 -5.89
CA ILE A 472 4.77 1.48 -5.06
C ILE A 472 5.81 0.62 -4.34
N ASN A 473 6.85 0.20 -5.07
CA ASN A 473 7.87 -0.62 -4.43
C ASN A 473 8.59 0.15 -3.33
N GLN A 474 8.87 1.43 -3.56
CA GLN A 474 9.56 2.22 -2.55
C GLN A 474 8.70 2.37 -1.30
N VAL A 475 7.41 2.68 -1.47
CA VAL A 475 6.57 2.83 -0.28
C VAL A 475 6.40 1.49 0.42
N LEU A 476 6.33 0.39 -0.33
CA LEU A 476 6.27 -0.93 0.30
C LEU A 476 7.50 -1.20 1.14
N GLU A 477 8.68 -0.87 0.61
CA GLU A 477 9.91 -1.09 1.37
C GLU A 477 9.94 -0.24 2.63
N GLU A 478 9.53 1.03 2.51
CA GLU A 478 9.53 1.91 3.68
C GLU A 478 8.58 1.38 4.76
N LEU A 479 7.37 0.99 4.35
CA LEU A 479 6.41 0.46 5.31
C LEU A 479 6.92 -0.83 5.93
N SER A 480 7.57 -1.68 5.13
CA SER A 480 8.10 -2.93 5.66
C SER A 480 9.17 -2.66 6.70
N ARG A 481 10.06 -1.71 6.45
CA ARG A 481 11.09 -1.39 7.44
C ARG A 481 10.46 -0.86 8.72
N ALA A 482 9.49 0.04 8.60
CA ALA A 482 8.84 0.58 9.78
C ALA A 482 8.13 -0.51 10.57
N TRP A 483 7.43 -1.39 9.88
CA TRP A 483 6.74 -2.49 10.57
C TRP A 483 7.74 -3.43 11.21
N CYS A 484 8.88 -3.65 10.57
CA CYS A 484 9.90 -4.49 11.18
C CYS A 484 10.42 -3.87 12.46
N ARG A 485 10.65 -2.55 12.46
CA ARG A 485 11.10 -1.89 13.67
C ARG A 485 10.06 -2.03 14.78
N GLU A 486 8.79 -1.82 14.42
CA GLU A 486 7.73 -2.04 15.40
C GLU A 486 7.68 -3.50 15.83
N GLN A 487 8.11 -4.41 14.96
CA GLN A 487 8.09 -5.83 15.31
C GLN A 487 9.17 -6.15 16.33
N VAL A 488 10.35 -5.56 16.17
CA VAL A 488 11.39 -5.70 17.19
C VAL A 488 10.92 -5.08 18.50
N ARG A 489 10.23 -3.93 18.42
CA ARG A 489 9.70 -3.31 19.64
C ARG A 489 8.68 -4.22 20.31
N ASP A 490 7.82 -4.86 19.52
CA ASP A 490 6.82 -5.77 20.08
C ASP A 490 7.47 -7.01 20.68
N ASN A 491 8.54 -7.51 20.06
CA ASN A 491 9.27 -8.63 20.63
C ASN A 491 9.89 -8.25 21.97
N LEU A 492 10.46 -7.04 22.06
CA LEU A 492 10.99 -6.57 23.33
C LEU A 492 9.88 -6.47 24.38
N MET A 493 8.71 -5.95 23.99
CA MET A 493 7.59 -5.85 24.91
C MET A 493 7.14 -7.22 25.40
N TRP A 494 7.07 -8.20 24.48
CA TRP A 494 6.68 -9.55 24.87
C TRP A 494 7.69 -10.17 25.81
N TYR A 495 8.98 -9.96 25.55
CA TYR A 495 10.02 -10.46 26.46
C TYR A 495 9.90 -9.83 27.83
N GLU A 496 9.63 -8.51 27.89
CA GLU A 496 9.47 -7.84 29.18
C GLU A 496 8.24 -8.36 29.91
N LEU A 497 7.14 -8.60 29.19
CA LEU A 497 5.91 -9.06 29.83
C LEU A 497 6.03 -10.52 30.28
N SER A 498 6.86 -11.31 29.60
CA SER A 498 7.02 -12.72 29.97
C SER A 498 7.78 -12.92 31.27
N LYS A 499 8.36 -11.86 31.84
CA LYS A 499 9.12 -12.00 33.07
C LYS A 499 8.25 -12.35 34.27
N ILE A 500 6.94 -12.18 34.17
CA ILE A 500 6.04 -12.44 35.29
C ILE A 500 5.61 -13.90 35.28
N ASN A 501 4.93 -14.32 34.21
CA ASN A 501 4.47 -15.69 34.07
C ASN A 501 4.68 -16.15 32.63
N PRO A 502 5.77 -16.87 32.37
CA PRO A 502 6.04 -17.32 30.99
C PRO A 502 5.02 -18.31 30.46
N THR A 503 4.28 -19.00 31.33
CA THR A 503 3.31 -19.99 30.87
C THR A 503 2.20 -19.35 30.06
N SER A 504 1.70 -18.18 30.51
CA SER A 504 0.65 -17.50 29.77
C SER A 504 1.15 -17.03 28.41
N VAL A 505 2.38 -16.51 28.36
CA VAL A 505 2.96 -16.06 27.09
C VAL A 505 3.12 -17.25 26.13
N MET A 506 3.58 -18.38 26.65
CA MET A 506 3.75 -19.57 25.82
C MET A 506 2.41 -20.08 25.30
N THR A 507 1.38 -20.07 26.16
CA THR A 507 0.06 -20.50 25.71
C THR A 507 -0.56 -19.54 24.71
N ALA A 508 -0.25 -18.25 24.82
CA ALA A 508 -0.77 -17.29 23.85
C ALA A 508 -0.06 -17.40 22.51
N ILE A 509 1.27 -17.54 22.52
CA ILE A 509 2.03 -17.62 21.29
C ILE A 509 1.73 -18.92 20.55
N TYR A 510 1.76 -20.04 21.27
CA TYR A 510 1.54 -21.35 20.67
C TYR A 510 0.05 -21.66 20.62
N GLY A 511 -0.37 -22.31 19.53
CA GLY A 511 -1.77 -22.68 19.40
C GLY A 511 -2.21 -23.69 20.42
N ARG A 512 -1.40 -24.72 20.65
CA ARG A 512 -1.73 -25.75 21.64
C ARG A 512 -1.36 -25.28 23.04
N PRO A 513 -2.14 -25.63 24.05
CA PRO A 513 -1.77 -25.27 25.43
C PRO A 513 -0.49 -25.97 25.85
N VAL A 514 0.32 -25.26 26.63
CA VAL A 514 1.60 -25.76 27.13
C VAL A 514 1.81 -25.26 28.55
N SER A 515 2.84 -25.80 29.19
CA SER A 515 3.26 -25.38 30.52
C SER A 515 4.71 -24.92 30.46
N ALA A 516 5.01 -23.80 31.11
CA ALA A 516 6.34 -23.23 31.08
C ALA A 516 6.70 -22.67 32.45
N LYS A 517 8.00 -22.58 32.71
CA LYS A 517 8.50 -22.03 33.95
C LYS A 517 9.89 -21.45 33.72
N PHE A 518 10.40 -20.74 34.72
CA PHE A 518 11.71 -20.10 34.65
C PHE A 518 12.76 -21.05 35.24
N VAL A 519 13.79 -21.34 34.46
CA VAL A 519 14.94 -22.11 34.91
C VAL A 519 16.17 -21.22 34.69
N GLY A 520 16.69 -20.67 35.77
CA GLY A 520 17.82 -19.75 35.65
C GLY A 520 17.41 -18.53 34.84
N ASP A 521 18.13 -18.29 33.74
CA ASP A 521 17.83 -17.19 32.84
C ASP A 521 17.08 -17.67 31.59
N ALA A 522 16.64 -18.92 31.56
CA ALA A 522 15.95 -19.47 30.40
C ALA A 522 14.53 -19.90 30.80
N ILE A 523 13.75 -20.29 29.80
CA ILE A 523 12.38 -20.74 30.00
C ILE A 523 12.31 -22.21 29.61
N SER A 524 11.86 -23.06 30.54
CA SER A 524 11.69 -24.48 30.29
C SER A 524 10.22 -24.78 30.07
N VAL A 525 9.91 -25.42 28.95
CA VAL A 525 8.54 -25.72 28.55
C VAL A 525 8.38 -27.23 28.48
N THR A 526 7.31 -27.74 29.08
CA THR A 526 7.00 -29.16 29.09
C THR A 526 5.75 -29.43 28.26
N GLU A 527 5.33 -30.70 28.25
CA GLU A 527 4.15 -31.11 27.50
C GLU A 527 2.91 -31.04 28.40
N CYS A 528 1.78 -31.46 27.85
CA CYS A 528 0.51 -31.43 28.56
C CYS A 528 -0.20 -32.77 28.39
N ILE A 529 -0.91 -33.19 29.43
CA ILE A 529 -1.62 -34.46 29.46
C ILE A 529 -3.06 -34.20 29.87
N ASN A 530 -4.00 -34.79 29.13
CA ASN A 530 -5.41 -34.63 29.43
C ASN A 530 -5.84 -35.59 30.55
N VAL A 531 -7.02 -35.35 31.08
CA VAL A 531 -7.59 -36.18 32.13
C VAL A 531 -8.88 -36.81 31.65
N ASP A 532 -9.51 -37.63 32.48
CA ASP A 532 -10.75 -38.30 32.12
C ASP A 532 -11.87 -37.28 32.03
N GLN A 533 -12.40 -37.06 30.83
CA GLN A 533 -13.46 -36.09 30.65
C GLN A 533 -14.81 -36.63 31.16
N SER A 534 -14.99 -37.95 31.13
CA SER A 534 -16.26 -38.52 31.56
C SER A 534 -16.47 -38.38 33.06
N SER A 535 -15.41 -38.58 33.85
CA SER A 535 -15.49 -38.57 35.31
C SER A 535 -14.98 -37.22 35.82
N VAL A 536 -15.88 -36.24 35.84
CA VAL A 536 -15.58 -34.91 36.38
C VAL A 536 -16.73 -34.48 37.28
N ASN A 537 -16.41 -33.98 38.47
CA ASN A 537 -17.40 -33.50 39.41
C ASN A 537 -16.98 -32.14 39.95
N ILE A 538 -17.95 -31.22 40.02
CA ILE A 538 -17.73 -29.87 40.52
C ILE A 538 -18.65 -29.65 41.71
N HIS A 539 -18.07 -29.23 42.83
CA HIS A 539 -18.86 -28.98 44.03
C HIS A 539 -19.75 -27.75 43.83
N LYS A 540 -21.00 -27.86 44.28
CA LYS A 540 -21.97 -26.78 44.14
C LYS A 540 -21.90 -25.77 45.29
N SER A 541 -21.12 -26.05 46.33
CA SER A 541 -20.98 -25.17 47.47
C SER A 541 -19.56 -24.65 47.56
N LEU A 542 -19.41 -23.33 47.60
CA LEU A 542 -18.11 -22.68 47.70
C LEU A 542 -17.74 -22.32 49.13
N ARG A 543 -18.58 -22.67 50.11
CA ARG A 543 -18.32 -22.35 51.50
C ARG A 543 -17.39 -23.40 52.10
N THR A 544 -16.16 -23.00 52.40
CA THR A 544 -15.21 -23.89 53.04
C THR A 544 -15.49 -23.95 54.54
N ASN A 545 -14.83 -24.90 55.20
CA ASN A 545 -14.98 -25.08 56.64
C ASN A 545 -14.51 -23.82 57.37
N SER A 546 -15.01 -23.67 58.60
CA SER A 546 -14.72 -22.51 59.46
C SER A 546 -15.27 -21.26 58.77
N LYS A 547 -14.67 -20.10 59.04
CA LYS A 547 -15.15 -18.84 58.49
C LYS A 547 -13.96 -18.03 57.98
N ASP A 548 -14.26 -17.12 57.05
CA ASP A 548 -13.31 -16.19 56.46
C ASP A 548 -12.19 -16.88 55.69
N VAL A 549 -12.33 -18.16 55.39
CA VAL A 549 -11.32 -18.91 54.64
C VAL A 549 -11.98 -19.59 53.45
N CYS A 550 -13.05 -19.00 52.94
CA CYS A 550 -13.78 -19.59 51.82
C CYS A 550 -12.89 -19.66 50.57
N TYR A 551 -13.06 -20.72 49.80
CA TYR A 551 -12.27 -20.92 48.60
C TYR A 551 -12.61 -19.87 47.55
N ALA A 552 -11.59 -19.40 46.85
CA ALA A 552 -11.80 -18.40 45.79
C ALA A 552 -12.43 -19.03 44.56
N ARG A 553 -12.04 -20.27 44.25
CA ARG A 553 -12.53 -20.97 43.07
C ARG A 553 -13.05 -22.34 43.46
N PRO A 554 -14.04 -22.86 42.72
CA PRO A 554 -14.60 -24.17 43.06
C PRO A 554 -13.59 -25.29 42.88
N LEU A 555 -13.75 -26.34 43.68
CA LEU A 555 -12.92 -27.53 43.60
C LEU A 555 -13.50 -28.52 42.60
N VAL A 556 -12.63 -29.24 41.91
CA VAL A 556 -13.01 -30.19 40.88
C VAL A 556 -12.34 -31.53 41.18
N THR A 557 -13.13 -32.61 41.11
CA THR A 557 -12.65 -33.96 41.33
C THR A 557 -12.71 -34.72 40.00
N PHE A 558 -11.60 -35.35 39.64
CA PHE A 558 -11.51 -36.06 38.37
C PHE A 558 -10.48 -37.18 38.48
N LYS A 559 -10.57 -38.13 37.55
CA LYS A 559 -9.64 -39.24 37.47
C LYS A 559 -8.52 -38.90 36.49
N PHE A 560 -7.69 -39.89 36.17
CA PHE A 560 -6.58 -39.67 35.20
C PHE A 560 -6.59 -40.78 34.14
N LEU A 561 -6.88 -40.43 32.90
CA LEU A 561 -6.92 -41.44 31.80
C LEU A 561 -7.80 -42.61 32.24
N ASN A 562 -7.26 -43.83 32.23
CA ASN A 562 -8.04 -45.03 32.63
C ASN A 562 -7.56 -45.50 34.01
N SER A 563 -6.99 -44.59 34.81
CA SER A 563 -6.51 -44.95 36.17
C SER A 563 -7.57 -44.60 37.21
N SER A 564 -8.10 -45.60 37.92
CA SER A 564 -9.17 -45.36 38.93
C SER A 564 -8.56 -44.76 40.20
N ASN A 565 -8.52 -43.42 40.28
CA ASN A 565 -7.96 -42.76 41.46
C ASN A 565 -8.50 -41.34 41.47
N LEU A 566 -9.33 -41.02 42.47
CA LEU A 566 -9.94 -39.71 42.54
C LEU A 566 -8.88 -38.66 42.91
N PHE A 567 -8.82 -37.58 42.13
CA PHE A 567 -7.90 -36.48 42.37
C PHE A 567 -8.69 -35.20 42.47
N THR A 568 -8.48 -34.45 43.55
CA THR A 568 -9.20 -33.22 43.82
C THR A 568 -8.25 -32.03 43.68
N GLY A 569 -8.65 -31.05 42.87
CA GLY A 569 -7.84 -29.86 42.67
C GLY A 569 -8.68 -28.61 42.53
N GLN A 570 -8.04 -27.49 42.20
CA GLN A 570 -8.72 -26.22 42.03
C GLN A 570 -8.80 -25.88 40.55
N LEU A 571 -10.00 -25.54 40.09
CA LEU A 571 -10.18 -25.18 38.69
C LEU A 571 -9.44 -23.89 38.36
N GLY A 572 -8.78 -23.87 37.21
CA GLY A 572 -8.03 -22.71 36.80
C GLY A 572 -8.72 -21.88 35.73
N ALA A 573 -7.98 -21.53 34.68
CA ALA A 573 -8.50 -20.74 33.57
C ALA A 573 -8.44 -21.54 32.29
N ARG A 574 -9.47 -21.38 31.45
CA ARG A 574 -9.57 -22.09 30.18
C ARG A 574 -9.50 -23.60 30.37
N ASN A 575 -10.35 -24.10 31.28
CA ASN A 575 -10.45 -25.53 31.59
C ASN A 575 -9.09 -26.10 32.02
N GLU A 576 -8.59 -25.56 33.13
CA GLU A 576 -7.32 -25.99 33.70
C GLU A 576 -7.55 -26.46 35.13
N ILE A 577 -6.80 -27.48 35.53
CA ILE A 577 -6.88 -28.07 36.87
C ILE A 577 -5.56 -27.84 37.58
N ILE A 578 -5.63 -27.27 38.78
CA ILE A 578 -4.45 -27.00 39.59
C ILE A 578 -4.53 -27.84 40.85
N LEU A 579 -3.47 -28.60 41.13
CA LEU A 579 -3.44 -29.48 42.30
C LEU A 579 -3.05 -28.76 43.58
N THR A 580 -2.67 -27.48 43.49
CA THR A 580 -2.29 -26.69 44.67
C THR A 580 -3.45 -25.76 45.01
N ASN A 581 -4.25 -26.15 46.00
CA ASN A 581 -5.40 -25.35 46.42
C ASN A 581 -4.97 -24.33 47.47
N ASN A 582 -4.13 -23.39 47.01
CA ASN A 582 -3.62 -22.31 47.85
C ASN A 582 -4.36 -20.99 47.65
N GLN A 583 -5.42 -20.98 46.84
CA GLN A 583 -6.17 -19.77 46.56
C GLN A 583 -7.34 -19.67 47.55
N VAL A 584 -7.22 -18.78 48.52
CA VAL A 584 -8.25 -18.56 49.52
C VAL A 584 -8.51 -17.06 49.65
N GLU A 585 -9.70 -16.73 50.15
CA GLU A 585 -10.09 -15.34 50.32
C GLU A 585 -11.06 -15.23 51.48
N THR A 586 -11.17 -14.04 52.04
CA THR A 586 -12.09 -13.79 53.14
C THR A 586 -13.53 -13.78 52.65
N CYS A 587 -14.43 -14.29 53.50
CA CYS A 587 -15.83 -14.33 53.16
C CYS A 587 -16.41 -12.92 53.09
N LYS A 588 -17.14 -12.63 52.02
CA LYS A 588 -17.75 -11.32 51.81
C LYS A 588 -19.23 -11.51 51.51
N ASP A 589 -20.07 -10.74 52.20
CA ASP A 589 -21.50 -10.82 51.98
C ASP A 589 -21.86 -10.29 50.60
N THR A 590 -22.87 -10.90 49.97
CA THR A 590 -23.36 -10.52 48.64
C THR A 590 -22.23 -10.56 47.62
N CYS A 591 -21.68 -11.76 47.43
CA CYS A 591 -20.59 -12.01 46.50
C CYS A 591 -21.13 -12.75 45.28
N GLU A 592 -20.81 -12.24 44.10
CA GLU A 592 -21.25 -12.84 42.84
C GLU A 592 -20.06 -13.35 42.06
N HIS A 593 -20.19 -14.57 41.53
CA HIS A 593 -19.14 -15.20 40.75
C HIS A 593 -19.69 -15.64 39.41
N TYR A 594 -18.86 -15.54 38.38
CA TYR A 594 -19.24 -15.86 37.00
C TYR A 594 -18.19 -16.73 36.33
N PHE A 595 -17.80 -17.81 37.01
CA PHE A 595 -16.84 -18.75 36.44
C PHE A 595 -17.36 -19.34 35.15
N ILE A 596 -16.49 -19.43 34.16
CA ILE A 596 -16.84 -19.94 32.83
C ILE A 596 -16.04 -21.20 32.57
N THR A 597 -16.73 -22.24 32.08
CA THR A 597 -16.11 -23.53 31.74
C THR A 597 -16.52 -23.86 30.31
N ARG A 598 -15.69 -23.41 29.35
CA ARG A 598 -15.92 -23.61 27.92
C ARG A 598 -17.25 -22.93 27.57
N ASN A 599 -18.21 -23.62 26.95
CA ASN A 599 -19.47 -23.00 26.57
C ASN A 599 -20.48 -22.97 27.71
N GLU A 600 -20.16 -23.58 28.85
CA GLU A 600 -21.05 -23.61 30.01
C GLU A 600 -20.51 -22.68 31.09
N THR A 601 -21.36 -21.81 31.62
CA THR A 601 -20.98 -20.85 32.63
C THR A 601 -21.68 -21.17 33.95
N LEU A 602 -20.98 -20.90 35.04
CA LEU A 602 -21.51 -21.12 36.39
C LEU A 602 -21.71 -19.78 37.08
N VAL A 603 -22.91 -19.55 37.59
CA VAL A 603 -23.27 -18.32 38.28
C VAL A 603 -23.46 -18.64 39.75
N TYR A 604 -22.77 -17.90 40.61
CA TYR A 604 -22.81 -18.11 42.06
C TYR A 604 -23.30 -16.81 42.71
N LYS A 605 -24.62 -16.67 42.83
CA LYS A 605 -25.18 -15.50 43.51
C LYS A 605 -24.89 -15.55 45.00
N ASP A 606 -24.82 -16.74 45.58
CA ASP A 606 -24.52 -16.91 47.00
C ASP A 606 -23.34 -17.84 47.19
N TYR A 607 -23.09 -18.24 48.44
CA TYR A 607 -21.98 -19.14 48.72
C TYR A 607 -22.20 -20.54 48.16
N ALA A 608 -23.43 -20.88 47.78
CA ALA A 608 -23.73 -22.20 47.24
C ALA A 608 -24.83 -22.05 46.20
N TYR A 609 -24.49 -22.18 44.93
CA TYR A 609 -25.46 -22.06 43.85
C TYR A 609 -24.99 -22.92 42.68
N LEU A 610 -25.95 -23.28 41.82
CA LEU A 610 -25.67 -24.10 40.65
C LEU A 610 -26.40 -23.55 39.42
N ARG A 611 -26.41 -22.23 39.29
CA ARG A 611 -27.05 -21.59 38.14
C ARG A 611 -26.15 -21.71 36.92
N THR A 612 -26.72 -22.19 35.81
CA THR A 612 -25.99 -22.37 34.56
C THR A 612 -26.73 -21.65 33.45
N ILE A 613 -26.03 -20.76 32.75
CA ILE A 613 -26.58 -20.03 31.62
C ILE A 613 -25.59 -20.09 30.47
N ASN A 614 -26.11 -19.87 29.26
CA ASN A 614 -25.28 -19.88 28.07
C ASN A 614 -24.33 -18.69 28.05
N THR A 615 -23.12 -18.92 27.52
CA THR A 615 -22.13 -17.86 27.44
C THR A 615 -22.47 -16.79 26.41
N THR A 616 -23.41 -17.06 25.51
CA THR A 616 -23.79 -16.07 24.51
C THR A 616 -24.50 -14.88 25.13
N ASP A 617 -25.29 -15.12 26.20
CA ASP A 617 -26.01 -14.03 26.84
C ASP A 617 -25.06 -13.03 27.49
N ILE A 618 -23.86 -13.45 27.87
CA ILE A 618 -22.89 -12.55 28.48
C ILE A 618 -22.34 -11.61 27.41
N SER A 619 -22.38 -10.32 27.68
CA SER A 619 -21.87 -9.33 26.74
C SER A 619 -20.37 -9.50 26.54
N THR A 620 -19.94 -9.46 25.28
CA THR A 620 -18.55 -9.65 24.91
C THR A 620 -18.04 -8.40 24.20
N LEU A 621 -16.92 -7.86 24.69
CA LEU A 621 -16.28 -6.71 24.07
C LEU A 621 -15.20 -7.17 23.10
N ASN A 622 -14.93 -6.34 22.10
CA ASN A 622 -13.94 -6.63 21.08
C ASN A 622 -12.94 -5.49 20.98
N THR A 623 -11.69 -5.83 20.68
CA THR A 623 -10.60 -4.87 20.54
C THR A 623 -9.95 -5.09 19.18
N PHE A 624 -10.49 -4.43 18.15
CA PHE A 624 -9.95 -4.48 16.80
C PHE A 624 -9.94 -3.06 16.25
N ILE A 625 -8.75 -2.58 15.89
CA ILE A 625 -8.61 -1.29 15.20
C ILE A 625 -8.79 -1.61 13.72
N ALA A 626 -10.05 -1.67 13.29
CA ALA A 626 -10.36 -2.12 11.94
C ALA A 626 -9.71 -1.22 10.90
N LEU A 627 -9.05 -1.83 9.92
CA LEU A 627 -8.44 -1.06 8.85
C LEU A 627 -9.53 -0.42 7.98
N ASN A 628 -10.52 -1.21 7.57
CA ASN A 628 -11.61 -0.73 6.74
C ASN A 628 -11.06 -0.09 5.46
N LEU A 629 -10.33 -0.88 4.70
CA LEU A 629 -9.64 -0.40 3.52
C LEU A 629 -10.63 -0.19 2.37
N SER A 630 -10.12 0.14 1.19
CA SER A 630 -10.97 0.40 0.03
C SER A 630 -10.18 0.08 -1.22
N PHE A 631 -10.51 -1.02 -1.87
CA PHE A 631 -9.82 -1.41 -3.09
C PHE A 631 -10.30 -0.54 -4.25
N ILE A 632 -9.75 -0.82 -5.44
CA ILE A 632 -10.12 -0.08 -6.64
C ILE A 632 -9.82 -0.92 -7.87
N GLN A 633 -10.79 -1.03 -8.77
CA GLN A 633 -10.65 -1.79 -10.00
C GLN A 633 -11.87 -1.53 -10.87
N ASN A 634 -11.93 -2.22 -12.02
CA ASN A 634 -13.08 -2.23 -12.91
C ASN A 634 -13.41 -0.82 -13.41
N ILE A 635 -12.47 -0.26 -14.14
CA ILE A 635 -12.66 1.02 -14.84
C ILE A 635 -12.53 0.70 -16.33
N ASP A 636 -13.66 0.41 -16.97
CA ASP A 636 -13.66 0.10 -18.39
C ASP A 636 -13.27 1.32 -19.22
N PHE A 637 -12.48 1.08 -20.26
CA PHE A 637 -11.92 2.14 -21.08
C PHE A 637 -12.61 2.16 -22.43
N LYS A 638 -13.48 3.14 -22.63
CA LYS A 638 -14.10 3.32 -23.94
C LYS A 638 -13.07 3.84 -24.94
N ALA A 639 -13.27 3.48 -26.21
CA ALA A 639 -12.40 3.93 -27.28
C ALA A 639 -13.04 5.11 -28.00
N ILE A 640 -12.23 6.13 -28.29
CA ILE A 640 -12.72 7.38 -28.83
C ILE A 640 -11.96 7.71 -30.11
N GLU A 641 -12.56 8.56 -30.93
CA GLU A 641 -11.97 9.03 -32.17
C GLU A 641 -12.35 10.49 -32.37
N LEU A 642 -11.35 11.33 -32.63
CA LEU A 642 -11.59 12.76 -32.71
C LEU A 642 -12.50 13.12 -33.88
N TYR A 643 -12.20 12.60 -35.06
CA TYR A 643 -12.96 12.88 -36.26
C TYR A 643 -13.65 11.62 -36.76
N SER A 644 -14.93 11.76 -37.11
CA SER A 644 -15.66 10.66 -37.73
C SER A 644 -15.14 10.44 -39.16
N SER A 645 -15.66 9.41 -39.81
CA SER A 645 -15.24 9.10 -41.17
C SER A 645 -15.84 10.08 -42.18
N ALA A 646 -16.99 10.68 -41.87
CA ALA A 646 -17.65 11.56 -42.84
C ALA A 646 -16.77 12.75 -43.18
N GLU A 647 -16.29 13.47 -42.17
CA GLU A 647 -15.40 14.60 -42.43
C GLU A 647 -14.06 14.14 -42.97
N LYS A 648 -13.63 12.92 -42.63
CA LYS A 648 -12.42 12.39 -43.24
C LYS A 648 -12.56 12.27 -44.75
N ARG A 649 -13.71 11.76 -45.21
CA ARG A 649 -13.99 11.76 -46.64
C ARG A 649 -14.10 13.18 -47.18
N LEU A 650 -14.77 14.05 -46.40
CA LEU A 650 -14.95 15.47 -46.82
C LEU A 650 -13.60 16.19 -46.77
N ALA A 651 -12.66 15.66 -45.99
CA ALA A 651 -11.32 16.29 -45.89
C ALA A 651 -10.69 16.36 -47.28
N SER A 652 -10.83 15.28 -48.06
CA SER A 652 -10.30 15.27 -49.45
C SER A 652 -11.05 16.29 -50.30
N SER A 653 -10.35 17.00 -51.17
CA SER A 653 -10.99 18.02 -52.04
C SER A 653 -12.30 17.46 -52.61
N GLN B 20 -1.56 -58.63 32.89
CA GLN B 20 -1.07 -59.24 34.12
C GLN B 20 0.17 -58.52 34.62
N VAL B 21 -0.03 -57.39 35.30
CA VAL B 21 1.07 -56.61 35.84
C VAL B 21 1.59 -57.27 37.11
N GLN B 22 2.90 -57.53 37.16
CA GLN B 22 3.53 -58.16 38.29
C GLN B 22 4.46 -57.17 38.99
N LEU B 23 4.38 -57.14 40.31
CA LEU B 23 5.18 -56.23 41.13
C LEU B 23 6.19 -57.02 41.95
N VAL B 24 7.42 -56.51 42.01
CA VAL B 24 8.52 -57.17 42.70
C VAL B 24 8.98 -56.25 43.83
N GLN B 25 9.07 -56.80 45.05
CA GLN B 25 9.48 -56.05 46.22
C GLN B 25 10.83 -56.57 46.73
N SER B 26 11.59 -55.69 47.35
CA SER B 26 12.90 -56.04 47.86
C SER B 26 12.77 -56.95 49.08
N GLY B 27 13.87 -57.63 49.42
CA GLY B 27 13.89 -58.53 50.54
C GLY B 27 13.87 -57.80 51.88
N ALA B 28 13.66 -58.59 52.92
CA ALA B 28 13.61 -58.04 54.27
C ALA B 28 14.97 -57.50 54.70
N GLU B 29 14.96 -56.36 55.36
CA GLU B 29 16.18 -55.72 55.84
C GLU B 29 16.01 -55.31 57.29
N LEU B 30 17.11 -55.38 58.04
CA LEU B 30 17.14 -55.02 59.45
C LEU B 30 18.04 -53.80 59.63
N LYS B 31 17.50 -52.77 60.30
CA LYS B 31 18.22 -51.53 60.52
C LYS B 31 18.05 -51.09 61.97
N THR B 32 19.05 -50.36 62.47
CA THR B 32 18.99 -49.85 63.82
C THR B 32 17.95 -48.75 63.94
N PRO B 33 17.37 -48.57 65.13
CA PRO B 33 16.38 -47.48 65.31
C PRO B 33 17.02 -46.12 65.06
N GLY B 34 16.23 -45.21 64.49
CA GLY B 34 16.69 -43.89 64.17
C GLY B 34 17.42 -43.75 62.86
N SER B 35 17.54 -44.83 62.08
CA SER B 35 18.21 -44.81 60.80
C SER B 35 17.19 -44.61 59.68
N SER B 36 17.65 -44.76 58.44
CA SER B 36 16.81 -44.60 57.26
C SER B 36 16.71 -45.94 56.53
N VAL B 37 15.51 -46.27 56.06
CA VAL B 37 15.25 -47.51 55.35
C VAL B 37 14.71 -47.18 53.97
N LYS B 38 15.31 -47.77 52.95
CA LYS B 38 14.92 -47.57 51.56
C LYS B 38 14.34 -48.86 51.00
N VAL B 39 13.14 -48.75 50.42
CA VAL B 39 12.44 -49.89 49.83
C VAL B 39 12.19 -49.60 48.36
N SER B 40 12.56 -50.54 47.50
CA SER B 40 12.41 -50.38 46.06
C SER B 40 11.38 -51.38 45.54
N CYS B 41 10.41 -50.88 44.78
CA CYS B 41 9.37 -51.70 44.16
C CYS B 41 9.47 -51.57 42.65
N LYS B 42 9.55 -52.71 41.97
CA LYS B 42 9.69 -52.75 40.52
C LYS B 42 8.37 -53.18 39.90
N ALA B 43 7.93 -52.43 38.88
CA ALA B 43 6.68 -52.69 38.18
C ALA B 43 7.00 -53.21 36.78
N SER B 44 6.34 -54.31 36.40
CA SER B 44 6.55 -54.90 35.08
C SER B 44 5.71 -54.16 34.05
N GLY B 45 5.64 -54.70 32.84
CA GLY B 45 4.88 -54.08 31.77
C GLY B 45 5.71 -53.08 30.99
N GLY B 46 4.99 -52.30 30.18
CA GLY B 46 5.63 -51.29 29.33
C GLY B 46 6.21 -50.14 30.11
N THR B 47 5.34 -49.35 30.76
CA THR B 47 5.78 -48.19 31.52
C THR B 47 4.73 -47.87 32.56
N PHE B 48 5.04 -46.89 33.42
CA PHE B 48 4.10 -46.47 34.45
C PHE B 48 2.83 -45.89 33.84
N SER B 49 2.99 -45.06 32.81
CA SER B 49 1.88 -44.41 32.09
C SER B 49 1.10 -43.57 33.12
N SER B 50 -0.23 -43.65 33.15
CA SER B 50 -1.04 -42.87 34.07
C SER B 50 -1.35 -43.61 35.37
N ASN B 51 -0.76 -44.79 35.56
CA ASN B 51 -1.02 -45.56 36.78
C ASN B 51 -0.38 -44.90 37.98
N THR B 52 -1.00 -45.11 39.14
CA THR B 52 -0.54 -44.54 40.41
C THR B 52 -0.03 -45.67 41.30
N VAL B 53 1.05 -45.42 42.02
CA VAL B 53 1.67 -46.42 42.88
C VAL B 53 1.50 -45.97 44.33
N SER B 54 0.87 -46.81 45.15
CA SER B 54 0.59 -46.50 46.54
C SER B 54 1.42 -47.40 47.45
N TRP B 55 1.82 -46.84 48.60
CA TRP B 55 2.60 -47.57 49.59
C TRP B 55 1.74 -47.79 50.83
N LEU B 56 1.64 -49.04 51.27
CA LEU B 56 0.85 -49.39 52.45
C LEU B 56 1.70 -50.20 53.41
N ARG B 57 1.31 -50.17 54.68
CA ARG B 57 2.01 -50.92 55.73
C ARG B 57 1.00 -51.70 56.55
N GLN B 58 1.46 -52.82 57.11
CA GLN B 58 0.62 -53.66 57.95
C GLN B 58 1.45 -54.17 59.12
N ALA B 59 1.03 -53.82 60.34
CA ALA B 59 1.68 -54.33 61.54
C ALA B 59 1.18 -55.73 61.87
N PRO B 60 1.99 -56.54 62.55
CA PRO B 60 1.53 -57.89 62.93
C PRO B 60 0.33 -57.81 63.86
N GLY B 61 -0.80 -58.35 63.39
CA GLY B 61 -2.03 -58.35 64.16
C GLY B 61 -2.85 -57.08 64.04
N GLN B 62 -2.40 -56.09 63.28
CA GLN B 62 -3.11 -54.83 63.11
C GLN B 62 -3.70 -54.75 61.71
N GLY B 63 -4.31 -53.60 61.41
CA GLY B 63 -4.94 -53.38 60.12
C GLY B 63 -3.97 -52.84 59.09
N LEU B 64 -4.55 -52.34 58.00
CA LEU B 64 -3.78 -51.79 56.89
C LEU B 64 -3.77 -50.27 56.96
N GLU B 65 -2.58 -49.68 56.96
CA GLU B 65 -2.42 -48.24 57.02
C GLU B 65 -2.36 -47.67 55.60
N TRP B 66 -2.03 -46.38 55.50
CA TRP B 66 -1.93 -45.71 54.19
C TRP B 66 -0.82 -44.67 54.28
N MET B 67 0.34 -44.98 53.70
CA MET B 67 1.46 -44.07 53.74
C MET B 67 1.30 -42.94 52.74
N GLY B 68 1.17 -43.27 51.46
CA GLY B 68 1.04 -42.26 50.44
C GLY B 68 0.97 -42.88 49.07
N ARG B 69 0.98 -42.01 48.05
CA ARG B 69 0.89 -42.45 46.67
C ARG B 69 1.69 -41.50 45.79
N ILE B 70 2.08 -42.01 44.62
CA ILE B 70 2.87 -41.26 43.64
C ILE B 70 2.30 -41.51 42.26
N ILE B 71 2.07 -40.43 41.50
CA ILE B 71 1.68 -40.49 40.10
C ILE B 71 2.86 -39.97 39.27
N PRO B 72 3.46 -40.80 38.40
CA PRO B 72 4.64 -40.35 37.65
C PRO B 72 4.33 -39.59 36.38
N ILE B 73 3.12 -39.74 35.81
CA ILE B 73 2.79 -39.01 34.59
C ILE B 73 2.76 -37.52 34.82
N VAL B 74 2.54 -37.09 36.07
CA VAL B 74 2.68 -35.69 36.45
C VAL B 74 3.74 -35.51 37.53
N ASP B 75 4.25 -36.60 38.10
CA ASP B 75 5.24 -36.57 39.18
C ASP B 75 4.72 -35.81 40.39
N VAL B 76 3.61 -36.31 40.93
CA VAL B 76 2.95 -35.72 42.08
C VAL B 76 2.86 -36.78 43.18
N THR B 77 3.30 -36.41 44.39
CA THR B 77 3.26 -37.29 45.54
C THR B 77 2.22 -36.78 46.53
N ASN B 78 1.30 -37.66 46.92
CA ASN B 78 0.28 -37.37 47.92
C ASN B 78 0.64 -38.10 49.20
N TYR B 79 0.64 -37.38 50.31
CA TYR B 79 1.05 -37.90 51.61
C TYR B 79 -0.07 -37.77 52.62
N ALA B 80 -0.07 -38.69 53.59
CA ALA B 80 -1.03 -38.60 54.68
C ALA B 80 -0.66 -37.47 55.64
N GLN B 81 -1.66 -37.00 56.39
CA GLN B 81 -1.44 -35.90 57.31
C GLN B 81 -0.54 -36.28 58.48
N LYS B 82 -0.39 -37.58 58.75
CA LYS B 82 0.46 -38.03 59.86
C LYS B 82 1.86 -38.44 59.41
N PHE B 83 2.06 -38.75 58.14
CA PHE B 83 3.36 -39.17 57.63
C PHE B 83 4.04 -38.09 56.81
N GLN B 84 3.50 -36.87 56.79
CA GLN B 84 4.09 -35.79 56.02
C GLN B 84 5.44 -35.38 56.61
N GLY B 85 6.41 -35.16 55.74
CA GLY B 85 7.74 -34.74 56.15
C GLY B 85 8.64 -35.84 56.67
N ARG B 86 8.20 -37.10 56.61
CA ARG B 86 9.01 -38.22 57.09
C ARG B 86 9.28 -39.28 56.05
N VAL B 87 8.43 -39.43 55.04
CA VAL B 87 8.59 -40.43 54.00
C VAL B 87 8.80 -39.72 52.66
N LYS B 88 9.85 -40.11 51.94
CA LYS B 88 10.18 -39.54 50.65
C LYS B 88 9.95 -40.59 49.57
N ILE B 89 9.17 -40.23 48.54
CA ILE B 89 8.81 -41.14 47.46
C ILE B 89 9.38 -40.59 46.16
N THR B 90 10.07 -41.44 45.41
CA THR B 90 10.63 -41.08 44.12
C THR B 90 10.28 -42.16 43.10
N ALA B 91 10.24 -41.77 41.83
CA ALA B 91 9.88 -42.68 40.75
C ALA B 91 10.88 -42.55 39.62
N ASP B 92 11.13 -43.67 38.94
CA ASP B 92 12.01 -43.71 37.78
C ASP B 92 11.26 -44.40 36.64
N LYS B 93 10.95 -43.64 35.59
CA LYS B 93 10.22 -44.17 34.46
C LYS B 93 11.11 -45.03 33.56
N SER B 94 12.40 -44.73 33.50
CA SER B 94 13.31 -45.54 32.69
C SER B 94 13.36 -46.98 33.19
N THR B 95 13.43 -47.16 34.49
CA THR B 95 13.39 -48.49 35.10
C THR B 95 12.03 -48.84 35.69
N THR B 96 11.08 -47.89 35.67
CA THR B 96 9.74 -48.08 36.22
C THR B 96 9.81 -48.58 37.67
N THR B 97 10.66 -47.93 38.47
CA THR B 97 10.91 -48.33 39.84
C THR B 97 10.53 -47.21 40.80
N ALA B 98 9.88 -47.58 41.89
CA ALA B 98 9.48 -46.64 42.94
C ALA B 98 10.33 -46.86 44.18
N TYR B 99 10.90 -45.79 44.71
CA TYR B 99 11.76 -45.83 45.88
C TYR B 99 11.09 -45.06 47.01
N MET B 100 11.00 -45.70 48.18
CA MET B 100 10.42 -45.09 49.38
C MET B 100 11.47 -45.08 50.48
N GLN B 101 11.79 -43.90 50.98
CA GLN B 101 12.78 -43.72 52.03
C GLN B 101 12.11 -43.22 53.29
N LEU B 102 12.38 -43.89 54.41
CA LEU B 102 11.82 -43.54 55.70
C LEU B 102 12.96 -43.18 56.65
N SER B 103 12.81 -42.07 57.36
CA SER B 103 13.82 -41.59 58.29
C SER B 103 13.19 -41.34 59.66
N SER B 104 14.05 -41.37 60.68
CA SER B 104 13.63 -41.16 62.07
C SER B 104 12.54 -42.15 62.49
N LEU B 105 12.71 -43.40 62.07
CA LEU B 105 11.75 -44.44 62.42
C LEU B 105 11.85 -44.79 63.91
N ARG B 106 10.73 -45.22 64.47
CA ARG B 106 10.62 -45.61 65.86
C ARG B 106 10.54 -47.13 65.99
N SER B 107 10.35 -47.59 67.22
CA SER B 107 10.26 -49.03 67.48
C SER B 107 8.96 -49.64 66.96
N GLU B 108 7.98 -48.83 66.59
CA GLU B 108 6.70 -49.32 66.08
C GLU B 108 6.68 -49.46 64.57
N ASP B 109 7.81 -49.22 63.90
CA ASP B 109 7.87 -49.31 62.43
C ASP B 109 8.07 -50.73 61.93
N THR B 110 8.22 -51.71 62.82
CA THR B 110 8.35 -53.11 62.40
C THR B 110 7.03 -53.57 61.79
N ALA B 111 7.00 -53.74 60.48
CA ALA B 111 5.77 -54.06 59.78
C ALA B 111 6.11 -54.59 58.38
N VAL B 112 5.09 -55.05 57.68
CA VAL B 112 5.24 -55.53 56.31
C VAL B 112 4.72 -54.45 55.38
N TYR B 113 5.54 -54.05 54.42
CA TYR B 113 5.22 -52.99 53.48
C TYR B 113 4.85 -53.58 52.12
N PHE B 114 3.87 -52.95 51.47
CA PHE B 114 3.40 -53.37 50.17
C PHE B 114 3.32 -52.18 49.24
N CYS B 115 3.60 -52.43 47.96
CA CYS B 115 3.39 -51.45 46.89
C CYS B 115 2.25 -51.94 46.00
N ALA B 116 1.24 -51.08 45.82
CA ALA B 116 0.06 -51.48 45.02
C ALA B 116 0.07 -50.75 43.68
N ARG B 117 -0.94 -50.96 42.84
CA ARG B 117 -0.93 -50.37 41.48
C ARG B 117 -2.35 -50.04 41.02
N ASP B 118 -2.61 -48.76 40.72
CA ASP B 118 -3.97 -48.31 40.31
C ASP B 118 -4.34 -48.99 38.99
N ASP B 119 -5.60 -49.42 38.85
CA ASP B 119 -6.06 -50.11 37.62
C ASP B 119 -7.33 -49.44 37.08
N ALA B 120 -7.73 -49.79 35.87
CA ALA B 120 -8.97 -49.21 35.27
C ALA B 120 -10.16 -49.52 36.18
N ILE B 121 -10.06 -50.50 37.07
CA ILE B 121 -11.27 -50.80 37.90
C ILE B 121 -11.16 -50.13 39.27
N ASP B 122 -10.57 -50.83 40.24
CA ASP B 122 -10.35 -50.25 41.60
C ASP B 122 -8.87 -49.91 41.76
N PRO B 123 -8.49 -48.94 42.61
CA PRO B 123 -7.09 -48.52 42.75
C PRO B 123 -6.18 -49.65 43.26
N PHE B 124 -6.63 -50.38 44.29
CA PHE B 124 -5.77 -51.45 44.89
C PHE B 124 -5.94 -52.75 44.10
N SER B 125 -5.97 -52.66 42.77
CA SER B 125 -6.12 -53.87 41.92
C SER B 125 -4.89 -54.77 42.06
N TYR B 126 -3.68 -54.19 42.00
CA TYR B 126 -2.44 -55.00 42.07
C TYR B 126 -1.79 -54.84 43.44
N TRP B 127 -0.88 -55.76 43.79
CA TRP B 127 -0.20 -55.70 45.11
C TRP B 127 1.27 -56.09 44.96
N GLY B 128 1.91 -56.55 46.03
CA GLY B 128 3.34 -56.93 45.99
C GLY B 128 3.74 -57.90 47.10
N GLN B 129 4.73 -58.77 46.84
CA GLN B 129 5.08 -59.81 47.80
C GLN B 129 5.17 -59.28 49.21
N GLY B 130 5.61 -58.03 49.38
CA GLY B 130 5.74 -57.42 50.68
C GLY B 130 7.16 -57.55 51.23
N THR B 131 7.57 -56.54 51.99
CA THR B 131 8.90 -56.51 52.59
C THR B 131 8.76 -56.29 54.08
N LEU B 132 9.36 -57.17 54.88
CA LEU B 132 9.29 -57.09 56.33
C LEU B 132 10.43 -56.22 56.85
N VAL B 133 10.08 -55.20 57.64
CA VAL B 133 11.05 -54.30 58.24
C VAL B 133 10.96 -54.44 59.75
N THR B 134 12.08 -54.76 60.39
CA THR B 134 12.14 -54.95 61.83
C THR B 134 13.02 -53.88 62.45
N VAL B 135 12.57 -53.35 63.59
CA VAL B 135 13.30 -52.30 64.28
C VAL B 135 13.98 -52.86 65.52
N SER C 21 -9.19 -40.85 61.99
CA SER C 21 -10.55 -41.07 61.52
C SER C 21 -10.68 -42.45 60.85
N GLU C 22 -10.11 -43.47 61.49
CA GLU C 22 -10.17 -44.81 60.94
C GLU C 22 -11.60 -45.35 61.01
N LEU C 23 -11.95 -46.16 60.01
CA LEU C 23 -13.28 -46.75 59.96
C LEU C 23 -13.46 -47.76 61.09
N SER C 24 -14.69 -47.85 61.59
CA SER C 24 -15.04 -48.72 62.70
C SER C 24 -15.59 -50.04 62.16
N GLN C 25 -15.02 -51.14 62.65
CA GLN C 25 -15.45 -52.47 62.26
C GLN C 25 -15.59 -53.35 63.51
N PRO C 26 -16.48 -54.34 63.47
CA PRO C 26 -16.60 -55.25 64.62
C PRO C 26 -15.35 -56.08 64.81
N ALA C 27 -15.06 -56.40 66.07
CA ALA C 27 -13.88 -57.20 66.38
C ALA C 27 -13.97 -58.60 65.78
N SER C 28 -15.13 -59.24 65.91
CA SER C 28 -15.33 -60.57 65.36
C SER C 28 -16.82 -60.81 65.20
N VAL C 29 -17.15 -61.74 64.29
CA VAL C 29 -18.53 -62.12 64.03
C VAL C 29 -18.60 -63.64 63.92
N SER C 30 -19.60 -64.23 64.57
CA SER C 30 -19.80 -65.66 64.50
C SER C 30 -20.54 -66.05 63.22
N GLY C 31 -20.55 -67.34 62.94
CA GLY C 31 -21.22 -67.82 61.74
C GLY C 31 -21.28 -69.33 61.71
N SER C 32 -22.05 -69.85 60.77
CA SER C 32 -22.23 -71.28 60.56
C SER C 32 -22.22 -71.56 59.06
N PRO C 33 -21.83 -72.77 58.66
CA PRO C 33 -21.86 -73.11 57.23
C PRO C 33 -23.27 -73.04 56.68
N GLY C 34 -23.37 -72.59 55.43
CA GLY C 34 -24.68 -72.44 54.80
C GLY C 34 -25.56 -71.39 55.45
N GLN C 35 -24.98 -70.25 55.81
CA GLN C 35 -25.72 -69.18 56.45
C GLN C 35 -25.24 -67.84 55.92
N SER C 36 -26.04 -66.81 56.17
CA SER C 36 -25.74 -65.45 55.72
C SER C 36 -25.26 -64.62 56.90
N ILE C 37 -24.11 -63.96 56.72
CA ILE C 37 -23.48 -63.14 57.76
C ILE C 37 -23.37 -61.73 57.24
N THR C 38 -23.78 -60.76 58.06
CA THR C 38 -23.75 -59.35 57.70
C THR C 38 -22.61 -58.66 58.42
N ILE C 39 -21.81 -57.91 57.67
CA ILE C 39 -20.68 -57.14 58.22
C ILE C 39 -20.95 -55.67 57.97
N SER C 40 -20.85 -54.87 59.02
CA SER C 40 -21.17 -53.44 58.95
C SER C 40 -19.92 -52.62 59.16
N CYS C 41 -19.69 -51.66 58.26
CA CYS C 41 -18.59 -50.71 58.37
C CYS C 41 -19.19 -49.31 58.48
N THR C 42 -18.90 -48.62 59.58
CA THR C 42 -19.51 -47.34 59.89
C THR C 42 -18.43 -46.28 60.07
N GLY C 43 -18.68 -45.09 59.52
CA GLY C 43 -17.76 -43.98 59.66
C GLY C 43 -18.46 -42.64 59.68
N THR C 44 -17.74 -41.58 59.32
CA THR C 44 -18.28 -40.23 59.31
C THR C 44 -18.75 -39.86 57.90
N SER C 45 -19.51 -38.77 57.82
CA SER C 45 -20.04 -38.32 56.54
C SER C 45 -18.97 -37.68 55.65
N SER C 46 -17.77 -37.45 56.17
CA SER C 46 -16.72 -36.82 55.38
C SER C 46 -16.30 -37.69 54.20
N ASP C 47 -16.21 -39.00 54.40
CA ASP C 47 -15.74 -39.93 53.38
C ASP C 47 -16.86 -40.82 52.85
N VAL C 48 -17.55 -41.55 53.74
CA VAL C 48 -18.59 -42.46 53.28
C VAL C 48 -19.91 -41.73 53.01
N GLY C 49 -20.10 -40.55 53.57
CA GLY C 49 -21.31 -39.78 53.38
C GLY C 49 -21.30 -38.81 52.22
N ALA C 50 -20.22 -38.78 51.44
CA ALA C 50 -20.09 -37.85 50.32
C ALA C 50 -19.92 -38.53 48.97
N TYR C 51 -19.28 -39.70 48.93
CA TYR C 51 -19.02 -40.41 47.67
C TYR C 51 -19.55 -41.83 47.79
N ASN C 52 -19.37 -42.60 46.71
CA ASN C 52 -19.82 -43.99 46.64
C ASN C 52 -18.69 -44.87 46.11
N PHE C 53 -17.49 -44.68 46.66
CA PHE C 53 -16.30 -45.42 46.25
C PHE C 53 -15.78 -46.29 47.38
N VAL C 54 -16.69 -46.95 48.09
CA VAL C 54 -16.31 -47.84 49.19
C VAL C 54 -16.03 -49.22 48.63
N SER C 55 -14.94 -49.84 49.08
CA SER C 55 -14.52 -51.14 48.60
C SER C 55 -14.30 -52.07 49.79
N TRP C 56 -14.41 -53.38 49.52
CA TRP C 56 -14.20 -54.41 50.53
C TRP C 56 -13.09 -55.34 50.07
N TYR C 57 -12.16 -55.64 50.96
CA TYR C 57 -11.00 -56.48 50.67
C TYR C 57 -10.95 -57.65 51.64
N GLN C 58 -10.65 -58.82 51.11
CA GLN C 58 -10.50 -60.04 51.91
C GLN C 58 -9.02 -60.42 51.92
N GLN C 59 -8.45 -60.50 53.12
CA GLN C 59 -7.04 -60.82 53.31
C GLN C 59 -6.93 -62.08 54.16
N HIS C 60 -6.24 -63.09 53.62
CA HIS C 60 -5.94 -64.34 54.30
C HIS C 60 -4.68 -64.20 55.14
N PRO C 61 -4.55 -64.98 56.22
CA PRO C 61 -3.32 -64.91 57.02
C PRO C 61 -2.11 -65.36 56.22
N GLY C 62 -1.15 -64.44 56.06
CA GLY C 62 0.05 -64.74 55.31
C GLY C 62 -0.07 -64.62 53.81
N LYS C 63 -1.08 -63.90 53.32
CA LYS C 63 -1.27 -63.74 51.89
C LYS C 63 -1.79 -62.33 51.60
N ALA C 64 -1.64 -61.92 50.35
CA ALA C 64 -2.05 -60.59 49.95
C ALA C 64 -3.58 -60.47 49.97
N PRO C 65 -4.11 -59.28 50.27
CA PRO C 65 -5.56 -59.10 50.29
C PRO C 65 -6.16 -59.31 48.90
N LYS C 66 -7.41 -59.78 48.89
CA LYS C 66 -8.15 -60.04 47.67
C LYS C 66 -9.42 -59.20 47.66
N LEU C 67 -9.72 -58.62 46.51
CA LEU C 67 -10.88 -57.75 46.36
C LEU C 67 -12.06 -58.53 45.80
N MET C 68 -13.23 -58.31 46.39
CA MET C 68 -14.45 -58.97 45.93
C MET C 68 -15.63 -58.02 45.74
N ILE C 69 -15.64 -56.86 46.39
CA ILE C 69 -16.74 -55.90 46.26
C ILE C 69 -16.15 -54.52 46.03
N TYR C 70 -16.53 -53.88 44.93
CA TYR C 70 -16.08 -52.54 44.61
C TYR C 70 -17.26 -51.72 44.09
N ASP C 71 -17.16 -50.40 44.27
CA ASP C 71 -18.21 -49.46 43.84
C ASP C 71 -19.56 -49.84 44.42
N VAL C 72 -19.58 -50.03 45.74
CA VAL C 72 -20.80 -50.30 46.50
C VAL C 72 -21.44 -51.62 46.07
N THR C 73 -22.01 -51.64 44.87
CA THR C 73 -22.76 -52.79 44.40
C THR C 73 -22.17 -53.46 43.17
N LYS C 74 -21.22 -52.84 42.48
CA LYS C 74 -20.64 -53.44 41.29
C LYS C 74 -19.85 -54.69 41.63
N TRP C 75 -19.92 -55.68 40.75
CA TRP C 75 -19.24 -56.96 40.95
C TRP C 75 -18.09 -57.08 39.97
N PRO C 76 -16.86 -57.32 40.43
CA PRO C 76 -15.74 -57.46 39.51
C PRO C 76 -15.82 -58.77 38.74
N SER C 77 -15.11 -58.80 37.62
CA SER C 77 -15.09 -59.98 36.78
C SER C 77 -14.36 -61.13 37.48
N GLY C 78 -14.87 -62.34 37.28
CA GLY C 78 -14.26 -63.53 37.86
C GLY C 78 -14.31 -63.59 39.38
N VAL C 79 -15.45 -63.21 39.97
CA VAL C 79 -15.64 -63.29 41.41
C VAL C 79 -16.95 -64.00 41.68
N SER C 80 -17.10 -64.46 42.92
CA SER C 80 -18.32 -65.15 43.32
C SER C 80 -19.48 -64.18 43.36
N ASN C 81 -20.62 -64.59 42.79
CA ASN C 81 -21.80 -63.74 42.74
C ASN C 81 -22.65 -63.83 43.99
N ARG C 82 -22.33 -64.74 44.91
CA ARG C 82 -23.11 -64.85 46.14
C ARG C 82 -22.92 -63.64 47.05
N PHE C 83 -21.72 -63.07 47.08
CA PHE C 83 -21.45 -61.91 47.90
C PHE C 83 -22.20 -60.69 47.38
N SER C 84 -22.63 -59.83 48.30
CA SER C 84 -23.35 -58.62 47.94
C SER C 84 -23.02 -57.52 48.93
N GLY C 85 -23.23 -56.27 48.50
CA GLY C 85 -22.98 -55.13 49.35
C GLY C 85 -23.96 -54.02 49.08
N SER C 86 -24.12 -53.16 50.09
CA SER C 86 -25.02 -52.02 49.98
C SER C 86 -24.56 -50.93 50.94
N LYS C 87 -25.06 -49.73 50.74
CA LYS C 87 -24.73 -48.58 51.57
C LYS C 87 -26.00 -47.85 51.95
N SER C 88 -26.14 -47.50 53.23
CA SER C 88 -27.27 -46.73 53.72
C SER C 88 -26.77 -45.76 54.77
N GLY C 89 -27.10 -44.48 54.59
CA GLY C 89 -26.61 -43.47 55.50
C GLY C 89 -25.10 -43.44 55.48
N ASN C 90 -24.50 -43.63 56.66
CA ASN C 90 -23.05 -43.71 56.80
C ASN C 90 -22.56 -45.12 57.04
N THR C 91 -23.41 -46.13 56.83
CA THR C 91 -23.08 -47.52 57.14
C THR C 91 -23.11 -48.36 55.87
N ALA C 92 -22.04 -49.10 55.62
CA ALA C 92 -21.97 -50.04 54.51
C ALA C 92 -22.13 -51.45 55.03
N SER C 93 -23.08 -52.20 54.46
CA SER C 93 -23.40 -53.54 54.90
C SER C 93 -23.05 -54.54 53.79
N LEU C 94 -22.27 -55.55 54.14
CA LEU C 94 -21.87 -56.61 53.21
C LEU C 94 -22.47 -57.92 53.69
N THR C 95 -23.12 -58.62 52.77
CA THR C 95 -23.79 -59.89 53.06
C THR C 95 -23.16 -61.00 52.22
N ILE C 96 -22.96 -62.15 52.85
CA ILE C 96 -22.36 -63.32 52.20
C ILE C 96 -23.38 -64.44 52.17
N SER C 97 -23.12 -65.42 51.29
CA SER C 97 -24.00 -66.56 51.15
C SER C 97 -23.19 -67.74 50.60
N GLY C 98 -23.58 -68.94 51.01
CA GLY C 98 -22.92 -70.14 50.54
C GLY C 98 -21.46 -70.24 50.92
N LEU C 99 -21.12 -69.87 52.16
CA LEU C 99 -19.75 -69.92 52.63
C LEU C 99 -19.44 -71.32 53.15
N GLN C 100 -18.35 -71.91 52.65
CA GLN C 100 -17.93 -73.25 53.08
C GLN C 100 -16.40 -73.30 53.02
N ALA C 101 -15.78 -73.03 54.18
CA ALA C 101 -14.32 -73.06 54.32
C ALA C 101 -13.63 -72.14 53.32
N GLU C 102 -14.26 -71.01 53.00
CA GLU C 102 -13.69 -70.04 52.08
C GLU C 102 -13.75 -68.60 52.55
N ASP C 103 -14.65 -68.25 53.47
CA ASP C 103 -14.79 -66.90 53.97
C ASP C 103 -14.00 -66.64 55.25
N GLU C 104 -13.24 -67.62 55.72
CA GLU C 104 -12.46 -67.48 56.96
C GLU C 104 -11.22 -66.63 56.67
N ALA C 105 -11.43 -65.32 56.58
CA ALA C 105 -10.34 -64.39 56.34
C ALA C 105 -10.77 -63.01 56.84
N ASP C 106 -9.77 -62.15 57.04
CA ASP C 106 -10.04 -60.81 57.52
C ASP C 106 -10.70 -59.97 56.43
N TYR C 107 -11.65 -59.13 56.84
CA TYR C 107 -12.38 -58.26 55.93
C TYR C 107 -12.11 -56.81 56.29
N TYR C 108 -11.75 -56.01 55.29
CA TYR C 108 -11.43 -54.60 55.49
C TYR C 108 -12.29 -53.75 54.56
N CYS C 109 -12.79 -52.63 55.09
CA CYS C 109 -13.54 -51.66 54.30
C CYS C 109 -12.66 -50.44 54.06
N SER C 110 -12.54 -50.04 52.79
CA SER C 110 -11.70 -48.93 52.39
C SER C 110 -12.55 -47.85 51.71
N SER C 111 -12.19 -46.59 51.94
CA SER C 111 -12.95 -45.47 51.41
C SER C 111 -11.99 -44.33 51.08
N TYR C 112 -12.49 -43.38 50.28
CA TYR C 112 -11.74 -42.21 49.89
C TYR C 112 -12.35 -40.97 50.54
N ALA C 113 -11.52 -40.17 51.19
CA ALA C 113 -11.95 -38.98 51.89
C ALA C 113 -11.47 -37.73 51.13
N SER C 114 -11.71 -36.57 51.73
CA SER C 114 -11.31 -35.32 51.11
C SER C 114 -9.79 -35.14 51.19
N SER C 115 -9.30 -34.12 50.47
CA SER C 115 -7.88 -33.78 50.43
C SER C 115 -7.02 -34.93 49.93
N ASN C 116 -7.57 -35.76 49.04
CA ASN C 116 -6.85 -36.86 48.41
C ASN C 116 -6.24 -37.80 49.46
N THR C 117 -7.11 -38.42 50.25
CA THR C 117 -6.70 -39.33 51.29
C THR C 117 -7.54 -40.61 51.23
N TYR C 118 -6.94 -41.71 51.68
CA TYR C 118 -7.60 -43.01 51.73
C TYR C 118 -7.63 -43.52 53.15
N VAL C 119 -8.77 -44.09 53.54
CA VAL C 119 -8.97 -44.60 54.90
C VAL C 119 -9.36 -46.07 54.82
N PHE C 120 -8.93 -46.83 55.82
CA PHE C 120 -9.17 -48.26 55.90
C PHE C 120 -9.78 -48.62 57.24
N GLY C 121 -10.52 -49.73 57.26
CA GLY C 121 -11.16 -50.18 58.48
C GLY C 121 -10.20 -50.90 59.42
N THR C 122 -10.72 -51.22 60.60
CA THR C 122 -9.94 -51.92 61.61
C THR C 122 -9.87 -53.43 61.38
N GLY C 123 -10.66 -53.96 60.45
CA GLY C 123 -10.64 -55.38 60.16
C GLY C 123 -11.72 -56.17 60.87
N THR C 124 -12.41 -57.03 60.13
CA THR C 124 -13.47 -57.87 60.67
C THR C 124 -13.09 -59.33 60.47
N LYS C 125 -13.12 -60.11 61.55
CA LYS C 125 -12.78 -61.52 61.51
C LYS C 125 -14.06 -62.35 61.57
N LEU C 126 -14.22 -63.24 60.59
CA LEU C 126 -15.38 -64.12 60.50
C LEU C 126 -14.98 -65.53 60.90
N THR C 127 -15.73 -66.11 61.83
CA THR C 127 -15.45 -67.45 62.35
C THR C 127 -16.63 -68.36 62.01
N VAL C 128 -16.33 -69.52 61.44
CA VAL C 128 -17.34 -70.50 61.09
C VAL C 128 -17.18 -71.72 62.00
N LEU C 129 -18.26 -72.49 62.10
CA LEU C 129 -18.28 -73.68 62.93
C LEU C 129 -18.28 -74.94 62.08
N LYS D 58 -21.54 11.25 36.33
CA LYS D 58 -21.14 11.57 34.96
C LYS D 58 -19.70 12.07 34.91
N SER D 59 -18.81 11.21 34.43
CA SER D 59 -17.38 11.52 34.31
C SER D 59 -16.94 11.18 32.89
N VAL D 60 -17.06 12.16 31.99
CA VAL D 60 -16.69 11.96 30.60
C VAL D 60 -15.31 12.53 30.27
N ASP D 61 -14.78 13.43 31.09
CA ASP D 61 -13.49 14.05 30.86
C ASP D 61 -12.48 13.54 31.88
N PHE D 62 -11.24 14.01 31.75
CA PHE D 62 -10.14 13.63 32.64
C PHE D 62 -9.57 14.81 33.40
N TYR D 63 -10.24 15.96 33.39
CA TYR D 63 -9.74 17.17 34.05
C TYR D 63 -10.54 17.52 35.29
N GLN D 64 -11.29 16.57 35.85
CA GLN D 64 -12.10 16.80 37.03
C GLN D 64 -11.83 15.72 38.06
N PHE D 65 -11.69 16.12 39.32
CA PHE D 65 -11.48 15.17 40.40
C PHE D 65 -12.75 14.35 40.63
N ARG D 66 -12.56 13.05 40.89
CA ARG D 66 -13.70 12.16 41.08
C ARG D 66 -13.27 10.95 41.88
N VAL D 67 -14.20 10.40 42.65
CA VAL D 67 -14.02 9.16 43.38
C VAL D 67 -15.16 8.22 43.03
N CYS D 68 -14.81 6.99 42.62
CA CYS D 68 -15.80 6.02 42.16
C CYS D 68 -15.36 4.63 42.61
N SER D 69 -16.03 4.11 43.64
CA SER D 69 -15.73 2.77 44.13
C SER D 69 -17.00 1.98 44.45
N ALA D 70 -18.14 2.35 43.88
CA ALA D 70 -19.39 1.68 44.16
C ALA D 70 -19.54 0.44 43.30
N SER D 71 -19.93 -0.67 43.93
CA SER D 71 -20.15 -1.95 43.25
C SER D 71 -21.61 -2.33 43.47
N ILE D 72 -22.49 -1.88 42.57
CA ILE D 72 -23.92 -2.14 42.70
C ILE D 72 -24.43 -2.87 41.47
N THR D 73 -24.26 -2.27 40.29
CA THR D 73 -24.81 -2.82 39.05
C THR D 73 -23.73 -3.02 38.01
N GLY D 74 -22.60 -3.61 38.40
CA GLY D 74 -21.52 -3.88 37.47
C GLY D 74 -21.88 -4.91 36.43
N GLU D 75 -22.01 -4.48 35.17
CA GLU D 75 -22.38 -5.40 34.11
C GLU D 75 -21.26 -6.39 33.83
N LEU D 76 -21.65 -7.65 33.61
CA LEU D 76 -20.69 -8.71 33.34
C LEU D 76 -20.14 -8.61 31.92
N PHE D 77 -18.84 -8.87 31.78
CA PHE D 77 -18.19 -8.85 30.49
C PHE D 77 -17.15 -9.95 30.44
N ARG D 78 -17.05 -10.60 29.28
CA ARG D 78 -16.11 -11.70 29.05
C ARG D 78 -15.13 -11.29 27.96
N PHE D 79 -13.84 -11.50 28.21
CA PHE D 79 -12.79 -11.17 27.25
C PHE D 79 -12.62 -12.35 26.30
N ASN D 80 -13.51 -12.44 25.32
CA ASN D 80 -13.46 -13.52 24.36
C ASN D 80 -12.28 -13.37 23.42
N LEU D 81 -11.71 -14.50 23.01
CA LEU D 81 -10.58 -14.53 22.08
C LEU D 81 -10.83 -15.55 20.97
N GLU D 82 -12.10 -15.81 20.66
CA GLU D 82 -12.44 -16.79 19.64
C GLU D 82 -12.32 -16.24 18.21
N GLN D 83 -12.21 -14.92 18.06
CA GLN D 83 -12.04 -14.34 16.73
C GLN D 83 -10.68 -14.72 16.15
N THR D 84 -10.67 -15.04 14.85
CA THR D 84 -9.44 -15.44 14.18
C THR D 84 -9.54 -15.06 12.72
N CYS D 85 -8.38 -14.92 12.09
CA CYS D 85 -8.34 -14.48 10.70
C CYS D 85 -8.56 -15.65 9.76
N PRO D 86 -9.66 -15.67 9.01
CA PRO D 86 -9.82 -16.72 8.01
C PRO D 86 -8.95 -16.45 6.80
N ASP D 87 -8.55 -17.53 6.13
CA ASP D 87 -7.79 -17.37 4.90
C ASP D 87 -8.75 -17.09 3.75
N THR D 88 -8.20 -16.52 2.68
CA THR D 88 -9.00 -16.18 1.52
C THR D 88 -9.18 -17.42 0.64
N LYS D 89 -9.76 -17.24 -0.54
CA LYS D 89 -9.96 -18.32 -1.48
C LYS D 89 -9.47 -17.88 -2.85
N ASP D 90 -8.97 -18.84 -3.62
CA ASP D 90 -8.45 -18.55 -4.95
C ASP D 90 -9.62 -18.36 -5.91
N LYS D 91 -9.32 -18.23 -7.20
CA LYS D 91 -10.34 -18.05 -8.22
C LYS D 91 -10.21 -19.12 -9.28
N TYR D 92 -11.35 -19.51 -9.85
CA TYR D 92 -11.33 -20.52 -10.89
C TYR D 92 -10.52 -20.06 -12.10
N HIS D 93 -10.69 -18.80 -12.49
CA HIS D 93 -9.98 -18.21 -13.62
C HIS D 93 -10.16 -19.08 -14.87
N GLN D 94 -11.42 -19.20 -15.29
CA GLN D 94 -11.73 -19.98 -16.48
C GLN D 94 -10.99 -19.42 -17.68
N GLU D 95 -10.52 -20.32 -18.54
CA GLU D 95 -9.68 -19.91 -19.64
C GLU D 95 -9.84 -20.92 -20.78
N GLY D 96 -9.35 -20.54 -21.95
CA GLY D 96 -9.43 -21.39 -23.11
C GLY D 96 -8.72 -20.81 -24.31
N ILE D 97 -9.28 -21.01 -25.49
CA ILE D 97 -8.70 -20.53 -26.74
C ILE D 97 -9.47 -19.30 -27.19
N LEU D 98 -8.73 -18.30 -27.64
CA LEU D 98 -9.32 -17.03 -28.07
C LEU D 98 -8.83 -16.69 -29.47
N LEU D 99 -9.76 -16.33 -30.35
CA LEU D 99 -9.45 -15.91 -31.71
C LEU D 99 -10.01 -14.52 -31.94
N VAL D 100 -9.29 -13.73 -32.72
CA VAL D 100 -9.70 -12.35 -33.01
C VAL D 100 -9.95 -12.22 -34.50
N TYR D 101 -10.80 -11.26 -34.85
CA TYR D 101 -11.16 -11.04 -36.24
C TYR D 101 -11.34 -9.55 -36.46
N LYS D 102 -10.81 -9.06 -37.58
CA LYS D 102 -10.85 -7.65 -37.92
C LYS D 102 -11.62 -7.45 -39.21
N LYS D 103 -12.20 -6.26 -39.37
CA LYS D 103 -12.91 -5.92 -40.59
C LYS D 103 -11.92 -5.89 -41.75
N ASN D 104 -12.01 -6.89 -42.63
CA ASN D 104 -11.07 -7.00 -43.73
C ASN D 104 -11.21 -5.80 -44.66
N ILE D 105 -10.08 -5.34 -45.20
CA ILE D 105 -10.05 -4.18 -46.07
C ILE D 105 -9.45 -4.49 -47.44
N VAL D 106 -9.10 -5.74 -47.70
CA VAL D 106 -8.57 -6.12 -49.01
C VAL D 106 -9.69 -5.94 -50.04
N PRO D 107 -9.47 -5.16 -51.09
CA PRO D 107 -10.53 -4.97 -52.08
C PRO D 107 -10.78 -6.23 -52.88
N HIS D 108 -12.02 -6.40 -53.31
CA HIS D 108 -12.38 -7.55 -54.13
C HIS D 108 -11.70 -7.45 -55.48
N ILE D 109 -11.10 -8.56 -55.92
CA ILE D 109 -10.38 -8.60 -57.19
C ILE D 109 -11.05 -9.60 -58.10
N PHE D 110 -10.95 -9.36 -59.40
CA PHE D 110 -11.38 -10.33 -60.40
C PHE D 110 -10.82 -9.90 -61.75
N LYS D 111 -11.13 -10.68 -62.78
CA LYS D 111 -10.67 -10.41 -64.13
C LYS D 111 -11.83 -9.93 -64.99
N VAL D 112 -11.48 -9.35 -66.13
CA VAL D 112 -12.46 -8.74 -67.02
C VAL D 112 -11.89 -8.78 -68.43
N ARG D 113 -12.78 -8.81 -69.43
CA ARG D 113 -12.38 -8.80 -70.82
C ARG D 113 -13.15 -7.69 -71.53
N ARG D 114 -12.42 -6.84 -72.26
CA ARG D 114 -12.99 -5.68 -72.90
C ARG D 114 -12.75 -5.73 -74.40
N TYR D 115 -13.76 -5.30 -75.16
CA TYR D 115 -13.72 -5.27 -76.61
C TYR D 115 -13.92 -3.85 -77.09
N ARG D 116 -13.14 -3.45 -78.09
CA ARG D 116 -13.19 -2.10 -78.63
C ARG D 116 -13.06 -2.13 -80.13
N LYS D 117 -13.67 -1.14 -80.78
CA LYS D 117 -13.56 -0.94 -82.22
C LYS D 117 -12.94 0.42 -82.48
N ILE D 118 -11.90 0.46 -83.30
CA ILE D 118 -11.16 1.68 -83.58
C ILE D 118 -11.15 1.90 -85.08
N ALA D 119 -11.43 3.13 -85.51
CA ALA D 119 -11.36 3.51 -86.91
C ALA D 119 -10.45 4.71 -87.04
N THR D 120 -9.53 4.68 -88.00
CA THR D 120 -8.59 5.78 -88.18
C THR D 120 -8.23 5.87 -89.67
N SER D 121 -7.76 7.05 -90.07
CA SER D 121 -7.32 7.28 -91.43
C SER D 121 -6.03 8.08 -91.41
N VAL D 122 -5.35 8.12 -92.55
CA VAL D 122 -4.12 8.87 -92.73
C VAL D 122 -4.29 9.77 -93.95
N THR D 123 -3.92 11.05 -93.80
CA THR D 123 -4.01 12.04 -94.88
C THR D 123 -2.65 12.73 -95.00
N VAL D 124 -1.72 12.10 -95.72
CA VAL D 124 -0.42 12.72 -95.96
C VAL D 124 -0.01 12.58 -97.41
N TYR D 125 -0.38 13.56 -98.24
CA TYR D 125 0.20 13.69 -99.58
C TYR D 125 0.37 15.16 -99.96
N ARG D 126 0.58 16.03 -98.98
CA ARG D 126 0.57 17.47 -99.22
C ARG D 126 1.61 17.86 -100.26
N GLY D 127 1.29 18.90 -101.03
CA GLY D 127 2.11 19.26 -102.17
C GLY D 127 2.08 18.17 -103.21
N HIS D 128 3.20 17.45 -103.35
CA HIS D 128 3.21 16.23 -104.14
C HIS D 128 3.01 15.02 -103.23
N ARG D 129 3.88 14.84 -102.25
CA ARG D 129 3.78 13.74 -101.30
C ARG D 129 4.39 14.18 -99.98
N GLU D 130 3.60 14.10 -98.90
CA GLU D 130 4.05 14.48 -97.57
C GLU D 130 3.88 13.31 -96.62
N SER D 131 4.38 13.51 -95.39
CA SER D 131 4.32 12.48 -94.35
C SER D 131 3.67 13.08 -93.11
N ALA D 132 2.69 12.35 -92.56
CA ALA D 132 1.99 12.74 -91.33
C ALA D 132 1.44 14.16 -91.44
N ILE D 133 0.84 14.48 -92.58
CA ILE D 133 0.30 15.83 -92.78
C ILE D 133 -0.84 16.10 -91.81
N THR D 134 -1.76 15.15 -91.68
CA THR D 134 -2.90 15.32 -90.77
C THR D 134 -3.46 13.95 -90.42
N ASN D 135 -3.34 13.57 -89.15
CA ASN D 135 -3.93 12.33 -88.68
C ASN D 135 -5.44 12.48 -88.52
N LYS D 136 -6.15 11.38 -88.73
CA LYS D 136 -7.61 11.40 -88.64
C LYS D 136 -8.04 11.46 -87.18
N TYR D 137 -9.37 11.52 -86.98
CA TYR D 137 -9.92 11.62 -85.64
C TYR D 137 -9.63 10.41 -84.78
N GLU D 138 -9.36 9.25 -85.40
CA GLU D 138 -9.09 8.01 -84.67
C GLU D 138 -10.24 7.67 -83.72
N LEU D 139 -11.46 7.84 -84.20
CA LEU D 139 -12.63 7.66 -83.35
C LEU D 139 -12.79 6.19 -82.96
N PRO D 140 -12.89 5.86 -81.67
CA PRO D 140 -13.18 4.50 -81.27
C PRO D 140 -14.68 4.26 -81.09
N ARG D 141 -15.05 2.98 -81.19
CA ARG D 141 -16.45 2.60 -81.10
C ARG D 141 -16.58 1.32 -80.29
N PRO D 142 -17.72 1.08 -79.67
CA PRO D 142 -17.95 -0.18 -78.98
C PRO D 142 -18.08 -1.34 -79.97
N VAL D 143 -17.85 -2.54 -79.46
CA VAL D 143 -17.93 -3.76 -80.24
C VAL D 143 -19.40 -4.04 -80.59
N PRO D 144 -19.69 -4.78 -81.66
CA PRO D 144 -21.09 -5.06 -82.01
C PRO D 144 -21.71 -6.07 -81.06
N LEU D 145 -22.99 -5.90 -80.78
CA LEU D 145 -23.70 -6.80 -79.86
C LEU D 145 -23.85 -8.18 -80.47
N TYR D 146 -23.19 -9.15 -79.84
CA TYR D 146 -23.33 -10.57 -80.15
C TYR D 146 -22.68 -10.93 -81.49
N GLU D 147 -22.25 -9.92 -82.24
CA GLU D 147 -21.44 -10.18 -83.43
C GLU D 147 -19.97 -10.33 -83.04
N ILE D 148 -19.48 -9.42 -82.19
CA ILE D 148 -18.17 -9.60 -81.60
C ILE D 148 -18.15 -10.84 -80.72
N SER D 149 -19.25 -11.13 -80.03
CA SER D 149 -19.35 -12.37 -79.28
C SER D 149 -19.22 -13.58 -80.21
N HIS D 150 -19.86 -13.51 -81.38
CA HIS D 150 -19.64 -14.54 -82.39
C HIS D 150 -18.17 -14.56 -82.81
N MET D 151 -17.58 -13.38 -83.00
CA MET D 151 -16.14 -13.32 -83.22
C MET D 151 -15.38 -13.82 -81.99
N ASP D 152 -15.86 -13.45 -80.80
CA ASP D 152 -15.28 -14.00 -79.58
C ASP D 152 -15.48 -15.50 -79.50
N SER D 153 -16.65 -15.98 -79.96
CA SER D 153 -16.87 -17.42 -80.04
C SER D 153 -15.83 -18.07 -80.95
N THR D 154 -15.57 -17.46 -82.10
CA THR D 154 -14.44 -17.90 -82.92
C THR D 154 -13.12 -17.63 -82.22
N TYR D 155 -12.96 -16.42 -81.65
CA TYR D 155 -11.77 -16.01 -80.91
C TYR D 155 -10.52 -16.05 -81.79
N GLN D 156 -10.71 -16.27 -83.09
CA GLN D 156 -9.61 -16.30 -84.05
C GLN D 156 -9.76 -15.23 -85.11
N CYS D 157 -10.96 -15.08 -85.68
CA CYS D 157 -11.24 -14.07 -86.68
C CYS D 157 -12.42 -13.23 -86.23
N PHE D 158 -12.30 -11.91 -86.42
CA PHE D 158 -13.34 -10.96 -86.05
C PHE D 158 -13.77 -10.17 -87.28
N SER D 159 -15.06 -9.84 -87.35
CA SER D 159 -15.59 -9.10 -88.48
C SER D 159 -14.95 -7.71 -88.55
N SER D 160 -14.56 -7.31 -89.76
CA SER D 160 -13.95 -6.02 -90.02
C SER D 160 -14.92 -5.13 -90.78
N MET D 161 -14.44 -3.94 -91.15
CA MET D 161 -15.20 -2.98 -91.95
C MET D 161 -16.52 -2.61 -91.25
N LYS D 162 -16.38 -2.02 -90.07
CA LYS D 162 -17.55 -1.62 -89.30
C LYS D 162 -18.27 -0.48 -90.00
N VAL D 163 -19.57 -0.65 -90.20
CA VAL D 163 -20.41 0.40 -90.79
C VAL D 163 -21.21 1.06 -89.67
N ASN D 164 -20.66 2.16 -89.14
CA ASN D 164 -21.26 2.79 -87.97
C ASN D 164 -20.72 4.19 -87.72
N VAL D 165 -21.61 5.16 -87.55
CA VAL D 165 -21.24 6.51 -87.14
C VAL D 165 -22.51 7.19 -86.65
N ASN D 166 -22.34 8.20 -85.79
CA ASN D 166 -23.50 8.92 -85.27
C ASN D 166 -24.26 9.62 -86.39
N GLY D 167 -23.53 10.30 -87.28
CA GLY D 167 -24.19 10.98 -88.38
C GLY D 167 -24.87 10.02 -89.34
N VAL D 168 -24.13 9.02 -89.81
CA VAL D 168 -24.66 8.03 -90.73
C VAL D 168 -23.77 6.79 -90.68
N GLU D 169 -24.41 5.63 -90.61
CA GLU D 169 -23.68 4.36 -90.61
C GLU D 169 -22.88 4.23 -91.91
N ASN D 170 -21.56 4.24 -91.80
CA ASN D 170 -20.67 4.22 -92.95
C ASN D 170 -19.52 3.26 -92.71
N THR D 171 -19.17 2.49 -93.72
CA THR D 171 -18.09 1.52 -93.60
C THR D 171 -16.74 2.22 -93.70
N PHE D 172 -15.89 2.01 -92.71
CA PHE D 172 -14.51 2.46 -92.73
C PHE D 172 -13.60 1.25 -92.63
N THR D 173 -12.71 1.09 -93.60
CA THR D 173 -11.85 -0.09 -93.67
C THR D 173 -10.80 0.15 -94.75
N ASP D 174 -10.08 -0.92 -95.09
CA ASP D 174 -9.21 -0.97 -96.26
C ASP D 174 -9.93 -1.62 -97.44
N ARG D 175 -11.20 -1.27 -97.61
CA ARG D 175 -12.10 -1.86 -98.60
C ARG D 175 -12.37 -3.34 -98.32
N ASP D 176 -12.97 -3.62 -97.17
CA ASP D 176 -13.43 -4.95 -96.79
C ASP D 176 -14.95 -4.90 -96.60
N ASP D 177 -15.52 -6.00 -96.14
CA ASP D 177 -16.96 -6.12 -95.92
C ASP D 177 -17.26 -6.18 -94.43
N VAL D 178 -18.50 -5.83 -94.08
CA VAL D 178 -18.88 -5.69 -92.68
C VAL D 178 -18.91 -7.04 -91.98
N ASN D 179 -19.44 -8.08 -92.64
CA ASN D 179 -19.62 -9.37 -91.99
C ASN D 179 -18.48 -10.34 -92.27
N THR D 180 -17.53 -9.97 -93.13
CA THR D 180 -16.36 -10.83 -93.32
C THR D 180 -15.37 -10.60 -92.19
N THR D 181 -14.65 -11.66 -91.82
CA THR D 181 -13.79 -11.64 -90.65
C THR D 181 -12.33 -11.76 -91.05
N VAL D 182 -11.48 -11.03 -90.36
CA VAL D 182 -10.03 -11.13 -90.48
C VAL D 182 -9.48 -11.71 -89.18
N PHE D 183 -8.45 -12.54 -89.29
CA PHE D 183 -7.94 -13.24 -88.13
C PHE D 183 -7.39 -12.27 -87.10
N LEU D 184 -7.72 -12.49 -85.83
CA LEU D 184 -7.13 -11.69 -84.76
C LEU D 184 -5.65 -12.00 -84.63
N GLN D 185 -4.91 -11.01 -84.13
CA GLN D 185 -3.48 -11.16 -83.93
C GLN D 185 -3.17 -11.23 -82.44
N PRO D 186 -2.90 -12.40 -81.89
CA PRO D 186 -2.45 -12.46 -80.49
C PRO D 186 -1.03 -11.93 -80.36
N VAL D 187 -0.89 -10.73 -79.81
CA VAL D 187 0.39 -10.04 -79.77
C VAL D 187 0.99 -10.17 -78.38
N GLU D 188 2.30 -10.05 -78.31
CA GLU D 188 3.02 -9.98 -77.05
C GLU D 188 3.11 -8.53 -76.60
N GLY D 189 3.77 -8.31 -75.47
CA GLY D 189 3.95 -6.97 -74.96
C GLY D 189 4.56 -6.99 -73.58
N LEU D 190 4.90 -5.80 -73.11
CA LEU D 190 5.49 -5.64 -71.77
C LEU D 190 4.38 -5.43 -70.74
N THR D 191 3.53 -6.45 -70.63
CA THR D 191 2.41 -6.43 -69.70
C THR D 191 2.16 -7.84 -69.22
N ASP D 192 2.44 -8.11 -67.95
CA ASP D 192 2.24 -9.42 -67.35
C ASP D 192 0.79 -9.72 -67.04
N ASN D 193 -0.14 -8.89 -67.51
CA ASN D 193 -1.54 -9.09 -67.20
C ASN D 193 -2.48 -8.92 -68.38
N ILE D 194 -1.98 -8.55 -69.56
CA ILE D 194 -2.81 -8.33 -70.74
C ILE D 194 -2.28 -9.20 -71.88
N GLN D 195 -3.15 -10.07 -72.41
CA GLN D 195 -2.87 -10.79 -73.65
C GLN D 195 -3.63 -10.07 -74.77
N ARG D 196 -3.07 -8.94 -75.20
CA ARG D 196 -3.75 -8.10 -76.17
C ARG D 196 -3.96 -8.82 -77.49
N TYR D 197 -5.13 -8.59 -78.08
CA TYR D 197 -5.55 -9.26 -79.31
C TYR D 197 -5.97 -8.20 -80.31
N PHE D 198 -5.37 -8.23 -81.50
CA PHE D 198 -5.53 -7.17 -82.48
C PHE D 198 -6.10 -7.71 -83.78
N SER D 199 -6.94 -6.90 -84.42
CA SER D 199 -7.34 -7.09 -85.81
C SER D 199 -6.79 -5.92 -86.61
N GLN D 200 -6.07 -6.22 -87.69
CA GLN D 200 -5.36 -5.21 -88.48
C GLN D 200 -4.44 -4.45 -87.55
N PRO D 201 -3.36 -5.08 -87.02
CA PRO D 201 -2.41 -4.40 -86.14
C PRO D 201 -1.49 -3.50 -86.98
N VAL D 202 -1.97 -3.08 -88.15
CA VAL D 202 -1.17 -2.20 -89.05
C VAL D 202 -1.92 -0.89 -89.25
N ILE D 203 -1.18 0.19 -89.57
CA ILE D 203 -1.82 1.52 -89.81
C ILE D 203 -2.50 1.50 -91.18
N TYR D 204 -3.10 2.63 -91.58
CA TYR D 204 -3.79 2.71 -92.90
C TYR D 204 -2.77 2.51 -94.02
N ALA D 205 -3.25 2.39 -95.27
CA ALA D 205 -2.35 2.16 -96.41
C ALA D 205 -1.32 3.29 -96.50
N GLU D 206 -1.73 4.52 -96.25
CA GLU D 206 -0.81 5.68 -96.30
C GLU D 206 -0.01 5.62 -97.61
N PRO D 207 -0.65 5.70 -98.79
CA PRO D 207 0.05 5.57 -100.07
C PRO D 207 1.12 6.66 -100.26
N GLY D 208 0.83 7.88 -99.79
CA GLY D 208 1.77 9.00 -99.96
C GLY D 208 2.17 9.19 -101.41
N ARG D 209 1.25 8.90 -102.33
CA ARG D 209 1.52 9.07 -103.76
C ARG D 209 1.53 10.55 -104.11
N VAL D 210 1.63 10.85 -105.40
CA VAL D 210 1.64 12.24 -105.86
C VAL D 210 0.22 12.75 -105.95
N GLU D 211 -0.28 13.30 -104.85
CA GLU D 211 -1.63 13.83 -104.78
C GLU D 211 -1.58 15.30 -104.37
N ALA D 212 -2.59 16.06 -104.81
CA ALA D 212 -2.61 17.50 -104.52
C ALA D 212 -2.81 17.77 -103.03
N THR D 213 -3.83 17.15 -102.43
CA THR D 213 -4.18 17.47 -101.05
C THR D 213 -3.54 16.51 -100.04
N TYR D 214 -3.92 15.24 -100.10
CA TYR D 214 -3.49 14.25 -99.13
C TYR D 214 -4.02 12.88 -99.54
N ARG D 215 -3.58 11.86 -98.82
CA ARG D 215 -4.10 10.51 -98.98
C ARG D 215 -5.39 10.34 -98.17
N VAL D 216 -6.06 9.21 -98.38
CA VAL D 216 -7.33 8.97 -97.71
C VAL D 216 -7.39 7.55 -97.11
N ARG D 217 -6.24 6.88 -97.06
CA ARG D 217 -6.21 5.49 -96.60
C ARG D 217 -6.68 5.38 -95.15
N THR D 218 -7.46 4.34 -94.87
CA THR D 218 -8.02 4.11 -93.55
C THR D 218 -7.79 2.67 -93.11
N THR D 219 -7.76 2.46 -91.80
CA THR D 219 -7.76 1.13 -91.20
C THR D 219 -8.62 1.12 -89.94
N VAL D 220 -9.20 -0.04 -89.66
CA VAL D 220 -9.93 -0.27 -88.43
C VAL D 220 -9.20 -1.33 -87.61
N ASN D 221 -9.70 -1.57 -86.41
CA ASN D 221 -9.06 -2.49 -85.48
C ASN D 221 -10.07 -2.98 -84.47
N CYS D 222 -10.21 -4.30 -84.38
CA CYS D 222 -10.90 -4.93 -83.26
C CYS D 222 -9.86 -5.21 -82.18
N GLU D 223 -10.10 -4.70 -80.98
CA GLU D 223 -9.15 -4.80 -79.87
C GLU D 223 -9.81 -5.60 -78.76
N ILE D 224 -9.15 -6.69 -78.35
CA ILE D 224 -9.61 -7.53 -77.25
C ILE D 224 -8.54 -7.51 -76.17
N VAL D 225 -8.93 -7.11 -74.96
CA VAL D 225 -7.99 -6.98 -73.86
C VAL D 225 -8.52 -7.76 -72.67
N ASP D 226 -7.62 -8.38 -71.93
CA ASP D 226 -7.94 -9.08 -70.69
C ASP D 226 -7.22 -8.38 -69.54
N MET D 227 -7.99 -7.72 -68.68
CA MET D 227 -7.43 -6.91 -67.61
C MET D 227 -7.97 -7.38 -66.26
N ILE D 228 -7.56 -6.68 -65.21
CA ILE D 228 -7.93 -7.00 -63.84
C ILE D 228 -8.70 -5.82 -63.26
N ALA D 229 -9.72 -6.10 -62.48
CA ALA D 229 -10.56 -5.07 -61.89
C ALA D 229 -10.71 -5.30 -60.39
N ARG D 230 -10.84 -4.20 -59.66
CA ARG D 230 -10.96 -4.21 -58.22
C ARG D 230 -12.14 -3.36 -57.77
N SER D 231 -12.75 -3.78 -56.68
CA SER D 231 -13.94 -3.13 -56.12
C SER D 231 -13.78 -2.99 -54.61
N ALA D 232 -14.48 -2.02 -54.06
CA ALA D 232 -14.45 -1.77 -52.62
C ALA D 232 -15.39 -2.71 -51.89
N GLU D 233 -15.45 -2.54 -50.57
CA GLU D 233 -16.32 -3.38 -49.75
C GLU D 233 -17.79 -3.31 -50.15
N PRO D 234 -18.40 -2.14 -50.35
CA PRO D 234 -19.82 -2.13 -50.73
C PRO D 234 -20.10 -2.80 -52.06
N TYR D 235 -19.10 -2.92 -52.92
CA TYR D 235 -19.22 -3.67 -54.18
C TYR D 235 -20.35 -3.14 -55.05
N ASN D 236 -20.54 -1.82 -55.04
CA ASN D 236 -21.50 -1.18 -55.91
C ASN D 236 -20.89 -0.62 -57.18
N TYR D 237 -19.57 -0.48 -57.22
CA TYR D 237 -18.85 0.01 -58.38
C TYR D 237 -17.39 -0.40 -58.26
N PHE D 238 -16.68 -0.38 -59.38
CA PHE D 238 -15.33 -0.92 -59.40
C PHE D 238 -14.54 -0.24 -60.52
N VAL D 239 -13.24 -0.51 -60.55
CA VAL D 239 -12.32 0.12 -61.50
C VAL D 239 -11.36 -0.94 -62.01
N THR D 240 -11.11 -0.92 -63.31
CA THR D 240 -10.20 -1.88 -63.91
C THR D 240 -8.76 -1.41 -63.81
N SER D 241 -7.83 -2.36 -63.99
CA SER D 241 -6.41 -2.02 -63.99
C SER D 241 -6.06 -1.11 -65.17
N LEU D 242 -6.81 -1.20 -66.26
CA LEU D 242 -6.56 -0.35 -67.42
C LEU D 242 -6.80 1.12 -67.14
N GLY D 243 -7.45 1.45 -66.04
CA GLY D 243 -7.73 2.83 -65.68
C GLY D 243 -9.15 3.27 -65.92
N ASP D 244 -9.95 2.47 -66.63
CA ASP D 244 -11.34 2.84 -66.86
C ASP D 244 -12.14 2.75 -65.57
N THR D 245 -13.26 3.46 -65.55
CA THR D 245 -14.12 3.53 -64.38
C THR D 245 -15.55 3.20 -64.79
N VAL D 246 -16.28 2.54 -63.88
CA VAL D 246 -17.65 2.12 -64.13
C VAL D 246 -18.39 2.10 -62.81
N GLU D 247 -19.67 2.46 -62.85
CA GLU D 247 -20.49 2.65 -61.66
C GLU D 247 -21.55 1.58 -61.52
N VAL D 248 -21.20 0.32 -61.81
CA VAL D 248 -22.13 -0.79 -61.68
C VAL D 248 -21.55 -1.81 -60.71
N SER D 249 -22.43 -2.53 -60.05
CA SER D 249 -22.01 -3.53 -59.07
C SER D 249 -21.47 -4.76 -59.77
N PRO D 250 -20.27 -5.23 -59.40
CA PRO D 250 -19.77 -6.48 -60.00
C PRO D 250 -20.68 -7.67 -59.72
N PHE D 251 -21.41 -7.65 -58.62
CA PHE D 251 -22.38 -8.69 -58.33
C PHE D 251 -23.75 -8.23 -58.82
N CYS D 252 -24.29 -8.94 -59.81
CA CYS D 252 -25.57 -8.60 -60.40
C CYS D 252 -26.02 -9.77 -61.27
N TYR D 253 -27.33 -10.04 -61.27
CA TYR D 253 -27.92 -11.19 -61.96
C TYR D 253 -27.26 -12.50 -61.56
N ASN D 254 -26.63 -12.52 -60.38
CA ASN D 254 -26.03 -13.73 -59.81
C ASN D 254 -26.43 -13.73 -58.34
N GLU D 255 -27.58 -14.34 -58.03
CA GLU D 255 -28.19 -14.26 -56.71
C GLU D 255 -28.43 -12.82 -56.29
N SER D 256 -28.50 -11.91 -57.27
CA SER D 256 -28.62 -10.48 -57.00
C SER D 256 -29.41 -9.83 -58.12
N SER D 257 -29.89 -8.63 -57.83
CA SER D 257 -30.75 -7.89 -58.76
C SER D 257 -29.90 -6.97 -59.64
N CYS D 258 -30.56 -6.05 -60.34
CA CYS D 258 -29.95 -4.97 -61.11
C CYS D 258 -29.29 -5.45 -62.40
N SER D 259 -29.61 -6.66 -62.85
CA SER D 259 -29.12 -7.13 -64.14
C SER D 259 -30.01 -8.26 -64.65
N THR D 260 -30.13 -8.33 -65.96
CA THR D 260 -30.97 -9.34 -66.61
C THR D 260 -30.48 -9.54 -68.04
N THR D 261 -30.93 -10.63 -68.65
CA THR D 261 -30.52 -10.95 -70.01
C THR D 261 -30.76 -9.82 -71.02
N PRO D 262 -31.89 -9.11 -71.02
CA PRO D 262 -32.03 -7.99 -71.96
C PRO D 262 -31.05 -6.88 -71.65
N SER D 263 -30.68 -6.13 -72.68
CA SER D 263 -29.77 -4.98 -72.55
C SER D 263 -30.61 -3.75 -72.26
N ASN D 264 -30.45 -3.19 -71.05
CA ASN D 264 -31.16 -1.98 -70.68
C ASN D 264 -30.46 -1.34 -69.49
N LYS D 265 -30.04 -0.08 -69.65
CA LYS D 265 -29.43 0.69 -68.59
C LYS D 265 -29.30 2.13 -69.07
N ASN D 266 -29.01 3.03 -68.13
CA ASN D 266 -28.82 4.45 -68.45
C ASN D 266 -27.36 4.67 -68.81
N GLY D 267 -27.09 4.66 -70.11
CA GLY D 267 -25.75 4.82 -70.62
C GLY D 267 -24.91 3.57 -70.62
N LEU D 268 -25.50 2.42 -70.31
CA LEU D 268 -24.77 1.15 -70.27
C LEU D 268 -25.73 0.04 -70.69
N SER D 269 -25.29 -1.21 -70.51
CA SER D 269 -26.12 -2.37 -70.79
C SER D 269 -25.96 -3.37 -69.66
N VAL D 270 -27.07 -4.01 -69.28
CA VAL D 270 -27.09 -4.95 -68.18
C VAL D 270 -27.25 -6.38 -68.67
N GLN D 271 -27.06 -6.62 -69.96
CA GLN D 271 -27.29 -7.94 -70.54
C GLN D 271 -26.38 -8.99 -69.92
N VAL D 272 -26.95 -10.16 -69.66
CA VAL D 272 -26.20 -11.33 -69.22
C VAL D 272 -26.65 -12.50 -70.11
N VAL D 273 -25.69 -13.13 -70.77
CA VAL D 273 -25.98 -14.31 -71.59
C VAL D 273 -25.65 -15.56 -70.79
N LEU D 274 -26.62 -16.46 -70.69
CA LEU D 274 -26.45 -17.71 -69.98
C LEU D 274 -25.73 -18.73 -70.86
N ASN D 275 -24.83 -19.49 -70.25
CA ASN D 275 -24.07 -20.53 -70.95
C ASN D 275 -23.36 -19.97 -72.18
N HIS D 276 -22.75 -18.79 -72.01
CA HIS D 276 -22.12 -18.12 -73.13
C HIS D 276 -20.96 -18.94 -73.70
N THR D 277 -20.15 -19.53 -72.81
CA THR D 277 -19.03 -20.38 -73.20
C THR D 277 -18.04 -19.62 -74.08
N VAL D 278 -17.45 -18.58 -73.50
CA VAL D 278 -16.39 -17.84 -74.19
C VAL D 278 -15.23 -18.78 -74.46
N VAL D 279 -14.68 -18.71 -75.67
CA VAL D 279 -13.70 -19.67 -76.17
C VAL D 279 -12.52 -19.82 -75.21
N THR D 280 -12.32 -18.82 -74.35
CA THR D 280 -11.42 -18.90 -73.20
C THR D 280 -9.96 -18.90 -73.61
N TYR D 281 -9.68 -18.95 -74.91
CA TYR D 281 -8.30 -18.79 -75.39
C TYR D 281 -8.37 -18.34 -76.85
N SER D 282 -8.19 -17.03 -77.05
CA SER D 282 -8.23 -16.49 -78.41
C SER D 282 -6.99 -16.90 -79.20
N ASP D 283 -5.82 -16.91 -78.55
CA ASP D 283 -4.59 -17.27 -79.25
C ASP D 283 -4.64 -18.72 -79.74
N ARG D 284 -5.12 -19.63 -78.90
CA ARG D 284 -5.23 -21.06 -79.24
C ARG D 284 -6.59 -21.55 -78.77
N GLY D 285 -7.57 -21.55 -79.68
CA GLY D 285 -8.93 -21.96 -79.38
C GLY D 285 -9.04 -23.20 -78.50
N THR D 286 -9.91 -23.12 -77.50
CA THR D 286 -10.05 -24.17 -76.51
C THR D 286 -11.50 -24.65 -76.45
N SER D 287 -11.80 -25.53 -75.49
CA SER D 287 -13.13 -26.08 -75.27
C SER D 287 -13.60 -25.61 -73.91
N PRO D 288 -14.41 -24.56 -73.84
CA PRO D 288 -14.80 -24.00 -72.55
C PRO D 288 -16.11 -24.55 -72.01
N THR D 289 -16.37 -24.26 -70.73
CA THR D 289 -17.65 -24.61 -70.12
C THR D 289 -18.72 -23.58 -70.50
N PRO D 290 -19.96 -24.01 -70.66
CA PRO D 290 -21.06 -23.07 -70.93
C PRO D 290 -21.52 -22.34 -69.67
N GLN D 291 -20.78 -21.31 -69.30
CA GLN D 291 -21.09 -20.50 -68.13
C GLN D 291 -21.74 -19.18 -68.54
N ASN D 292 -22.56 -18.64 -67.64
CA ASN D 292 -23.16 -17.34 -67.86
C ASN D 292 -22.10 -16.24 -67.75
N ARG D 293 -22.40 -15.10 -68.37
CA ARG D 293 -21.47 -13.98 -68.38
C ARG D 293 -22.25 -12.71 -68.65
N ILE D 294 -21.89 -11.64 -67.95
CA ILE D 294 -22.58 -10.36 -68.07
C ILE D 294 -21.70 -9.39 -68.84
N PHE D 295 -22.32 -8.72 -69.83
CA PHE D 295 -21.63 -7.76 -70.68
C PHE D 295 -22.28 -6.39 -70.51
N VAL D 296 -21.46 -5.36 -70.66
CA VAL D 296 -21.91 -3.97 -70.54
C VAL D 296 -21.40 -3.21 -71.76
N GLU D 297 -22.30 -2.50 -72.43
CA GLU D 297 -21.93 -1.70 -73.60
C GLU D 297 -21.71 -0.25 -73.16
N THR D 298 -20.52 0.26 -73.45
CA THR D 298 -20.14 1.61 -73.08
C THR D 298 -20.20 2.52 -74.30
N GLY D 299 -19.87 3.80 -74.08
CA GLY D 299 -19.86 4.75 -75.17
C GLY D 299 -18.78 4.50 -76.20
N ALA D 300 -17.71 3.79 -75.83
CA ALA D 300 -16.60 3.54 -76.73
C ALA D 300 -16.12 2.10 -76.74
N TYR D 301 -16.65 1.23 -75.89
CA TYR D 301 -16.16 -0.13 -75.77
C TYR D 301 -17.20 -0.97 -75.06
N THR D 302 -16.83 -2.21 -74.72
CA THR D 302 -17.73 -3.16 -74.08
C THR D 302 -16.95 -3.98 -73.06
N LEU D 303 -17.41 -3.99 -71.82
CA LEU D 303 -16.81 -4.79 -70.77
C LEU D 303 -17.56 -6.11 -70.63
N SER D 304 -16.86 -7.11 -70.09
CA SER D 304 -17.43 -8.45 -69.99
C SER D 304 -16.80 -9.17 -68.81
N TRP D 305 -17.64 -9.78 -67.97
CA TRP D 305 -17.08 -10.54 -66.86
C TRP D 305 -18.10 -11.59 -66.41
N ALA D 306 -17.59 -12.61 -65.72
CA ALA D 306 -18.44 -13.67 -65.21
C ALA D 306 -19.15 -13.21 -63.94
N SER D 307 -20.46 -13.42 -63.88
CA SER D 307 -21.26 -12.99 -62.75
C SER D 307 -21.02 -13.90 -61.55
N GLU D 308 -21.12 -13.33 -60.36
CA GLU D 308 -20.95 -14.08 -59.12
C GLU D 308 -21.69 -13.35 -58.00
N SER D 309 -22.17 -14.13 -57.04
CA SER D 309 -22.94 -13.57 -55.95
C SER D 309 -22.04 -12.86 -54.93
N LYS D 310 -22.63 -11.89 -54.23
CA LYS D 310 -21.89 -11.23 -53.14
C LYS D 310 -21.49 -12.24 -52.08
N THR D 311 -22.42 -13.13 -51.71
CA THR D 311 -22.06 -14.23 -50.83
C THR D 311 -21.12 -15.19 -51.55
N THR D 312 -20.34 -15.92 -50.76
CA THR D 312 -19.35 -16.89 -51.23
C THR D 312 -18.28 -16.25 -52.10
N ALA D 313 -18.21 -14.92 -52.16
CA ALA D 313 -17.16 -14.23 -52.90
C ALA D 313 -16.26 -13.43 -51.98
N VAL D 314 -16.82 -12.55 -51.15
CA VAL D 314 -16.05 -11.72 -50.23
C VAL D 314 -16.70 -11.77 -48.86
N CYS D 315 -15.87 -11.93 -47.82
CA CYS D 315 -16.35 -12.03 -46.46
C CYS D 315 -15.58 -11.02 -45.62
N PRO D 316 -16.24 -10.05 -44.99
CA PRO D 316 -15.55 -8.86 -44.49
C PRO D 316 -14.67 -9.09 -43.26
N LEU D 317 -14.52 -10.33 -42.81
CA LEU D 317 -13.71 -10.62 -41.64
C LEU D 317 -12.55 -11.52 -42.00
N ALA D 318 -11.38 -11.21 -41.46
CA ALA D 318 -10.16 -11.97 -41.68
C ALA D 318 -9.46 -12.19 -40.35
N LEU D 319 -8.87 -13.37 -40.19
CA LEU D 319 -8.19 -13.71 -38.95
C LEU D 319 -6.96 -12.83 -38.76
N TRP D 320 -6.70 -12.44 -37.51
CA TRP D 320 -5.54 -11.63 -37.16
C TRP D 320 -4.55 -12.40 -36.31
N LYS D 321 -4.98 -12.93 -35.16
CA LYS D 321 -4.09 -13.63 -34.27
C LYS D 321 -4.86 -14.76 -33.59
N THR D 322 -4.10 -15.73 -33.09
CA THR D 322 -4.64 -16.80 -32.26
C THR D 322 -3.98 -16.74 -30.89
N PHE D 323 -4.64 -17.33 -29.90
CA PHE D 323 -4.15 -17.28 -28.52
C PHE D 323 -4.59 -18.55 -27.81
N PRO D 324 -3.69 -19.51 -27.65
CA PRO D 324 -4.06 -20.75 -26.93
C PRO D 324 -4.41 -20.50 -25.47
N ARG D 325 -3.83 -19.50 -24.84
CA ARG D 325 -4.03 -19.23 -23.42
C ARG D 325 -4.63 -17.85 -23.26
N SER D 326 -5.78 -17.76 -22.60
CA SER D 326 -6.46 -16.49 -22.38
C SER D 326 -7.39 -16.64 -21.19
N ILE D 327 -7.16 -15.87 -20.14
CA ILE D 327 -7.91 -16.00 -18.90
C ILE D 327 -9.13 -15.07 -18.99
N GLN D 328 -10.28 -15.66 -19.28
CA GLN D 328 -11.53 -14.91 -19.33
C GLN D 328 -11.98 -14.60 -17.92
N THR D 329 -11.80 -13.36 -17.48
CA THR D 329 -12.19 -12.91 -16.15
C THR D 329 -13.40 -12.00 -16.26
N THR D 330 -14.41 -12.23 -15.44
CA THR D 330 -15.61 -11.42 -15.47
C THR D 330 -15.37 -10.08 -14.78
N HIS D 331 -16.42 -9.28 -14.70
CA HIS D 331 -16.37 -7.98 -14.06
C HIS D 331 -17.80 -7.60 -13.67
N GLU D 332 -18.02 -6.32 -13.36
CA GLU D 332 -19.33 -5.88 -12.91
C GLU D 332 -20.41 -6.21 -13.93
N ASP D 333 -20.18 -5.86 -15.19
CA ASP D 333 -21.17 -6.13 -16.23
C ASP D 333 -20.57 -6.53 -17.57
N SER D 334 -19.25 -6.73 -17.64
CA SER D 334 -18.60 -7.03 -18.92
C SER D 334 -17.49 -8.04 -18.68
N PHE D 335 -17.03 -8.65 -19.76
CA PHE D 335 -15.98 -9.64 -19.68
C PHE D 335 -14.62 -8.97 -19.87
N HIS D 336 -13.56 -9.78 -19.77
CA HIS D 336 -12.20 -9.30 -19.92
C HIS D 336 -11.35 -10.46 -20.42
N PHE D 337 -10.99 -10.42 -21.69
CA PHE D 337 -10.14 -11.45 -22.28
C PHE D 337 -8.72 -10.91 -22.36
N VAL D 338 -7.76 -11.70 -21.87
CA VAL D 338 -6.39 -11.25 -21.72
C VAL D 338 -5.51 -12.05 -22.68
N ALA D 339 -4.66 -11.34 -23.43
CA ALA D 339 -3.66 -11.97 -24.29
C ALA D 339 -2.33 -11.30 -23.99
N ASN D 340 -1.52 -11.93 -23.15
CA ASN D 340 -0.25 -11.36 -22.74
C ASN D 340 0.86 -11.56 -23.76
N GLU D 341 0.62 -12.35 -24.80
CA GLU D 341 1.62 -12.48 -25.86
C GLU D 341 1.86 -11.15 -26.55
N ILE D 342 0.85 -10.29 -26.59
CA ILE D 342 0.99 -8.96 -27.17
C ILE D 342 0.61 -7.91 -26.14
N THR D 343 0.39 -8.36 -24.89
CA THR D 343 0.08 -7.48 -23.76
C THR D 343 -1.15 -6.62 -24.05
N ALA D 344 -2.28 -7.32 -24.21
CA ALA D 344 -3.52 -6.65 -24.52
C ALA D 344 -4.68 -7.28 -23.76
N THR D 345 -5.75 -6.51 -23.61
CA THR D 345 -6.98 -6.97 -22.99
C THR D 345 -8.17 -6.40 -23.74
N PHE D 346 -9.17 -7.24 -23.98
CA PHE D 346 -10.36 -6.85 -24.69
C PHE D 346 -11.57 -6.98 -23.78
N THR D 347 -12.55 -6.10 -23.99
CA THR D 347 -13.77 -6.09 -23.21
C THR D 347 -14.95 -6.37 -24.14
N ALA D 348 -16.04 -6.84 -23.54
CA ALA D 348 -17.24 -7.18 -24.29
C ALA D 348 -18.42 -7.21 -23.34
N PRO D 349 -19.61 -6.81 -23.79
CA PRO D 349 -20.78 -6.87 -22.90
C PRO D 349 -21.09 -8.30 -22.50
N LEU D 350 -21.66 -8.45 -21.30
CA LEU D 350 -21.91 -9.78 -20.75
C LEU D 350 -22.80 -10.61 -21.65
N THR D 351 -23.73 -9.98 -22.35
CA THR D 351 -24.60 -10.72 -23.27
C THR D 351 -23.81 -11.11 -24.52
N PRO D 352 -23.83 -12.38 -24.91
CA PRO D 352 -23.16 -12.77 -26.15
C PRO D 352 -23.88 -12.21 -27.37
N VAL D 353 -23.65 -10.93 -27.64
CA VAL D 353 -24.39 -10.20 -28.67
C VAL D 353 -24.30 -10.87 -30.03
N ALA D 354 -23.30 -11.71 -30.25
CA ALA D 354 -23.18 -12.43 -31.51
C ALA D 354 -24.21 -13.55 -31.51
N ASN D 355 -25.47 -13.15 -31.71
CA ASN D 355 -26.57 -14.11 -31.72
C ASN D 355 -26.58 -14.97 -32.97
N PHE D 356 -26.12 -14.42 -34.10
CA PHE D 356 -26.28 -15.04 -35.40
C PHE D 356 -24.95 -15.02 -36.16
N THR D 357 -23.89 -15.54 -35.54
CA THR D 357 -22.62 -15.67 -36.23
C THR D 357 -22.72 -16.70 -37.35
N ASP D 358 -23.86 -17.38 -37.44
CA ASP D 358 -24.10 -18.29 -38.55
C ASP D 358 -24.25 -17.55 -39.87
N THR D 359 -24.77 -16.32 -39.84
CA THR D 359 -24.90 -15.53 -41.06
C THR D 359 -23.55 -15.33 -41.74
N TYR D 360 -22.49 -15.15 -40.95
CA TYR D 360 -21.14 -15.08 -41.50
C TYR D 360 -20.70 -16.49 -41.88
N SER D 361 -21.37 -17.07 -42.88
CA SER D 361 -21.23 -18.49 -43.15
C SER D 361 -19.86 -18.86 -43.71
N CYS D 362 -19.09 -17.88 -44.20
CA CYS D 362 -17.77 -18.18 -44.73
C CYS D 362 -16.89 -18.81 -43.67
N LEU D 363 -16.70 -18.10 -42.55
CA LEU D 363 -15.75 -18.51 -41.54
C LEU D 363 -16.13 -19.82 -40.88
N THR D 364 -17.39 -20.25 -41.01
CA THR D 364 -17.82 -21.49 -40.38
C THR D 364 -16.88 -22.65 -40.72
N SER D 365 -16.41 -22.69 -41.96
CA SER D 365 -15.48 -23.72 -42.39
C SER D 365 -14.16 -23.64 -41.62
N ASP D 366 -13.43 -22.54 -41.79
CA ASP D 366 -12.04 -22.51 -41.33
C ASP D 366 -11.93 -22.40 -39.82
N ILE D 367 -12.87 -21.74 -39.16
CA ILE D 367 -12.79 -21.63 -37.70
C ILE D 367 -12.82 -23.02 -37.08
N ASN D 368 -13.62 -23.92 -37.67
CA ASN D 368 -13.59 -25.31 -37.24
C ASN D 368 -12.20 -25.90 -37.40
N THR D 369 -11.56 -25.64 -38.55
CA THR D 369 -10.24 -26.19 -38.79
C THR D 369 -9.20 -25.61 -37.84
N THR D 370 -9.19 -24.28 -37.67
CA THR D 370 -8.22 -23.65 -36.79
C THR D 370 -8.42 -24.10 -35.35
N LEU D 371 -9.67 -24.18 -34.90
CA LEU D 371 -9.96 -24.67 -33.57
C LEU D 371 -9.50 -26.11 -33.41
N ASN D 372 -9.73 -26.94 -34.42
CA ASN D 372 -9.29 -28.33 -34.37
C ASN D 372 -7.78 -28.42 -34.23
N ALA D 373 -7.05 -27.62 -35.01
CA ALA D 373 -5.60 -27.64 -34.93
C ALA D 373 -5.12 -27.18 -33.56
N SER D 374 -5.69 -26.09 -33.05
CA SER D 374 -5.26 -25.56 -31.77
C SER D 374 -5.54 -26.54 -30.65
N LYS D 375 -6.74 -27.12 -30.62
CA LYS D 375 -7.06 -28.05 -29.55
C LYS D 375 -6.32 -29.36 -29.71
N ALA D 376 -5.98 -29.75 -30.94
CA ALA D 376 -5.11 -30.90 -31.11
C ALA D 376 -3.75 -30.63 -30.50
N LYS D 377 -3.21 -29.43 -30.70
CA LYS D 377 -1.96 -29.06 -30.05
C LYS D 377 -2.11 -29.09 -28.53
N LEU D 378 -3.21 -28.55 -28.01
CA LEU D 378 -3.38 -28.35 -26.58
C LEU D 378 -3.91 -29.59 -25.86
N ALA D 379 -4.31 -30.64 -26.57
CA ALA D 379 -4.98 -31.77 -25.94
C ALA D 379 -4.12 -32.47 -24.91
N SER D 380 -2.81 -32.29 -24.96
CA SER D 380 -1.94 -32.91 -23.96
C SER D 380 -2.18 -32.36 -22.57
N THR D 381 -2.79 -31.17 -22.44
CA THR D 381 -3.00 -30.55 -21.14
C THR D 381 -4.40 -30.03 -20.89
N HIS D 382 -5.25 -29.88 -21.91
CA HIS D 382 -6.55 -29.26 -21.72
C HIS D 382 -7.61 -30.00 -22.52
N VAL D 383 -8.86 -29.80 -22.12
CA VAL D 383 -10.02 -30.36 -22.81
C VAL D 383 -11.15 -29.35 -22.77
N PRO D 384 -12.03 -29.37 -23.78
CA PRO D 384 -13.11 -28.37 -23.84
C PRO D 384 -14.10 -28.56 -22.71
N ASN D 385 -14.23 -27.54 -21.87
CA ASN D 385 -15.16 -27.55 -20.75
C ASN D 385 -16.51 -26.92 -21.11
N GLY D 386 -16.83 -26.81 -22.38
CA GLY D 386 -18.10 -26.24 -22.78
C GLY D 386 -18.11 -25.86 -24.24
N THR D 387 -19.22 -25.27 -24.65
CA THR D 387 -19.41 -24.85 -26.02
C THR D 387 -18.73 -23.51 -26.28
N VAL D 388 -18.60 -23.18 -27.55
CA VAL D 388 -17.90 -21.97 -27.98
C VAL D 388 -18.93 -20.87 -28.18
N GLN D 389 -18.48 -19.62 -28.02
CA GLN D 389 -19.34 -18.47 -28.25
C GLN D 389 -18.56 -17.39 -28.99
N TYR D 390 -19.27 -16.31 -29.31
CA TYR D 390 -18.70 -15.19 -30.03
C TYR D 390 -19.17 -13.88 -29.42
N PHE D 391 -18.31 -12.87 -29.49
CA PHE D 391 -18.60 -11.56 -28.94
C PHE D 391 -18.15 -10.48 -29.91
N HIS D 392 -18.73 -9.31 -29.76
CA HIS D 392 -18.38 -8.14 -30.57
C HIS D 392 -17.96 -7.02 -29.62
N THR D 393 -16.67 -6.73 -29.57
CA THR D 393 -16.17 -5.70 -28.69
C THR D 393 -16.59 -4.31 -29.17
N THR D 394 -16.31 -3.31 -28.34
CA THR D 394 -16.66 -1.94 -28.69
C THR D 394 -15.78 -1.40 -29.81
N GLY D 395 -14.51 -1.77 -29.81
CA GLY D 395 -13.59 -1.24 -30.81
C GLY D 395 -13.94 -1.62 -32.23
N GLY D 396 -14.62 -2.74 -32.42
CA GLY D 396 -15.00 -3.22 -33.74
C GLY D 396 -14.51 -4.61 -34.07
N LEU D 397 -13.53 -5.12 -33.32
CA LEU D 397 -13.07 -6.48 -33.55
C LEU D 397 -14.14 -7.48 -33.17
N TYR D 398 -13.85 -8.76 -33.45
CA TYR D 398 -14.77 -9.84 -33.11
C TYR D 398 -13.98 -10.95 -32.41
N LEU D 399 -14.56 -11.49 -31.35
CA LEU D 399 -13.88 -12.46 -30.50
C LEU D 399 -14.59 -13.81 -30.60
N VAL D 400 -13.80 -14.86 -30.77
CA VAL D 400 -14.29 -16.24 -30.75
C VAL D 400 -13.67 -16.91 -29.55
N TRP D 401 -14.51 -17.46 -28.67
CA TRP D 401 -14.04 -18.02 -27.40
C TRP D 401 -14.43 -19.48 -27.30
N GLN D 402 -13.44 -20.33 -27.02
CA GLN D 402 -13.65 -21.76 -26.77
C GLN D 402 -13.08 -22.09 -25.40
N PRO D 403 -13.92 -22.19 -24.37
CA PRO D 403 -13.39 -22.51 -23.04
C PRO D 403 -12.76 -23.89 -23.01
N MET D 404 -11.69 -24.02 -22.22
CA MET D 404 -10.98 -25.29 -22.11
C MET D 404 -10.36 -25.39 -20.73
N SER D 405 -10.79 -26.40 -19.97
CA SER D 405 -10.24 -26.64 -18.64
C SER D 405 -9.08 -27.62 -18.75
N ALA D 406 -8.02 -27.36 -17.99
CA ALA D 406 -6.87 -28.25 -17.99
C ALA D 406 -7.22 -29.58 -17.33
N ILE D 407 -6.68 -30.67 -17.87
CA ILE D 407 -6.96 -31.99 -17.32
C ILE D 407 -6.14 -32.17 -16.04
N ASN D 408 -6.76 -32.78 -15.03
CA ASN D 408 -6.06 -33.05 -13.79
C ASN D 408 -5.10 -34.21 -14.01
N LEU D 409 -3.85 -34.04 -13.55
CA LEU D 409 -2.85 -35.08 -13.73
C LEU D 409 -3.19 -36.37 -12.98
N THR D 410 -4.06 -36.29 -11.98
CA THR D 410 -4.48 -37.48 -11.26
C THR D 410 -5.82 -37.98 -11.80
N ASP D 454 -5.57 1.25 -36.34
CA ASP D 454 -4.36 1.39 -35.53
C ASP D 454 -4.77 1.75 -34.11
N ASN D 455 -6.06 1.99 -33.92
CA ASN D 455 -6.57 2.38 -32.62
C ASN D 455 -6.65 1.17 -31.68
N LEU D 456 -5.49 0.65 -31.27
CA LEU D 456 -5.43 -0.46 -30.34
C LEU D 456 -4.77 -0.10 -29.02
N SER D 457 -4.35 1.15 -28.85
CA SER D 457 -3.61 1.53 -27.64
C SER D 457 -4.44 1.32 -26.38
N TYR D 458 -5.72 1.65 -26.44
CA TYR D 458 -6.56 1.56 -25.23
C TYR D 458 -6.60 0.14 -24.69
N THR D 459 -6.44 -0.85 -25.55
CA THR D 459 -6.36 -2.23 -25.06
C THR D 459 -5.13 -2.42 -24.18
N GLN D 460 -3.98 -1.91 -24.62
CA GLN D 460 -2.79 -1.98 -23.80
C GLN D 460 -2.97 -1.23 -22.50
N LEU D 461 -3.61 -0.06 -22.57
CA LEU D 461 -3.90 0.70 -21.36
C LEU D 461 -4.73 -0.12 -20.39
N GLN D 462 -5.77 -0.78 -20.90
CA GLN D 462 -6.61 -1.62 -20.07
C GLN D 462 -5.80 -2.75 -19.44
N PHE D 463 -4.92 -3.36 -20.23
CA PHE D 463 -4.10 -4.46 -19.72
C PHE D 463 -3.23 -3.99 -18.56
N ALA D 464 -2.54 -2.86 -18.75
CA ALA D 464 -1.68 -2.35 -17.68
C ALA D 464 -2.49 -1.99 -16.44
N TYR D 465 -3.63 -1.34 -16.64
CA TYR D 465 -4.46 -0.96 -15.51
C TYR D 465 -4.94 -2.18 -14.74
N ASP D 466 -5.35 -3.22 -15.46
CA ASP D 466 -5.83 -4.44 -14.80
C ASP D 466 -4.70 -5.11 -14.03
N LYS D 467 -3.51 -5.18 -14.61
CA LYS D 467 -2.38 -5.79 -13.90
C LYS D 467 -2.08 -5.01 -12.62
N LEU D 468 -2.06 -3.68 -12.70
CA LEU D 468 -1.78 -2.88 -11.52
C LEU D 468 -2.85 -3.05 -10.46
N ARG D 469 -4.12 -3.03 -10.86
CA ARG D 469 -5.21 -3.19 -9.90
C ARG D 469 -5.13 -4.55 -9.22
N ASP D 470 -4.85 -5.61 -9.99
CA ASP D 470 -4.73 -6.93 -9.40
C ASP D 470 -3.59 -6.98 -8.39
N GLY D 471 -2.43 -6.45 -8.76
CA GLY D 471 -1.30 -6.47 -7.85
C GLY D 471 -1.59 -5.70 -6.56
N ILE D 472 -2.16 -4.50 -6.70
CA ILE D 472 -2.44 -3.68 -5.53
C ILE D 472 -3.46 -4.36 -4.63
N ASN D 473 -4.52 -4.91 -5.21
CA ASN D 473 -5.54 -5.58 -4.39
C ASN D 473 -4.95 -6.79 -3.67
N GLN D 474 -4.09 -7.54 -4.36
CA GLN D 474 -3.50 -8.72 -3.72
C GLN D 474 -2.60 -8.32 -2.57
N VAL D 475 -1.77 -7.29 -2.74
CA VAL D 475 -0.90 -6.91 -1.64
C VAL D 475 -1.72 -6.32 -0.50
N LEU D 476 -2.81 -5.60 -0.81
CA LEU D 476 -3.68 -5.11 0.25
C LEU D 476 -4.30 -6.26 1.03
N GLU D 477 -4.74 -7.31 0.34
CA GLU D 477 -5.33 -8.46 1.03
C GLU D 477 -4.29 -9.14 1.92
N GLU D 478 -3.08 -9.32 1.42
CA GLU D 478 -2.03 -9.94 2.23
C GLU D 478 -1.73 -9.10 3.47
N LEU D 479 -1.62 -7.78 3.28
CA LEU D 479 -1.36 -6.89 4.41
C LEU D 479 -2.50 -6.94 5.42
N SER D 480 -3.74 -6.98 4.94
CA SER D 480 -4.88 -7.04 5.85
C SER D 480 -4.87 -8.34 6.65
N ARG D 481 -4.54 -9.47 6.00
CA ARG D 481 -4.48 -10.73 6.72
C ARG D 481 -3.40 -10.69 7.80
N ALA D 482 -2.22 -10.18 7.44
CA ALA D 482 -1.12 -10.12 8.41
C ALA D 482 -1.48 -9.19 9.56
N TRP D 483 -2.09 -8.04 9.25
CA TRP D 483 -2.46 -7.11 10.31
C TRP D 483 -3.54 -7.70 11.20
N CYS D 484 -4.46 -8.46 10.63
CA CYS D 484 -5.47 -9.13 11.44
C CYS D 484 -4.83 -10.13 12.38
N ARG D 485 -3.85 -10.89 11.88
CA ARG D 485 -3.17 -11.84 12.74
C ARG D 485 -2.48 -11.13 13.88
N GLU D 486 -1.74 -10.06 13.58
CA GLU D 486 -1.13 -9.27 14.63
C GLU D 486 -2.17 -8.62 15.53
N GLN D 487 -3.38 -8.38 15.02
CA GLN D 487 -4.42 -7.77 15.83
C GLN D 487 -4.97 -8.76 16.84
N VAL D 488 -5.12 -10.02 16.43
CA VAL D 488 -5.50 -11.08 17.37
C VAL D 488 -4.40 -11.26 18.41
N ARG D 489 -3.14 -11.21 17.97
CA ARG D 489 -2.03 -11.32 18.92
C ARG D 489 -2.06 -10.17 19.92
N ASP D 490 -2.33 -8.95 19.46
CA ASP D 490 -2.43 -7.81 20.36
C ASP D 490 -3.62 -7.91 21.29
N ASN D 491 -4.73 -8.47 20.83
CA ASN D 491 -5.88 -8.70 21.70
C ASN D 491 -5.51 -9.69 22.81
N LEU D 492 -4.80 -10.76 22.46
CA LEU D 492 -4.34 -11.69 23.48
C LEU D 492 -3.38 -11.02 24.46
N MET D 493 -2.49 -10.18 23.95
CA MET D 493 -1.56 -9.46 24.82
C MET D 493 -2.30 -8.52 25.77
N TRP D 494 -3.32 -7.82 25.26
CA TRP D 494 -4.11 -6.94 26.12
C TRP D 494 -4.87 -7.73 27.18
N TYR D 495 -5.41 -8.90 26.79
CA TYR D 495 -6.08 -9.75 27.77
C TYR D 495 -5.11 -10.21 28.86
N GLU D 496 -3.89 -10.58 28.47
CA GLU D 496 -2.89 -10.98 29.46
C GLU D 496 -2.51 -9.81 30.37
N LEU D 497 -2.35 -8.61 29.80
CA LEU D 497 -1.96 -7.46 30.60
C LEU D 497 -3.06 -7.02 31.55
N SER D 498 -4.33 -7.22 31.16
CA SER D 498 -5.44 -6.82 32.00
C SER D 498 -5.60 -7.68 33.24
N LYS D 499 -4.86 -8.79 33.35
CA LYS D 499 -5.00 -9.68 34.50
C LYS D 499 -4.48 -9.04 35.78
N ILE D 500 -3.68 -7.99 35.69
CA ILE D 500 -3.11 -7.36 36.88
C ILE D 500 -4.02 -6.21 37.34
N ASN D 501 -4.17 -5.20 36.49
CA ASN D 501 -4.97 -4.01 36.80
C ASN D 501 -5.93 -3.74 35.67
N PRO D 502 -7.11 -4.38 35.70
CA PRO D 502 -8.08 -4.18 34.60
C PRO D 502 -8.59 -2.75 34.48
N THR D 503 -8.54 -1.96 35.56
CA THR D 503 -9.08 -0.61 35.50
C THR D 503 -8.29 0.26 34.52
N SER D 504 -6.96 0.13 34.50
CA SER D 504 -6.16 0.91 33.56
C SER D 504 -6.47 0.52 32.13
N VAL D 505 -6.63 -0.78 31.86
CA VAL D 505 -6.96 -1.24 30.52
C VAL D 505 -8.32 -0.70 30.09
N MET D 506 -9.31 -0.74 30.99
CA MET D 506 -10.63 -0.24 30.66
C MET D 506 -10.61 1.26 30.40
N THR D 507 -9.85 2.01 31.21
CA THR D 507 -9.76 3.45 31.00
C THR D 507 -9.01 3.80 29.72
N ALA D 508 -8.06 2.95 29.32
CA ALA D 508 -7.33 3.20 28.08
C ALA D 508 -8.21 2.88 26.86
N ILE D 509 -8.95 1.77 26.91
CA ILE D 509 -9.80 1.40 25.79
C ILE D 509 -10.96 2.38 25.63
N TYR D 510 -11.63 2.69 26.73
CA TYR D 510 -12.78 3.58 26.70
C TYR D 510 -12.34 5.04 26.74
N GLY D 511 -13.11 5.89 26.06
CA GLY D 511 -12.80 7.31 26.06
C GLY D 511 -12.97 7.95 27.43
N ARG D 512 -14.06 7.61 28.13
CA ARG D 512 -14.32 8.16 29.45
C ARG D 512 -13.73 7.27 30.54
N PRO D 513 -13.29 7.86 31.65
CA PRO D 513 -12.76 7.04 32.75
C PRO D 513 -13.85 6.15 33.34
N VAL D 514 -13.45 4.94 33.72
CA VAL D 514 -14.36 3.95 34.29
C VAL D 514 -13.64 3.19 35.40
N SER D 515 -14.43 2.49 36.21
CA SER D 515 -13.93 1.63 37.27
C SER D 515 -14.28 0.19 36.94
N ALA D 516 -13.31 -0.70 37.07
CA ALA D 516 -13.47 -2.10 36.72
C ALA D 516 -12.94 -3.00 37.82
N LYS D 517 -13.51 -4.19 37.92
CA LYS D 517 -13.07 -5.17 38.91
C LYS D 517 -13.34 -6.57 38.38
N PHE D 518 -12.71 -7.56 39.01
CA PHE D 518 -12.84 -8.95 38.61
C PHE D 518 -13.92 -9.62 39.44
N VAL D 519 -14.95 -10.15 38.78
CA VAL D 519 -16.02 -10.90 39.43
C VAL D 519 -16.03 -12.29 38.83
N GLY D 520 -15.75 -13.30 39.66
CA GLY D 520 -15.62 -14.65 39.14
C GLY D 520 -14.53 -14.72 38.10
N ASP D 521 -14.86 -15.28 36.94
CA ASP D 521 -13.94 -15.32 35.80
C ASP D 521 -14.18 -14.19 34.81
N ALA D 522 -15.08 -13.26 35.11
CA ALA D 522 -15.46 -12.19 34.21
C ALA D 522 -15.07 -10.84 34.82
N ILE D 523 -15.29 -9.77 34.07
CA ILE D 523 -15.01 -8.42 34.53
C ILE D 523 -16.33 -7.70 34.71
N SER D 524 -16.32 -6.67 35.57
CA SER D 524 -17.49 -5.84 35.80
C SER D 524 -17.05 -4.39 35.87
N VAL D 525 -17.74 -3.52 35.13
CA VAL D 525 -17.42 -2.11 35.04
C VAL D 525 -18.60 -1.30 35.57
N THR D 526 -18.31 -0.36 36.45
CA THR D 526 -19.30 0.50 37.06
C THR D 526 -19.16 1.93 36.56
N GLU D 527 -20.22 2.72 36.75
CA GLU D 527 -20.21 4.11 36.34
C GLU D 527 -19.39 4.95 37.30
N CYS D 528 -19.18 6.21 36.93
CA CYS D 528 -18.39 7.14 37.72
C CYS D 528 -19.18 8.43 37.94
N ILE D 529 -19.00 9.02 39.12
CA ILE D 529 -19.68 10.25 39.51
C ILE D 529 -18.63 11.26 39.95
N ASN D 530 -18.76 12.49 39.47
CA ASN D 530 -17.82 13.54 39.83
C ASN D 530 -18.16 14.12 41.20
N VAL D 531 -17.22 14.92 41.72
CA VAL D 531 -17.40 15.56 43.02
C VAL D 531 -17.40 17.07 42.85
N ASP D 532 -17.58 17.80 43.95
CA ASP D 532 -17.62 19.25 43.92
C ASP D 532 -16.22 19.79 43.64
N GLN D 533 -16.02 20.34 42.44
CA GLN D 533 -14.72 20.89 42.08
C GLN D 533 -14.41 22.21 42.78
N SER D 534 -15.44 22.90 43.29
CA SER D 534 -15.20 24.19 43.92
C SER D 534 -14.52 24.03 45.28
N SER D 535 -14.96 23.05 46.07
CA SER D 535 -14.44 22.84 47.42
C SER D 535 -13.45 21.69 47.40
N VAL D 536 -12.21 22.00 47.09
CA VAL D 536 -11.12 21.02 47.09
C VAL D 536 -9.94 21.62 47.83
N ASN D 537 -9.36 20.84 48.75
CA ASN D 537 -8.21 21.27 49.53
C ASN D 537 -7.15 20.19 49.53
N ILE D 538 -5.90 20.59 49.35
CA ILE D 538 -4.75 19.68 49.35
C ILE D 538 -3.80 20.13 50.44
N HIS D 539 -3.43 19.20 51.32
CA HIS D 539 -2.51 19.52 52.40
C HIS D 539 -1.11 19.79 51.86
N LYS D 540 -0.46 20.82 52.41
CA LYS D 540 0.87 21.20 52.00
C LYS D 540 1.97 20.49 52.77
N SER D 541 1.63 19.70 53.78
CA SER D 541 2.61 18.99 54.59
C SER D 541 2.33 17.49 54.51
N LEU D 542 3.35 16.72 54.16
CA LEU D 542 3.24 15.27 54.05
C LEU D 542 3.75 14.55 55.30
N ARG D 543 4.11 15.29 56.34
CA ARG D 543 4.65 14.69 57.56
C ARG D 543 3.49 14.11 58.36
N THR D 544 3.34 12.78 58.30
CA THR D 544 2.32 12.08 59.07
C THR D 544 2.76 11.96 60.53
N ASN D 545 1.81 11.64 61.39
CA ASN D 545 2.08 11.49 62.81
C ASN D 545 3.09 10.35 63.04
N SER D 546 3.79 10.44 64.16
CA SER D 546 4.86 9.50 64.54
C SER D 546 5.98 9.61 63.51
N LYS D 547 6.74 8.54 63.32
CA LYS D 547 7.88 8.55 62.42
C LYS D 547 7.88 7.28 61.58
N ASP D 548 8.53 7.37 60.41
CA ASP D 548 8.71 6.27 59.46
C ASP D 548 7.38 5.75 58.90
N VAL D 549 6.29 6.49 59.06
CA VAL D 549 5.00 6.09 58.54
C VAL D 549 4.42 7.22 57.70
N CYS D 550 5.29 8.03 57.10
CA CYS D 550 4.84 9.17 56.31
C CYS D 550 4.03 8.70 55.10
N TYR D 551 3.02 9.49 54.74
CA TYR D 551 2.16 9.15 53.62
C TYR D 551 2.92 9.23 52.31
N ALA D 552 2.57 8.32 51.40
CA ALA D 552 3.21 8.31 50.08
C ALA D 552 2.67 9.43 49.19
N ARG D 553 1.38 9.73 49.29
CA ARG D 553 0.74 10.75 48.48
C ARG D 553 -0.03 11.72 49.36
N PRO D 554 -0.17 12.98 48.93
CA PRO D 554 -0.90 13.95 49.74
C PRO D 554 -2.38 13.62 49.83
N LEU D 555 -2.98 14.03 50.95
CA LEU D 555 -4.40 13.83 51.17
C LEU D 555 -5.20 14.99 50.57
N VAL D 556 -6.40 14.67 50.12
CA VAL D 556 -7.29 15.63 49.48
C VAL D 556 -8.64 15.61 50.19
N THR D 557 -9.14 16.80 50.53
CA THR D 557 -10.43 16.96 51.18
C THR D 557 -11.39 17.63 50.21
N PHE D 558 -12.57 17.02 50.02
CA PHE D 558 -13.54 17.55 49.09
C PHE D 558 -14.94 17.16 49.54
N LYS D 559 -15.93 17.88 49.01
CA LYS D 559 -17.33 17.62 49.28
C LYS D 559 -17.91 16.70 48.21
N PHE D 560 -19.22 16.51 48.20
CA PHE D 560 -19.91 15.62 47.26
C PHE D 560 -21.03 16.40 46.58
N LEU D 561 -20.69 17.09 45.49
CA LEU D 561 -21.65 17.81 44.66
C LEU D 561 -22.50 18.77 45.47
N ASN D 562 -23.82 18.62 45.40
CA ASN D 562 -24.75 19.50 46.12
C ASN D 562 -25.02 18.96 47.53
N SER D 563 -23.94 18.85 48.30
CA SER D 563 -24.02 18.38 49.67
C SER D 563 -22.90 19.01 50.48
N SER D 564 -23.09 19.03 51.80
CA SER D 564 -22.12 19.62 52.73
C SER D 564 -21.65 18.52 53.67
N ASN D 565 -20.58 17.83 53.28
CA ASN D 565 -19.98 16.80 54.12
C ASN D 565 -18.53 16.63 53.68
N LEU D 566 -17.60 17.00 54.55
CA LEU D 566 -16.18 16.93 54.20
C LEU D 566 -15.75 15.46 54.12
N PHE D 567 -15.10 15.11 53.01
CA PHE D 567 -14.59 13.77 52.79
C PHE D 567 -13.10 13.84 52.48
N THR D 568 -12.29 13.10 53.22
CA THR D 568 -10.85 13.11 53.09
C THR D 568 -10.39 11.78 52.51
N GLY D 569 -9.61 11.85 51.43
CA GLY D 569 -9.08 10.65 50.81
C GLY D 569 -7.66 10.85 50.30
N GLN D 570 -7.12 9.87 49.58
CA GLN D 570 -5.79 9.95 49.02
C GLN D 570 -5.87 10.21 47.53
N LEU D 571 -5.19 11.25 47.07
CA LEU D 571 -5.20 11.59 45.64
C LEU D 571 -4.46 10.53 44.85
N GLY D 572 -5.05 10.13 43.72
CA GLY D 572 -4.45 9.12 42.87
C GLY D 572 -3.80 9.70 41.64
N ALA D 573 -4.11 9.13 40.48
CA ALA D 573 -3.55 9.58 39.20
C ALA D 573 -4.67 10.00 38.27
N ARG D 574 -4.39 10.99 37.43
CA ARG D 574 -5.34 11.54 36.48
C ARG D 574 -6.60 12.04 37.18
N ASN D 575 -6.40 12.83 38.24
CA ASN D 575 -7.48 13.46 39.01
C ASN D 575 -8.44 12.41 39.57
N GLU D 576 -7.88 11.38 40.21
CA GLU D 576 -8.65 10.33 40.85
C GLU D 576 -8.47 10.40 42.36
N ILE D 577 -9.56 10.16 43.09
CA ILE D 577 -9.58 10.21 44.55
C ILE D 577 -9.82 8.81 45.07
N ILE D 578 -8.99 8.39 46.03
CA ILE D 578 -9.11 7.08 46.66
C ILE D 578 -9.44 7.28 48.14
N LEU D 579 -10.50 6.63 48.60
CA LEU D 579 -10.95 6.75 49.97
C LEU D 579 -10.21 5.83 50.93
N THR D 580 -9.34 4.96 50.43
CA THR D 580 -8.58 4.03 51.25
C THR D 580 -7.14 4.53 51.31
N ASN D 581 -6.78 5.17 52.43
CA ASN D 581 -5.44 5.72 52.62
C ASN D 581 -4.52 4.65 53.21
N ASN D 582 -4.31 3.61 52.41
CA ASN D 582 -3.45 2.49 52.79
C ASN D 582 -2.05 2.60 52.20
N GLN D 583 -1.74 3.69 51.51
CA GLN D 583 -0.42 3.87 50.88
C GLN D 583 0.48 4.61 51.86
N VAL D 584 1.43 3.88 52.46
CA VAL D 584 2.40 4.45 53.39
C VAL D 584 3.79 3.97 53.01
N GLU D 585 4.79 4.74 53.42
CA GLU D 585 6.17 4.41 53.14
C GLU D 585 7.06 4.97 54.24
N THR D 586 8.26 4.40 54.36
CA THR D 586 9.21 4.86 55.35
C THR D 586 9.78 6.23 54.98
N CYS D 587 10.07 7.02 55.99
CA CYS D 587 10.61 8.35 55.77
C CYS D 587 12.02 8.26 55.17
N LYS D 588 12.28 9.11 54.18
CA LYS D 588 13.57 9.16 53.51
C LYS D 588 14.09 10.59 53.50
N ASP D 589 15.39 10.74 53.77
CA ASP D 589 15.99 12.07 53.79
C ASP D 589 16.05 12.64 52.38
N THR D 590 15.87 13.96 52.29
CA THR D 590 15.89 14.68 51.01
C THR D 590 14.90 14.08 50.03
N CYS D 591 13.70 13.76 50.52
CA CYS D 591 12.67 13.17 49.67
C CYS D 591 12.10 14.21 48.73
N GLU D 592 11.98 13.85 47.45
CA GLU D 592 11.41 14.71 46.43
C GLU D 592 10.22 14.02 45.80
N HIS D 593 9.14 14.77 45.61
CA HIS D 593 7.89 14.23 45.06
C HIS D 593 7.39 15.11 43.93
N TYR D 594 6.80 14.47 42.92
CA TYR D 594 6.23 15.17 41.77
C TYR D 594 4.83 14.64 41.52
N PHE D 595 3.87 15.55 41.32
CA PHE D 595 2.50 15.19 41.02
C PHE D 595 1.97 16.11 39.94
N ILE D 596 0.98 15.61 39.19
CA ILE D 596 0.37 16.35 38.08
C ILE D 596 -1.11 16.51 38.36
N THR D 597 -1.60 17.75 38.31
CA THR D 597 -3.02 18.04 38.50
C THR D 597 -3.45 18.99 37.40
N ARG D 598 -4.34 18.53 36.52
CA ARG D 598 -4.83 19.32 35.39
C ARG D 598 -3.68 19.82 34.53
N ASN D 599 -3.45 21.14 34.55
CA ASN D 599 -2.39 21.75 33.76
C ASN D 599 -1.26 22.28 34.63
N GLU D 600 -1.14 21.81 35.86
CA GLU D 600 -0.11 22.25 36.78
C GLU D 600 0.61 21.04 37.37
N THR D 601 1.83 21.28 37.86
CA THR D 601 2.62 20.25 38.50
C THR D 601 3.04 20.73 39.89
N LEU D 602 2.82 19.86 40.87
CA LEU D 602 3.18 20.12 42.27
C LEU D 602 4.47 19.39 42.59
N VAL D 603 5.44 20.13 43.12
CA VAL D 603 6.76 19.61 43.46
C VAL D 603 6.97 19.78 44.96
N TYR D 604 7.38 18.69 45.62
CA TYR D 604 7.70 18.66 47.04
C TYR D 604 9.20 18.40 47.15
N LYS D 605 9.97 19.49 47.31
CA LYS D 605 11.42 19.35 47.46
C LYS D 605 11.79 18.71 48.78
N ASP D 606 11.02 18.97 49.83
CA ASP D 606 11.27 18.38 51.14
C ASP D 606 10.02 17.70 51.66
N TYR D 607 10.02 17.31 52.93
CA TYR D 607 8.84 16.68 53.52
C TYR D 607 7.65 17.62 53.59
N ALA D 608 7.88 18.93 53.51
CA ALA D 608 6.81 19.93 53.53
C ALA D 608 7.17 21.02 52.53
N TYR D 609 6.69 20.87 51.29
CA TYR D 609 6.93 21.87 50.26
C TYR D 609 5.69 21.96 49.37
N LEU D 610 5.49 23.13 48.77
CA LEU D 610 4.32 23.39 47.94
C LEU D 610 4.72 24.10 46.66
N ARG D 611 5.75 23.60 45.99
CA ARG D 611 6.17 24.20 44.73
C ARG D 611 5.10 23.93 43.66
N THR D 612 4.79 24.95 42.88
CA THR D 612 3.80 24.84 41.81
C THR D 612 4.39 25.42 40.54
N ILE D 613 4.44 24.61 39.47
CA ILE D 613 4.98 25.05 38.18
C ILE D 613 4.10 24.53 37.06
N ASN D 614 4.43 24.93 35.84
CA ASN D 614 3.66 24.53 34.67
C ASN D 614 4.09 23.14 34.21
N THR D 615 3.14 22.42 33.59
CA THR D 615 3.42 21.08 33.10
C THR D 615 4.29 21.09 31.85
N THR D 616 4.32 22.20 31.12
CA THR D 616 5.11 22.26 29.88
C THR D 616 6.60 22.15 30.16
N ASP D 617 7.07 22.66 31.30
CA ASP D 617 8.50 22.62 31.61
C ASP D 617 9.01 21.20 31.79
N ILE D 618 8.15 20.25 32.16
CA ILE D 618 8.56 18.87 32.35
C ILE D 618 8.73 18.21 30.98
N SER D 619 9.89 17.61 30.75
CA SER D 619 10.17 16.95 29.48
C SER D 619 9.24 15.75 29.30
N THR D 620 8.75 15.60 28.07
CA THR D 620 7.82 14.52 27.73
C THR D 620 8.41 13.66 26.63
N LEU D 621 8.44 12.36 26.85
CA LEU D 621 8.90 11.42 25.86
C LEU D 621 7.73 10.87 25.05
N ASN D 622 8.00 10.51 23.79
CA ASN D 622 6.99 9.97 22.90
C ASN D 622 7.55 8.72 22.22
N THR D 623 6.66 7.76 21.98
CA THR D 623 7.03 6.50 21.32
C THR D 623 6.21 6.38 20.04
N PHE D 624 6.70 7.02 18.99
CA PHE D 624 6.14 6.90 17.64
C PHE D 624 7.22 6.30 16.74
N ILE D 625 6.98 5.08 16.26
CA ILE D 625 7.75 4.60 15.14
C ILE D 625 7.28 5.40 13.93
N ALA D 626 8.08 6.36 13.51
CA ALA D 626 7.66 7.33 12.52
C ALA D 626 7.32 6.65 11.20
N LEU D 627 6.04 6.58 10.86
CA LEU D 627 5.59 6.03 9.58
C LEU D 627 5.75 7.12 8.53
N ASN D 628 7.01 7.42 8.23
CA ASN D 628 7.36 8.53 7.33
C ASN D 628 7.04 8.10 5.91
N LEU D 629 5.81 8.38 5.49
CA LEU D 629 5.32 7.95 4.20
C LEU D 629 5.89 8.82 3.08
N SER D 630 5.46 8.56 1.85
CA SER D 630 5.86 9.35 0.69
C SER D 630 4.79 9.15 -0.37
N PHE D 631 4.03 10.18 -0.65
CA PHE D 631 2.88 10.07 -1.55
C PHE D 631 3.37 10.05 -2.99
N ILE D 632 2.43 10.14 -3.93
CA ILE D 632 2.73 10.05 -5.35
C ILE D 632 2.56 11.43 -5.97
N GLN D 633 3.61 11.93 -6.60
CA GLN D 633 3.52 13.19 -7.31
C GLN D 633 2.68 13.00 -8.58
N ASN D 634 2.25 14.12 -9.14
CA ASN D 634 1.43 14.14 -10.34
C ASN D 634 2.23 14.70 -11.51
N ILE D 635 2.29 13.96 -12.61
CA ILE D 635 3.00 14.39 -13.80
C ILE D 635 1.97 14.72 -14.88
N ASP D 636 2.32 15.66 -15.75
CA ASP D 636 1.49 16.02 -16.88
C ASP D 636 2.14 15.44 -18.14
N PHE D 637 1.42 14.57 -18.82
CA PHE D 637 1.95 13.87 -19.99
C PHE D 637 1.86 14.81 -21.19
N LYS D 638 3.01 15.33 -21.61
CA LYS D 638 3.05 16.17 -22.80
C LYS D 638 2.82 15.32 -24.04
N ALA D 639 1.93 15.78 -24.91
CA ALA D 639 1.67 15.07 -26.15
C ALA D 639 2.85 15.22 -27.08
N ILE D 640 3.27 14.10 -27.68
CA ILE D 640 4.46 14.05 -28.53
C ILE D 640 4.06 13.51 -29.89
N GLU D 641 4.97 13.67 -30.85
CA GLU D 641 4.77 13.17 -32.20
C GLU D 641 6.14 12.91 -32.83
N LEU D 642 6.13 12.11 -33.89
CA LEU D 642 7.37 11.68 -34.52
C LEU D 642 7.75 12.51 -35.73
N TYR D 643 6.85 12.63 -36.72
CA TYR D 643 7.17 13.23 -38.00
C TYR D 643 6.42 14.54 -38.14
N SER D 644 7.17 15.62 -38.34
CA SER D 644 6.56 16.94 -38.45
C SER D 644 5.65 17.04 -39.67
N SER D 645 4.66 17.94 -39.58
CA SER D 645 3.74 18.13 -40.69
C SER D 645 4.47 18.58 -41.95
N ALA D 646 5.56 19.32 -41.81
CA ALA D 646 6.37 19.69 -42.97
C ALA D 646 6.91 18.46 -43.66
N GLU D 647 7.46 17.52 -42.89
CA GLU D 647 7.93 16.27 -43.47
C GLU D 647 6.78 15.49 -44.07
N LYS D 648 5.60 15.55 -43.44
CA LYS D 648 4.43 14.87 -43.99
C LYS D 648 4.08 15.41 -45.37
N ARG D 649 4.11 16.73 -45.53
CA ARG D 649 3.89 17.33 -46.84
C ARG D 649 4.98 16.92 -47.82
N LEU D 650 6.24 16.92 -47.35
CA LEU D 650 7.35 16.53 -48.21
C LEU D 650 7.26 15.08 -48.64
N ALA D 651 6.48 14.27 -47.89
CA ALA D 651 6.34 12.83 -48.21
C ALA D 651 5.10 12.63 -49.10
N SER D 652 4.39 13.71 -49.41
CA SER D 652 3.20 13.62 -50.29
C SER D 652 3.60 13.02 -51.63
N SER D 653 4.76 13.42 -52.15
CA SER D 653 5.27 12.88 -53.44
C SER D 653 5.26 11.34 -53.40
N GLN E 20 -38.18 20.20 51.55
CA GLN E 20 -38.94 19.72 52.69
C GLN E 20 -38.84 18.21 52.83
N VAL E 21 -37.63 17.72 53.12
CA VAL E 21 -37.41 16.28 53.27
C VAL E 21 -37.88 15.85 54.65
N GLN E 22 -38.73 14.83 54.68
CA GLN E 22 -39.27 14.29 55.93
C GLN E 22 -38.69 12.91 56.17
N LEU E 23 -38.26 12.66 57.41
CA LEU E 23 -37.67 11.40 57.80
C LEU E 23 -38.59 10.67 58.78
N VAL E 24 -38.74 9.37 58.57
CA VAL E 24 -39.62 8.52 59.39
C VAL E 24 -38.76 7.50 60.10
N GLN E 25 -38.94 7.39 61.42
CA GLN E 25 -38.20 6.45 62.25
C GLN E 25 -39.14 5.42 62.85
N SER E 26 -38.60 4.22 63.08
CA SER E 26 -39.39 3.13 63.62
C SER E 26 -39.74 3.39 65.09
N GLY E 27 -40.74 2.67 65.57
CA GLY E 27 -41.18 2.81 66.95
C GLY E 27 -40.20 2.19 67.93
N ALA E 28 -40.47 2.45 69.21
CA ALA E 28 -39.62 1.93 70.28
C ALA E 28 -39.70 0.40 70.33
N GLU E 29 -38.55 -0.23 70.54
CA GLU E 29 -38.45 -1.68 70.61
C GLU E 29 -37.73 -2.08 71.89
N LEU E 30 -38.22 -3.15 72.52
CA LEU E 30 -37.64 -3.67 73.74
C LEU E 30 -36.98 -5.02 73.46
N LYS E 31 -35.70 -5.14 73.81
CA LYS E 31 -34.95 -6.35 73.56
C LYS E 31 -34.12 -6.70 74.79
N THR E 32 -33.83 -7.99 74.94
CA THR E 32 -33.02 -8.45 76.05
C THR E 32 -31.56 -8.00 75.86
N PRO E 33 -30.82 -7.82 76.96
CA PRO E 33 -29.41 -7.44 76.82
C PRO E 33 -28.61 -8.52 76.09
N GLY E 34 -27.64 -8.07 75.30
CA GLY E 34 -26.81 -8.97 74.52
C GLY E 34 -27.40 -9.40 73.19
N SER E 35 -28.59 -8.92 72.84
CA SER E 35 -29.23 -9.27 71.58
C SER E 35 -28.86 -8.26 70.51
N SER E 36 -29.55 -8.30 69.38
CA SER E 36 -29.32 -7.38 68.26
C SER E 36 -30.57 -6.55 68.03
N VAL E 37 -30.37 -5.26 67.77
CA VAL E 37 -31.46 -4.32 67.55
C VAL E 37 -31.30 -3.72 66.15
N LYS E 38 -32.36 -3.76 65.37
CA LYS E 38 -32.38 -3.21 64.01
C LYS E 38 -33.31 -2.01 63.96
N VAL E 39 -32.81 -0.89 63.45
CA VAL E 39 -33.57 0.35 63.34
C VAL E 39 -33.59 0.76 61.88
N SER E 40 -34.79 1.03 61.36
CA SER E 40 -34.99 1.42 59.97
C SER E 40 -35.44 2.86 59.89
N CYS E 41 -34.76 3.65 59.06
CA CYS E 41 -35.10 5.04 58.83
C CYS E 41 -35.45 5.24 57.36
N LYS E 42 -36.60 5.84 57.11
CA LYS E 42 -37.11 6.05 55.76
C LYS E 42 -36.99 7.53 55.40
N ALA E 43 -36.43 7.80 54.22
CA ALA E 43 -36.25 9.17 53.73
C ALA E 43 -37.22 9.43 52.59
N SER E 44 -37.92 10.56 52.66
CA SER E 44 -38.88 10.93 51.62
C SER E 44 -38.13 11.56 50.44
N GLY E 45 -38.88 12.12 49.51
CA GLY E 45 -38.28 12.74 48.34
C GLY E 45 -38.07 11.76 47.21
N GLY E 46 -37.30 12.21 46.22
CA GLY E 46 -37.01 11.42 45.06
C GLY E 46 -36.12 10.23 45.34
N THR E 47 -34.86 10.50 45.73
CA THR E 47 -33.90 9.44 46.01
C THR E 47 -32.83 10.00 46.93
N PHE E 48 -31.94 9.11 47.38
CA PHE E 48 -30.84 9.52 48.24
C PHE E 48 -29.90 10.49 47.53
N SER E 49 -29.60 10.22 46.27
CA SER E 49 -28.73 11.06 45.43
C SER E 49 -27.36 11.11 46.11
N SER E 50 -26.73 12.28 46.23
CA SER E 50 -25.42 12.39 46.84
C SER E 50 -25.47 12.70 48.34
N ASN E 51 -26.67 12.72 48.92
CA ASN E 51 -26.80 13.01 50.34
C ASN E 51 -26.25 11.87 51.19
N THR E 52 -25.75 12.22 52.37
CA THR E 52 -25.19 11.27 53.32
C THR E 52 -26.09 11.20 54.55
N VAL E 53 -26.38 9.99 55.01
CA VAL E 53 -27.27 9.76 56.14
C VAL E 53 -26.43 9.36 57.34
N SER E 54 -26.55 10.11 58.44
CA SER E 54 -25.79 9.85 59.65
C SER E 54 -26.71 9.36 60.75
N TRP E 55 -26.13 8.58 61.67
CA TRP E 55 -26.86 8.03 62.80
C TRP E 55 -26.27 8.60 64.10
N LEU E 56 -27.14 9.10 64.96
CA LEU E 56 -26.72 9.68 66.23
C LEU E 56 -27.54 9.08 67.36
N ARG E 57 -26.99 9.14 68.57
CA ARG E 57 -27.65 8.63 69.76
C ARG E 57 -27.57 9.66 70.87
N GLN E 58 -28.56 9.62 71.77
CA GLN E 58 -28.62 10.53 72.90
C GLN E 58 -29.12 9.76 74.12
N ALA E 59 -28.29 9.69 75.16
CA ALA E 59 -28.68 9.05 76.40
C ALA E 59 -29.48 10.02 77.27
N PRO E 60 -30.35 9.49 78.13
CA PRO E 60 -31.11 10.36 79.04
C PRO E 60 -30.21 11.11 80.01
N GLY E 61 -30.16 12.44 79.88
CA GLY E 61 -29.31 13.26 80.71
C GLY E 61 -27.92 13.50 80.18
N GLN E 62 -27.55 12.86 79.08
CA GLN E 62 -26.23 13.00 78.48
C GLN E 62 -26.34 13.82 77.19
N GLY E 63 -25.22 13.94 76.49
CA GLY E 63 -25.14 14.69 75.25
C GLY E 63 -25.46 13.85 74.05
N LEU E 64 -25.01 14.33 72.88
CA LEU E 64 -25.24 13.67 71.62
C LEU E 64 -23.95 13.02 71.14
N GLU E 65 -24.03 11.74 70.79
CA GLU E 65 -22.88 10.98 70.32
C GLU E 65 -22.85 10.97 68.80
N TRP E 66 -21.94 10.18 68.22
CA TRP E 66 -21.80 10.07 66.78
C TRP E 66 -21.47 8.62 66.45
N MET E 67 -22.46 7.90 65.89
CA MET E 67 -22.25 6.49 65.55
C MET E 67 -21.52 6.34 64.23
N GLY E 68 -22.09 6.86 63.15
CA GLY E 68 -21.48 6.73 61.85
C GLY E 68 -22.33 7.38 60.78
N ARG E 69 -21.91 7.18 59.53
CA ARG E 69 -22.63 7.73 58.40
C ARG E 69 -22.47 6.82 57.19
N ILE E 70 -23.40 6.97 56.25
CA ILE E 70 -23.42 6.16 55.03
C ILE E 70 -23.73 7.08 53.85
N ILE E 71 -22.93 6.98 52.79
CA ILE E 71 -23.19 7.67 51.54
C ILE E 71 -23.54 6.61 50.48
N PRO E 72 -24.76 6.60 49.95
CA PRO E 72 -25.16 5.53 49.02
C PRO E 72 -24.71 5.74 47.59
N ILE E 73 -24.42 6.97 47.18
CA ILE E 73 -23.98 7.20 45.80
C ILE E 73 -22.64 6.51 45.52
N VAL E 74 -21.84 6.25 46.56
CA VAL E 74 -20.66 5.40 46.45
C VAL E 74 -20.78 4.15 47.32
N ASP E 75 -21.81 4.05 48.17
CA ASP E 75 -21.97 2.95 49.10
C ASP E 75 -20.76 2.83 50.03
N VAL E 76 -20.48 3.92 50.72
CA VAL E 76 -19.33 4.02 51.62
C VAL E 76 -19.83 4.31 53.02
N THR E 77 -19.36 3.51 53.98
CA THR E 77 -19.75 3.65 55.39
C THR E 77 -18.56 4.15 56.20
N ASN E 78 -18.77 5.24 56.94
CA ASN E 78 -17.76 5.78 57.84
C ASN E 78 -18.20 5.50 59.28
N TYR E 79 -17.29 4.95 60.07
CA TYR E 79 -17.57 4.53 61.43
C TYR E 79 -16.62 5.22 62.40
N ALA E 80 -17.10 5.43 63.63
CA ALA E 80 -16.26 5.98 64.67
C ALA E 80 -15.24 4.94 65.15
N GLN E 81 -14.16 5.44 65.75
CA GLN E 81 -13.09 4.56 66.22
C GLN E 81 -13.54 3.70 67.40
N LYS E 82 -14.60 4.09 68.10
CA LYS E 82 -15.09 3.33 69.24
C LYS E 82 -16.24 2.41 68.91
N PHE E 83 -17.00 2.69 67.86
CA PHE E 83 -18.13 1.86 67.45
C PHE E 83 -17.79 0.95 66.28
N GLN E 84 -16.54 0.89 65.86
CA GLN E 84 -16.15 0.06 64.74
C GLN E 84 -16.29 -1.42 65.09
N GLY E 85 -16.81 -2.20 64.15
CA GLY E 85 -16.98 -3.62 64.34
C GLY E 85 -18.19 -4.03 65.15
N ARG E 86 -19.05 -3.08 65.54
CA ARG E 86 -20.23 -3.40 66.34
C ARG E 86 -21.53 -2.93 65.71
N VAL E 87 -21.50 -1.93 64.82
CA VAL E 87 -22.70 -1.39 64.19
C VAL E 87 -22.59 -1.62 62.68
N LYS E 88 -23.62 -2.21 62.09
CA LYS E 88 -23.68 -2.47 60.67
C LYS E 88 -24.71 -1.56 60.02
N ILE E 89 -24.31 -0.86 58.96
CA ILE E 89 -25.17 0.10 58.27
C ILE E 89 -25.38 -0.38 56.84
N THR E 90 -26.64 -0.44 56.41
CA THR E 90 -27.00 -0.80 55.05
C THR E 90 -27.98 0.21 54.49
N ALA E 91 -27.96 0.35 53.16
CA ALA E 91 -28.82 1.31 52.49
C ALA E 91 -29.53 0.63 51.32
N ASP E 92 -30.76 1.08 51.08
CA ASP E 92 -31.57 0.59 49.96
C ASP E 92 -32.07 1.79 49.17
N LYS E 93 -31.57 1.95 47.95
CA LYS E 93 -31.96 3.07 47.10
C LYS E 93 -33.35 2.88 46.51
N SER E 94 -33.77 1.63 46.29
CA SER E 94 -35.10 1.39 45.75
C SER E 94 -36.18 1.88 46.71
N THR E 95 -36.01 1.63 48.00
CA THR E 95 -36.92 2.13 49.02
C THR E 95 -36.35 3.34 49.78
N THR E 96 -35.11 3.72 49.49
CA THR E 96 -34.44 4.84 50.16
C THR E 96 -34.49 4.67 51.68
N THR E 97 -34.16 3.47 52.14
CA THR E 97 -34.25 3.13 53.55
C THR E 97 -32.88 2.76 54.09
N ALA E 98 -32.56 3.27 55.27
CA ALA E 98 -31.29 2.98 55.95
C ALA E 98 -31.55 2.08 57.14
N TYR E 99 -30.81 0.97 57.21
CA TYR E 99 -30.95 0.00 58.29
C TYR E 99 -29.68 -0.02 59.12
N MET E 100 -29.84 0.12 60.43
CA MET E 100 -28.73 0.08 61.38
C MET E 100 -28.94 -1.09 62.34
N GLN E 101 -27.97 -1.99 62.38
CA GLN E 101 -28.02 -3.17 63.24
C GLN E 101 -26.93 -3.08 64.30
N LEU E 102 -27.31 -3.06 65.56
CA LEU E 102 -26.26 -3.04 66.61
C LEU E 102 -26.43 -4.27 67.51
N SER E 103 -25.50 -5.23 67.41
CA SER E 103 -25.64 -6.49 68.18
C SER E 103 -24.81 -6.43 69.46
N SER E 104 -24.87 -7.48 70.29
CA SER E 104 -24.14 -7.47 71.59
C SER E 104 -24.44 -6.16 72.30
N LEU E 105 -25.69 -5.69 72.22
CA LEU E 105 -26.05 -4.38 72.81
C LEU E 105 -25.75 -4.40 74.32
N ARG E 106 -25.06 -3.39 74.83
CA ARG E 106 -24.81 -3.29 76.29
C ARG E 106 -26.05 -2.64 76.91
N SER E 107 -26.16 -2.62 78.24
CA SER E 107 -27.31 -1.91 78.86
C SER E 107 -27.20 -0.41 78.57
N GLU E 108 -25.97 0.11 78.50
CA GLU E 108 -25.75 1.55 78.22
C GLU E 108 -26.31 1.89 76.83
N ASP E 109 -26.43 0.88 75.97
CA ASP E 109 -26.95 1.09 74.59
C ASP E 109 -28.34 1.77 74.68
N THR E 110 -29.06 1.52 75.78
CA THR E 110 -30.42 2.10 75.94
C THR E 110 -30.37 3.61 75.71
N ALA E 111 -31.08 4.12 74.70
CA ALA E 111 -31.10 5.57 74.41
C ALA E 111 -32.01 5.85 73.21
N VAL E 112 -32.23 7.13 72.88
CA VAL E 112 -33.05 7.49 71.68
C VAL E 112 -32.10 7.61 70.49
N TYR E 113 -32.51 7.11 69.31
CA TYR E 113 -31.58 7.11 68.16
C TYR E 113 -32.21 7.96 67.05
N PHE E 114 -31.43 8.83 66.41
CA PHE E 114 -31.90 9.70 65.35
C PHE E 114 -31.12 9.44 64.06
N CYS E 115 -31.81 9.58 62.94
CA CYS E 115 -31.20 9.56 61.62
C CYS E 115 -31.28 10.96 61.02
N ALA E 116 -30.15 11.47 60.57
CA ALA E 116 -30.04 12.84 60.08
C ALA E 116 -29.56 12.85 58.63
N ARG E 117 -30.16 13.73 57.84
CA ARG E 117 -29.76 13.89 56.44
C ARG E 117 -28.55 14.83 56.36
N ASP E 118 -28.13 15.13 55.13
CA ASP E 118 -27.00 16.02 54.90
C ASP E 118 -27.43 17.35 54.29
N ASP E 119 -28.13 17.31 53.15
CA ASP E 119 -28.63 18.50 52.47
C ASP E 119 -27.51 19.49 52.16
N ALA E 120 -27.87 20.73 51.88
CA ALA E 120 -26.90 21.77 51.58
C ALA E 120 -26.54 22.52 52.87
N ILE E 121 -25.85 23.66 52.71
CA ILE E 121 -25.48 24.55 53.81
C ILE E 121 -24.53 23.84 54.78
N ASP E 122 -25.05 22.88 55.54
CA ASP E 122 -24.25 22.16 56.51
C ASP E 122 -24.95 20.83 56.81
N PRO E 123 -24.23 19.83 57.29
CA PRO E 123 -24.86 18.54 57.61
C PRO E 123 -25.77 18.66 58.81
N PHE E 124 -26.48 17.55 59.09
CA PHE E 124 -27.45 17.47 60.19
C PHE E 124 -28.52 18.55 60.06
N SER E 125 -28.96 18.81 58.83
CA SER E 125 -29.98 19.82 58.58
C SER E 125 -31.40 19.28 58.81
N TYR E 126 -31.57 17.97 58.95
CA TYR E 126 -32.87 17.37 59.17
C TYR E 126 -32.78 16.37 60.32
N TRP E 127 -33.86 16.26 61.08
CA TRP E 127 -33.93 15.37 62.23
C TRP E 127 -35.24 14.58 62.17
N GLY E 128 -35.16 13.31 62.58
CA GLY E 128 -36.33 12.46 62.62
C GLY E 128 -37.03 12.49 63.96
N GLN E 129 -38.07 11.66 64.07
CA GLN E 129 -38.81 11.57 65.33
C GLN E 129 -38.00 10.92 66.44
N GLY E 130 -37.12 9.99 66.08
CA GLY E 130 -36.30 9.30 67.07
C GLY E 130 -36.93 8.00 67.54
N THR E 131 -36.07 7.05 67.89
CA THR E 131 -36.49 5.74 68.35
C THR E 131 -35.85 5.45 69.70
N LEU E 132 -36.67 5.14 70.70
CA LEU E 132 -36.18 4.85 72.04
C LEU E 132 -35.86 3.37 72.16
N VAL E 133 -34.64 3.06 72.58
CA VAL E 133 -34.18 1.68 72.77
C VAL E 133 -33.86 1.49 74.24
N THR E 134 -34.50 0.51 74.87
CA THR E 134 -34.32 0.21 76.28
C THR E 134 -33.67 -1.16 76.44
N VAL E 135 -32.70 -1.25 77.33
CA VAL E 135 -32.00 -2.50 77.58
C VAL E 135 -32.43 -3.11 78.91
N SER F 21 -12.39 12.38 72.69
CA SER F 21 -11.98 13.76 72.56
C SER F 21 -13.19 14.67 72.36
N GLU F 22 -14.16 14.56 73.26
CA GLU F 22 -15.36 15.38 73.18
C GLU F 22 -15.04 16.85 73.47
N LEU F 23 -15.78 17.73 72.81
CA LEU F 23 -15.58 19.16 73.00
C LEU F 23 -15.99 19.57 74.41
N SER F 24 -15.32 20.59 74.94
CA SER F 24 -15.56 21.06 76.30
C SER F 24 -16.53 22.22 76.28
N GLN F 25 -17.58 22.12 77.10
CA GLN F 25 -18.60 23.15 77.22
C GLN F 25 -18.91 23.35 78.70
N PRO F 26 -19.31 24.56 79.08
CA PRO F 26 -19.68 24.80 80.48
C PRO F 26 -20.92 24.03 80.87
N ALA F 27 -20.99 23.63 82.14
CA ALA F 27 -22.14 22.88 82.64
C ALA F 27 -23.41 23.73 82.59
N SER F 28 -23.33 24.99 83.02
CA SER F 28 -24.48 25.88 83.00
C SER F 28 -23.99 27.32 83.03
N VAL F 29 -24.84 28.22 82.58
CA VAL F 29 -24.54 29.65 82.57
C VAL F 29 -25.77 30.41 83.05
N SER F 30 -25.56 31.36 83.96
CA SER F 30 -26.65 32.19 84.45
C SER F 30 -26.91 33.35 83.49
N GLY F 31 -28.05 34.00 83.67
CA GLY F 31 -28.40 35.12 82.82
C GLY F 31 -29.71 35.74 83.27
N SER F 32 -30.02 36.88 82.65
CA SER F 32 -31.24 37.63 82.92
C SER F 32 -31.89 38.04 81.61
N PRO F 33 -33.20 38.23 81.60
CA PRO F 33 -33.88 38.67 80.37
C PRO F 33 -33.35 40.03 79.92
N GLY F 34 -33.27 40.19 78.59
CA GLY F 34 -32.77 41.42 78.02
C GLY F 34 -31.31 41.70 78.33
N GLN F 35 -30.45 40.68 78.21
CA GLN F 35 -29.03 40.82 78.48
C GLN F 35 -28.25 40.02 77.47
N SER F 36 -26.92 40.10 77.54
CA SER F 36 -26.03 39.40 76.63
C SER F 36 -25.33 38.27 77.39
N ILE F 37 -25.36 37.07 76.81
CA ILE F 37 -24.77 35.88 77.42
C ILE F 37 -23.70 35.34 76.47
N THR F 38 -22.51 35.08 77.01
CA THR F 38 -21.39 34.56 76.24
C THR F 38 -21.24 33.08 76.52
N ILE F 39 -21.24 32.27 75.46
CA ILE F 39 -21.09 30.82 75.55
C ILE F 39 -19.81 30.43 74.83
N SER F 40 -18.96 29.67 75.51
CA SER F 40 -17.65 29.30 74.99
C SER F 40 -17.60 27.80 74.70
N CYS F 41 -16.96 27.45 73.59
CA CYS F 41 -16.75 26.06 73.19
C CYS F 41 -15.28 25.90 72.80
N THR F 42 -14.55 25.09 73.56
CA THR F 42 -13.12 24.92 73.35
C THR F 42 -12.77 23.45 73.25
N GLY F 43 -11.70 23.15 72.54
CA GLY F 43 -11.27 21.78 72.34
C GLY F 43 -9.88 21.72 71.78
N THR F 44 -9.50 20.50 71.38
CA THR F 44 -8.17 20.29 70.83
C THR F 44 -8.03 20.92 69.46
N SER F 45 -6.79 21.25 69.08
CA SER F 45 -6.52 21.88 67.80
C SER F 45 -6.66 20.91 66.63
N SER F 46 -6.80 19.61 66.89
CA SER F 46 -6.93 18.65 65.81
C SER F 46 -8.23 18.83 65.04
N ASP F 47 -9.27 19.33 65.71
CA ASP F 47 -10.58 19.52 65.09
C ASP F 47 -10.94 20.98 64.88
N VAL F 48 -10.89 21.79 65.94
CA VAL F 48 -11.26 23.20 65.83
C VAL F 48 -10.10 24.08 65.37
N GLY F 49 -8.86 23.65 65.56
CA GLY F 49 -7.70 24.41 65.17
C GLY F 49 -7.20 24.16 63.76
N ALA F 50 -7.88 23.32 62.99
CA ALA F 50 -7.48 22.99 61.63
C ALA F 50 -8.42 23.53 60.57
N TYR F 51 -9.74 23.52 60.83
CA TYR F 51 -10.71 23.99 59.86
C TYR F 51 -11.62 25.05 60.48
N ASN F 52 -12.64 25.47 59.72
CA ASN F 52 -13.60 26.47 60.16
C ASN F 52 -15.02 25.99 59.88
N PHE F 53 -15.30 24.74 60.23
CA PHE F 53 -16.59 24.11 59.98
C PHE F 53 -17.29 23.76 61.29
N VAL F 54 -17.21 24.66 62.27
CA VAL F 54 -17.90 24.44 63.55
C VAL F 54 -19.37 24.82 63.40
N SER F 55 -20.19 24.26 64.29
CA SER F 55 -21.62 24.50 64.24
C SER F 55 -22.20 24.43 65.65
N TRP F 56 -23.37 25.04 65.81
CA TRP F 56 -24.08 25.04 67.08
C TRP F 56 -25.51 24.56 66.86
N TYR F 57 -26.00 23.74 67.78
CA TYR F 57 -27.35 23.19 67.69
C TYR F 57 -28.12 23.50 68.97
N GLN F 58 -29.38 23.88 68.82
CA GLN F 58 -30.27 24.15 69.94
C GLN F 58 -31.30 23.05 70.02
N GLN F 59 -31.33 22.35 71.16
CA GLN F 59 -32.23 21.22 71.37
C GLN F 59 -33.11 21.51 72.57
N HIS F 60 -34.43 21.52 72.35
CA HIS F 60 -35.38 21.67 73.43
C HIS F 60 -35.62 20.34 74.12
N PRO F 61 -36.03 20.36 75.39
CA PRO F 61 -36.32 19.09 76.09
C PRO F 61 -37.45 18.34 75.41
N GLY F 62 -37.14 17.13 74.94
CA GLY F 62 -38.13 16.33 74.23
C GLY F 62 -38.41 16.77 72.82
N LYS F 63 -37.51 17.53 72.21
CA LYS F 63 -37.71 18.02 70.85
C LYS F 63 -36.41 17.86 70.06
N ALA F 64 -36.56 17.84 68.74
CA ALA F 64 -35.40 17.67 67.87
C ALA F 64 -34.50 18.89 67.92
N PRO F 65 -33.19 18.71 67.75
CA PRO F 65 -32.28 19.85 67.77
C PRO F 65 -32.54 20.80 66.60
N LYS F 66 -32.26 22.08 66.84
CA LYS F 66 -32.46 23.14 65.85
C LYS F 66 -31.14 23.83 65.57
N LEU F 67 -30.89 24.09 64.29
CA LEU F 67 -29.66 24.73 63.85
C LEU F 67 -29.84 26.24 63.78
N MET F 68 -28.90 26.98 64.37
CA MET F 68 -28.92 28.44 64.32
C MET F 68 -27.59 29.08 63.96
N ILE F 69 -26.46 28.40 64.17
CA ILE F 69 -25.14 28.95 63.87
C ILE F 69 -24.35 27.91 63.11
N TYR F 70 -23.90 28.25 61.91
CA TYR F 70 -23.07 27.37 61.09
C TYR F 70 -21.96 28.19 60.45
N ASP F 71 -20.86 27.50 60.15
CA ASP F 71 -19.69 28.12 59.50
C ASP F 71 -19.20 29.33 60.29
N VAL F 72 -19.07 29.15 61.60
CA VAL F 72 -18.52 30.14 62.52
C VAL F 72 -19.39 31.40 62.56
N THR F 73 -19.37 32.17 61.48
CA THR F 73 -20.06 33.45 61.43
C THR F 73 -21.23 33.49 60.46
N LYS F 74 -21.36 32.52 59.56
CA LYS F 74 -22.45 32.53 58.60
C LYS F 74 -23.78 32.31 59.29
N TRP F 75 -24.83 32.97 58.78
CA TRP F 75 -26.16 32.87 59.35
C TRP F 75 -27.10 32.18 58.38
N PRO F 76 -27.81 31.14 58.81
CA PRO F 76 -28.73 30.44 57.91
C PRO F 76 -29.96 31.29 57.63
N SER F 77 -30.67 30.92 56.56
CA SER F 77 -31.88 31.63 56.18
C SER F 77 -32.99 31.38 57.19
N GLY F 78 -33.78 32.41 57.46
CA GLY F 78 -34.90 32.30 58.38
C GLY F 78 -34.51 32.07 59.82
N VAL F 79 -33.46 32.75 60.30
CA VAL F 79 -33.03 32.65 61.69
C VAL F 79 -32.94 34.05 62.28
N SER F 80 -32.91 34.11 63.60
CA SER F 80 -32.82 35.39 64.29
C SER F 80 -31.43 36.00 64.08
N ASN F 81 -31.40 37.29 63.75
CA ASN F 81 -30.15 38.00 63.53
C ASN F 81 -29.49 38.46 64.82
N ARG F 82 -30.17 38.33 65.96
CA ARG F 82 -29.58 38.75 67.23
C ARG F 82 -28.37 37.89 67.59
N PHE F 83 -28.43 36.59 67.32
CA PHE F 83 -27.33 35.70 67.64
C PHE F 83 -26.10 36.04 66.81
N SER F 84 -24.93 36.04 67.46
CA SER F 84 -23.68 36.32 66.79
C SER F 84 -22.62 35.33 67.27
N GLY F 85 -21.62 35.08 66.43
CA GLY F 85 -20.59 34.12 66.77
C GLY F 85 -19.23 34.57 66.24
N SER F 86 -18.19 34.05 66.89
CA SER F 86 -16.82 34.34 66.49
C SER F 86 -15.94 33.18 66.92
N LYS F 87 -14.75 33.11 66.32
CA LYS F 87 -13.77 32.08 66.65
C LYS F 87 -12.41 32.72 66.83
N SER F 88 -11.71 32.33 67.89
CA SER F 88 -10.36 32.83 68.17
C SER F 88 -9.54 31.71 68.77
N GLY F 89 -8.37 31.47 68.21
CA GLY F 89 -7.54 30.37 68.68
C GLY F 89 -8.27 29.05 68.53
N ASN F 90 -8.47 28.36 69.65
CA ASN F 90 -9.21 27.11 69.68
C ASN F 90 -10.56 27.26 70.38
N THR F 91 -11.07 28.49 70.51
CA THR F 91 -12.29 28.76 71.26
C THR F 91 -13.30 29.48 70.37
N ALA F 92 -14.53 28.98 70.36
CA ALA F 92 -15.63 29.61 69.64
C ALA F 92 -16.58 30.25 70.67
N SER F 93 -16.90 31.52 70.45
CA SER F 93 -17.72 32.28 71.38
C SER F 93 -19.01 32.71 70.70
N LEU F 94 -20.14 32.46 71.36
CA LEU F 94 -21.45 32.89 70.90
C LEU F 94 -21.98 33.95 71.84
N THR F 95 -22.48 35.04 71.26
CA THR F 95 -23.12 36.12 72.01
C THR F 95 -24.57 36.25 71.56
N ILE F 96 -25.46 36.37 72.53
CA ILE F 96 -26.90 36.42 72.27
C ILE F 96 -27.46 37.74 72.77
N SER F 97 -28.62 38.11 72.22
CA SER F 97 -29.29 39.33 72.61
C SER F 97 -30.79 39.16 72.43
N GLY F 98 -31.56 39.97 73.15
CA GLY F 98 -33.00 39.88 73.06
C GLY F 98 -33.58 38.57 73.54
N LEU F 99 -33.06 38.04 74.66
CA LEU F 99 -33.49 36.75 75.19
C LEU F 99 -34.66 37.00 76.15
N GLN F 100 -35.84 36.51 75.79
CA GLN F 100 -37.03 36.62 76.64
C GLN F 100 -37.82 35.32 76.50
N ALA F 101 -37.53 34.36 77.37
CA ALA F 101 -38.23 33.07 77.41
C ALA F 101 -38.19 32.38 76.06
N GLU F 102 -37.07 32.49 75.36
CA GLU F 102 -36.91 31.90 74.04
C GLU F 102 -35.71 30.99 73.89
N ASP F 103 -34.68 31.11 74.74
CA ASP F 103 -33.48 30.30 74.64
C ASP F 103 -33.39 29.24 75.74
N GLU F 104 -34.53 28.87 76.33
CA GLU F 104 -34.56 27.85 77.38
C GLU F 104 -34.43 26.48 76.72
N ALA F 105 -33.21 26.14 76.35
CA ALA F 105 -32.91 24.88 75.69
C ALA F 105 -31.45 24.51 75.97
N ASP F 106 -30.94 23.53 75.23
CA ASP F 106 -29.57 23.06 75.38
C ASP F 106 -28.78 23.39 74.13
N TYR F 107 -27.58 23.94 74.31
CA TYR F 107 -26.71 24.31 73.21
C TYR F 107 -25.58 23.29 73.07
N TYR F 108 -25.40 22.77 71.87
CA TYR F 108 -24.40 21.74 71.59
C TYR F 108 -23.43 22.26 70.53
N CYS F 109 -22.14 22.08 70.80
CA CYS F 109 -21.07 22.48 69.90
C CYS F 109 -20.62 21.26 69.09
N SER F 110 -20.56 21.42 67.77
CA SER F 110 -20.19 20.33 66.87
C SER F 110 -19.03 20.78 65.98
N SER F 111 -18.11 19.86 65.71
CA SER F 111 -16.94 20.16 64.92
C SER F 111 -16.54 18.93 64.11
N TYR F 112 -15.71 19.16 63.10
CA TYR F 112 -15.21 18.12 62.23
C TYR F 112 -13.72 17.89 62.49
N ALA F 113 -13.30 16.63 62.43
CA ALA F 113 -11.92 16.24 62.69
C ALA F 113 -11.47 15.24 61.64
N SER F 114 -10.16 15.13 61.50
CA SER F 114 -9.55 14.32 60.45
C SER F 114 -9.98 12.86 60.56
N SER F 115 -9.65 12.10 59.51
CA SER F 115 -10.11 10.73 59.35
C SER F 115 -11.63 10.64 59.29
N ASN F 116 -12.26 11.72 58.80
CA ASN F 116 -13.71 11.79 58.64
C ASN F 116 -14.44 11.49 59.95
N THR F 117 -14.22 12.37 60.93
CA THR F 117 -14.82 12.21 62.25
C THR F 117 -15.61 13.45 62.63
N TYR F 118 -16.65 13.26 63.44
CA TYR F 118 -17.46 14.35 63.95
C TYR F 118 -17.45 14.30 65.47
N VAL F 119 -17.22 15.45 66.09
CA VAL F 119 -17.13 15.56 67.55
C VAL F 119 -18.21 16.51 68.04
N PHE F 120 -18.85 16.13 69.15
CA PHE F 120 -19.91 16.92 69.75
C PHE F 120 -19.55 17.28 71.19
N GLY F 121 -20.02 18.45 71.63
CA GLY F 121 -19.74 18.92 72.96
C GLY F 121 -20.61 18.27 74.02
N THR F 122 -20.34 18.63 75.27
CA THR F 122 -21.09 18.10 76.40
C THR F 122 -22.42 18.80 76.62
N GLY F 123 -22.67 19.91 75.94
CA GLY F 123 -23.91 20.63 76.07
C GLY F 123 -23.81 21.77 77.07
N THR F 124 -24.58 22.82 76.82
CA THR F 124 -24.61 24.01 77.67
C THR F 124 -26.05 24.30 78.05
N LYS F 125 -26.29 24.51 79.34
CA LYS F 125 -27.62 24.82 79.86
C LYS F 125 -27.73 26.31 80.14
N LEU F 126 -28.73 26.95 79.56
CA LEU F 126 -28.97 28.38 79.71
C LEU F 126 -30.15 28.61 80.64
N THR F 127 -29.95 29.41 81.67
CA THR F 127 -30.98 29.74 82.64
C THR F 127 -31.21 31.24 82.65
N VAL F 128 -32.47 31.64 82.85
CA VAL F 128 -32.86 33.05 82.89
C VAL F 128 -33.63 33.31 84.18
N LEU F 129 -33.67 34.57 84.57
CA LEU F 129 -34.37 34.97 85.79
C LEU F 129 -35.61 35.81 85.46
N LYS G 58 31.18 4.73 30.95
CA LYS G 58 29.97 5.05 30.21
C LYS G 58 29.44 3.83 29.48
N SER G 59 28.21 3.43 29.81
CA SER G 59 27.58 2.27 29.19
C SER G 59 26.85 2.69 27.93
N VAL G 60 27.07 1.94 26.85
CA VAL G 60 26.45 2.26 25.56
C VAL G 60 25.79 1.00 24.99
N ASP G 61 26.05 -0.14 25.61
CA ASP G 61 25.51 -1.40 25.13
C ASP G 61 25.41 -2.38 26.29
N PHE G 62 24.65 -3.45 26.06
CA PHE G 62 24.43 -4.49 27.07
C PHE G 62 25.45 -5.61 26.97
N TYR G 63 26.74 -5.25 26.94
CA TYR G 63 27.81 -6.22 26.83
C TYR G 63 28.72 -6.23 28.06
N GLN G 64 29.23 -5.07 28.46
CA GLN G 64 30.13 -5.00 29.61
C GLN G 64 29.35 -4.99 30.91
N PHE G 65 29.92 -5.64 31.93
CA PHE G 65 29.31 -5.64 33.25
C PHE G 65 29.35 -4.23 33.84
N ARG G 66 28.27 -3.84 34.51
CA ARG G 66 28.18 -2.52 35.10
C ARG G 66 27.19 -2.54 36.26
N VAL G 67 27.36 -1.59 37.18
CA VAL G 67 26.45 -1.39 38.29
C VAL G 67 26.07 0.08 38.34
N CYS G 68 24.78 0.37 38.20
CA CYS G 68 24.29 1.75 38.15
C CYS G 68 23.04 1.84 39.01
N SER G 69 23.18 2.45 40.19
CA SER G 69 22.04 2.63 41.08
C SER G 69 22.02 4.02 41.72
N ALA G 70 22.89 4.94 41.31
CA ALA G 70 22.93 6.27 41.89
C ALA G 70 21.77 7.11 41.35
N SER G 71 21.08 7.80 42.26
CA SER G 71 19.95 8.67 41.91
C SER G 71 20.19 10.02 42.59
N ILE G 72 20.87 10.92 41.89
CA ILE G 72 21.18 12.24 42.42
C ILE G 72 20.60 13.32 41.51
N THR G 73 21.06 13.36 40.27
CA THR G 73 20.63 14.36 39.29
C THR G 73 19.97 13.70 38.09
N GLY G 74 19.19 12.65 38.34
CA GLY G 74 18.50 11.98 37.26
C GLY G 74 17.43 12.88 36.66
N GLU G 75 17.42 12.98 35.33
CA GLU G 75 16.44 13.81 34.65
C GLU G 75 15.05 13.20 34.76
N LEU G 76 14.04 14.06 34.88
CA LEU G 76 12.66 13.63 35.07
C LEU G 76 11.91 13.64 33.75
N PHE G 77 10.97 12.70 33.63
CA PHE G 77 10.14 12.57 32.44
C PHE G 77 8.72 12.19 32.86
N ARG G 78 7.78 12.49 31.97
CA ARG G 78 6.37 12.21 32.20
C ARG G 78 5.76 11.59 30.95
N PHE G 79 4.65 10.90 31.13
CA PHE G 79 3.92 10.25 30.05
C PHE G 79 2.70 11.08 29.68
N ASN G 80 2.60 11.44 28.40
CA ASN G 80 1.50 12.25 27.90
C ASN G 80 0.42 11.32 27.34
N LEU G 81 -0.58 11.01 28.17
CA LEU G 81 -1.68 10.14 27.77
C LEU G 81 -2.86 10.93 27.22
N GLU G 82 -2.57 11.79 26.23
CA GLU G 82 -3.62 12.61 25.62
C GLU G 82 -3.47 12.73 24.10
N GLN G 83 -2.62 11.92 23.48
CA GLN G 83 -2.40 12.03 22.04
C GLN G 83 -3.61 11.51 21.27
N THR G 84 -4.08 12.28 20.31
CA THR G 84 -5.19 11.90 19.46
C THR G 84 -4.81 12.11 18.00
N CYS G 85 -5.02 11.09 17.18
CA CYS G 85 -4.77 11.22 15.74
C CYS G 85 -5.86 12.07 15.13
N PRO G 86 -5.54 13.18 14.47
CA PRO G 86 -6.58 14.00 13.85
C PRO G 86 -7.19 13.32 12.64
N ASP G 87 -8.41 13.76 12.31
CA ASP G 87 -9.12 13.23 11.15
C ASP G 87 -8.71 14.04 9.91
N THR G 88 -9.41 13.81 8.81
CA THR G 88 -9.12 14.50 7.56
C THR G 88 -10.41 14.97 6.92
N LYS G 89 -10.31 15.99 6.07
CA LYS G 89 -11.45 16.57 5.40
C LYS G 89 -11.16 16.66 3.91
N ASP G 90 -12.20 16.43 3.10
CA ASP G 90 -12.07 16.49 1.66
C ASP G 90 -12.05 17.94 1.18
N LYS G 91 -11.82 18.10 -0.12
CA LYS G 91 -11.77 19.41 -0.74
C LYS G 91 -13.09 19.70 -1.47
N TYR G 92 -13.28 20.98 -1.78
CA TYR G 92 -14.50 21.39 -2.49
C TYR G 92 -14.54 20.83 -3.89
N HIS G 93 -13.37 20.67 -4.54
CA HIS G 93 -13.24 20.19 -5.92
C HIS G 93 -14.28 20.84 -6.82
N GLN G 94 -14.17 22.15 -7.00
CA GLN G 94 -15.09 22.92 -7.83
C GLN G 94 -15.36 22.22 -9.15
N GLU G 95 -16.61 22.25 -9.58
CA GLU G 95 -17.04 21.57 -10.79
C GLU G 95 -18.09 22.40 -11.49
N GLY G 96 -18.36 22.04 -12.75
CA GLY G 96 -19.33 22.76 -13.53
C GLY G 96 -19.57 22.16 -14.89
N ILE G 97 -19.82 23.01 -15.88
CA ILE G 97 -20.11 22.60 -17.24
C ILE G 97 -18.89 22.90 -18.10
N LEU G 98 -18.54 21.95 -18.96
CA LEU G 98 -17.33 22.02 -19.76
C LEU G 98 -17.65 21.69 -21.21
N LEU G 99 -17.09 22.48 -22.13
CA LEU G 99 -17.25 22.26 -23.55
C LEU G 99 -15.87 22.20 -24.20
N VAL G 100 -15.76 21.41 -25.27
CA VAL G 100 -14.50 21.23 -25.97
C VAL G 100 -14.68 21.70 -27.40
N TYR G 101 -13.56 22.08 -28.02
CA TYR G 101 -13.58 22.59 -29.38
C TYR G 101 -12.32 22.14 -30.09
N LYS G 102 -12.49 21.72 -31.34
CA LYS G 102 -11.40 21.20 -32.16
C LYS G 102 -11.19 22.09 -33.36
N LYS G 103 -9.97 22.08 -33.89
CA LYS G 103 -9.66 22.83 -35.11
C LYS G 103 -10.44 22.22 -36.27
N ASN G 104 -11.47 22.92 -36.74
CA ASN G 104 -12.32 22.39 -37.79
C ASN G 104 -11.50 22.21 -39.06
N ILE G 105 -11.82 21.13 -39.78
CA ILE G 105 -11.12 20.78 -41.02
C ILE G 105 -12.04 20.70 -42.21
N VAL G 106 -13.33 21.00 -42.05
CA VAL G 106 -14.27 20.98 -43.17
C VAL G 106 -13.86 22.07 -44.15
N PRO G 107 -13.63 21.75 -45.41
CA PRO G 107 -13.23 22.78 -46.37
C PRO G 107 -14.36 23.74 -46.65
N HIS G 108 -13.99 24.99 -46.93
CA HIS G 108 -14.99 26.01 -47.26
C HIS G 108 -15.62 25.68 -48.60
N ILE G 109 -16.95 25.80 -48.68
CA ILE G 109 -17.69 25.47 -49.88
C ILE G 109 -18.45 26.69 -50.34
N PHE G 110 -18.68 26.79 -51.64
CA PHE G 110 -19.56 27.81 -52.21
C PHE G 110 -19.85 27.42 -53.66
N LYS G 111 -20.60 28.28 -54.34
CA LYS G 111 -20.98 28.06 -55.72
C LYS G 111 -20.23 29.02 -56.63
N VAL G 112 -20.26 28.71 -57.93
CA VAL G 112 -19.50 29.48 -58.92
C VAL G 112 -20.20 29.32 -60.26
N ARG G 113 -20.03 30.31 -61.12
CA ARG G 113 -20.59 30.26 -62.47
C ARG G 113 -19.48 30.57 -63.47
N ARG G 114 -19.38 29.75 -64.50
CA ARG G 114 -18.30 29.85 -65.47
C ARG G 114 -18.88 30.06 -66.87
N TYR G 115 -18.20 30.90 -67.65
CA TYR G 115 -18.58 31.22 -69.02
C TYR G 115 -17.47 30.80 -69.96
N ARG G 116 -17.86 30.23 -71.11
CA ARG G 116 -16.90 29.77 -72.09
C ARG G 116 -17.46 29.97 -73.49
N LYS G 117 -16.56 30.19 -74.45
CA LYS G 117 -16.91 30.30 -75.86
C LYS G 117 -16.13 29.26 -76.63
N ILE G 118 -16.82 28.45 -77.43
CA ILE G 118 -16.20 27.34 -78.15
C ILE G 118 -16.49 27.51 -79.63
N ALA G 119 -15.45 27.39 -80.46
CA ALA G 119 -15.59 27.45 -81.91
C ALA G 119 -15.03 26.16 -82.49
N THR G 120 -15.80 25.52 -83.38
CA THR G 120 -15.35 24.26 -83.96
C THR G 120 -15.83 24.20 -85.40
N SER G 121 -15.12 23.41 -86.21
CA SER G 121 -15.46 23.24 -87.62
C SER G 121 -15.36 21.76 -87.98
N VAL G 122 -16.05 21.40 -89.06
CA VAL G 122 -16.02 20.05 -89.60
C VAL G 122 -15.57 20.12 -91.05
N THR G 123 -14.64 19.24 -91.42
CA THR G 123 -14.11 19.17 -92.78
C THR G 123 -14.22 17.71 -93.25
N VAL G 124 -15.40 17.32 -93.72
CA VAL G 124 -15.58 15.97 -94.23
C VAL G 124 -16.33 15.98 -95.55
N TYR G 125 -15.59 16.03 -96.66
CA TYR G 125 -16.16 15.75 -97.98
C TYR G 125 -15.16 15.04 -98.87
N ARG G 126 -14.24 14.27 -98.28
CA ARG G 126 -13.13 13.70 -99.02
C ARG G 126 -13.62 12.83 -100.17
N GLY G 127 -12.83 12.81 -101.25
CA GLY G 127 -13.26 12.16 -102.47
C GLY G 127 -14.44 12.89 -103.06
N HIS G 128 -15.62 12.28 -102.98
CA HIS G 128 -16.87 12.96 -103.27
C HIS G 128 -17.52 13.50 -101.99
N ARG G 129 -17.79 12.61 -101.04
CA ARG G 129 -18.37 13.00 -99.76
C ARG G 129 -17.91 12.00 -98.70
N GLU G 130 -17.31 12.51 -97.63
CA GLU G 130 -16.81 11.68 -96.54
C GLU G 130 -17.44 12.15 -95.22
N SER G 131 -17.18 11.38 -94.17
CA SER G 131 -17.70 11.66 -92.84
C SER G 131 -16.57 11.69 -91.82
N ALA G 132 -16.53 12.73 -91.00
CA ALA G 132 -15.55 12.87 -89.93
C ALA G 132 -14.12 12.73 -90.46
N ILE G 133 -13.86 13.36 -91.60
CA ILE G 133 -12.53 13.28 -92.21
C ILE G 133 -11.50 13.96 -91.31
N THR G 134 -11.82 15.16 -90.82
CA THR G 134 -10.90 15.89 -89.95
C THR G 134 -11.69 16.89 -89.13
N ASN G 135 -11.61 16.79 -87.81
CA ASN G 135 -12.23 17.74 -86.91
C ASN G 135 -11.31 18.92 -86.67
N LYS G 136 -11.91 20.08 -86.42
CA LYS G 136 -11.13 21.30 -86.22
C LYS G 136 -10.48 21.30 -84.84
N TYR G 137 -9.73 22.37 -84.57
CA TYR G 137 -9.01 22.47 -83.29
C TYR G 137 -9.97 22.57 -82.12
N GLU G 138 -11.18 23.08 -82.35
CA GLU G 138 -12.18 23.26 -81.30
C GLU G 138 -11.63 24.11 -80.15
N LEU G 139 -11.28 25.35 -80.49
CA LEU G 139 -10.66 26.25 -79.53
C LEU G 139 -11.69 26.80 -78.56
N PRO G 140 -11.53 26.58 -77.25
CA PRO G 140 -12.43 27.23 -76.28
C PRO G 140 -11.88 28.56 -75.80
N ARG G 141 -12.73 29.59 -75.76
CA ARG G 141 -12.29 30.93 -75.41
C ARG G 141 -13.19 31.53 -74.34
N PRO G 142 -12.68 32.46 -73.55
CA PRO G 142 -13.53 33.11 -72.55
C PRO G 142 -14.49 34.10 -73.18
N VAL G 143 -15.69 34.17 -72.62
CA VAL G 143 -16.68 35.16 -73.01
C VAL G 143 -16.31 36.49 -72.35
N PRO G 144 -16.12 37.56 -73.11
CA PRO G 144 -15.64 38.81 -72.51
C PRO G 144 -16.69 39.55 -71.70
N LEU G 145 -16.33 40.72 -71.20
CA LEU G 145 -17.22 41.53 -70.38
C LEU G 145 -18.18 42.31 -71.28
N TYR G 146 -18.87 43.28 -70.69
CA TYR G 146 -19.80 44.16 -71.41
C TYR G 146 -21.00 43.37 -71.93
N GLU G 147 -21.33 43.53 -73.21
CA GLU G 147 -22.51 42.88 -73.77
C GLU G 147 -22.43 41.36 -73.61
N ILE G 148 -21.25 40.78 -73.87
CA ILE G 148 -21.10 39.34 -73.69
C ILE G 148 -21.37 38.95 -72.24
N SER G 149 -21.04 39.84 -71.30
CA SER G 149 -21.46 39.64 -69.91
C SER G 149 -22.89 40.11 -69.67
N HIS G 150 -23.27 41.24 -70.29
CA HIS G 150 -24.63 41.76 -70.10
C HIS G 150 -25.66 40.81 -70.69
N MET G 151 -25.39 40.28 -71.89
CA MET G 151 -26.27 39.26 -72.45
C MET G 151 -26.26 38.02 -71.57
N ASP G 152 -25.09 37.66 -71.05
CA ASP G 152 -25.04 36.63 -70.01
C ASP G 152 -25.79 37.08 -68.76
N SER G 153 -25.64 38.35 -68.39
CA SER G 153 -26.43 38.89 -67.29
C SER G 153 -27.92 38.86 -67.62
N THR G 154 -28.26 39.14 -68.88
CA THR G 154 -29.64 38.93 -69.33
C THR G 154 -30.00 37.46 -69.25
N TYR G 155 -29.08 36.58 -69.65
CA TYR G 155 -29.20 35.13 -69.50
C TYR G 155 -30.31 34.55 -70.37
N GLN G 156 -31.01 35.41 -71.12
CA GLN G 156 -32.00 34.94 -72.08
C GLN G 156 -31.35 34.67 -73.43
N CYS G 157 -30.70 35.69 -73.98
CA CYS G 157 -29.94 35.57 -75.21
C CYS G 157 -28.50 36.02 -74.96
N PHE G 158 -27.56 35.37 -75.66
CA PHE G 158 -26.15 35.69 -75.56
C PHE G 158 -25.60 35.93 -76.96
N SER G 159 -24.61 36.81 -77.05
CA SER G 159 -24.06 37.17 -78.34
C SER G 159 -23.42 35.96 -79.02
N SER G 160 -23.62 35.85 -80.32
CA SER G 160 -23.10 34.76 -81.13
C SER G 160 -22.04 35.29 -82.09
N MET G 161 -21.44 34.37 -82.86
CA MET G 161 -20.42 34.68 -83.85
C MET G 161 -19.22 35.39 -83.20
N LYS G 162 -18.57 34.64 -82.32
CA LYS G 162 -17.39 35.16 -81.64
C LYS G 162 -16.30 35.51 -82.65
N VAL G 163 -15.65 36.65 -82.43
CA VAL G 163 -14.62 37.16 -83.34
C VAL G 163 -13.40 37.50 -82.48
N ASN G 164 -12.46 36.55 -82.37
CA ASN G 164 -11.22 36.75 -81.64
C ASN G 164 -10.30 35.58 -81.92
N VAL G 165 -9.02 35.89 -82.13
CA VAL G 165 -7.99 34.87 -82.30
C VAL G 165 -6.65 35.55 -82.11
N ASN G 166 -5.62 34.77 -81.76
CA ASN G 166 -4.29 35.32 -81.57
C ASN G 166 -3.74 35.89 -82.86
N GLY G 167 -3.89 35.15 -83.97
CA GLY G 167 -3.40 35.66 -85.24
C GLY G 167 -4.16 36.88 -85.71
N VAL G 168 -5.49 36.81 -85.73
CA VAL G 168 -6.33 37.91 -86.16
C VAL G 168 -7.74 37.66 -85.66
N GLU G 169 -8.39 38.72 -85.17
CA GLU G 169 -9.77 38.62 -84.72
C GLU G 169 -10.66 38.32 -85.92
N ASN G 170 -11.17 37.10 -85.99
CA ASN G 170 -11.95 36.64 -87.13
C ASN G 170 -13.23 35.97 -86.63
N THR G 171 -14.34 36.28 -87.30
CA THR G 171 -15.63 35.72 -86.90
C THR G 171 -15.76 34.28 -87.36
N PHE G 172 -16.11 33.40 -86.43
CA PHE G 172 -16.44 32.01 -86.74
C PHE G 172 -17.86 31.76 -86.26
N THR G 173 -18.71 31.25 -87.15
CA THR G 173 -20.13 31.05 -86.86
C THR G 173 -20.75 30.25 -88.00
N ASP G 174 -22.08 30.19 -87.99
CA ASP G 174 -22.88 29.69 -89.09
C ASP G 174 -23.36 30.82 -89.98
N ARG G 175 -22.48 31.80 -90.21
CA ARG G 175 -22.80 33.05 -90.90
C ARG G 175 -23.80 33.89 -90.12
N ASP G 176 -23.42 34.29 -88.91
CA ASP G 176 -24.19 35.20 -88.07
C ASP G 176 -23.37 36.47 -87.83
N ASP G 177 -23.88 37.34 -86.98
CA ASP G 177 -23.25 38.62 -86.70
C ASP G 177 -22.53 38.60 -85.35
N VAL G 178 -21.44 39.35 -85.27
CA VAL G 178 -20.58 39.32 -84.09
C VAL G 178 -21.33 39.83 -82.86
N ASN G 179 -22.04 40.95 -82.99
CA ASN G 179 -22.75 41.55 -81.87
C ASN G 179 -24.20 41.09 -81.78
N THR G 180 -24.68 40.30 -82.73
CA THR G 180 -26.03 39.77 -82.61
C THR G 180 -26.04 38.62 -81.61
N THR G 181 -27.23 38.31 -81.09
CA THR G 181 -27.38 37.32 -80.04
C THR G 181 -28.33 36.21 -80.48
N VAL G 182 -28.31 35.13 -79.70
CA VAL G 182 -29.20 33.98 -79.88
C VAL G 182 -29.66 33.56 -78.49
N PHE G 183 -30.92 33.13 -78.40
CA PHE G 183 -31.49 32.76 -77.12
C PHE G 183 -30.73 31.58 -76.51
N LEU G 184 -30.53 31.62 -75.19
CA LEU G 184 -29.86 30.54 -74.51
C LEU G 184 -30.71 29.28 -74.52
N GLN G 185 -30.03 28.13 -74.42
CA GLN G 185 -30.70 26.84 -74.39
C GLN G 185 -30.47 26.17 -73.05
N PRO G 186 -31.39 26.29 -72.10
CA PRO G 186 -31.23 25.56 -70.83
C PRO G 186 -31.45 24.07 -71.03
N VAL G 187 -30.37 23.30 -70.98
CA VAL G 187 -30.41 21.88 -71.28
C VAL G 187 -30.41 21.10 -69.97
N GLU G 188 -30.97 19.89 -70.01
CA GLU G 188 -30.96 18.99 -68.87
C GLU G 188 -29.66 18.18 -68.88
N GLY G 189 -29.54 17.30 -67.89
CA GLY G 189 -28.37 16.44 -67.80
C GLY G 189 -28.45 15.58 -66.56
N LEU G 190 -27.58 14.57 -66.52
CA LEU G 190 -27.51 13.66 -65.38
C LEU G 190 -26.51 14.16 -64.35
N THR G 191 -26.70 15.41 -63.94
CA THR G 191 -25.82 16.05 -62.96
C THR G 191 -26.67 16.90 -62.03
N ASP G 192 -26.60 16.62 -60.74
CA ASP G 192 -27.32 17.37 -59.72
C ASP G 192 -26.63 18.67 -59.34
N ASN G 193 -25.64 19.09 -60.12
CA ASN G 193 -24.88 20.30 -59.80
C ASN G 193 -24.65 21.22 -60.98
N ILE G 194 -25.10 20.87 -62.18
CA ILE G 194 -24.94 21.72 -63.37
C ILE G 194 -26.31 21.98 -63.97
N GLN G 195 -26.71 23.25 -64.01
CA GLN G 195 -27.83 23.67 -64.85
C GLN G 195 -27.27 24.26 -66.14
N ARG G 196 -26.71 23.36 -66.96
CA ARG G 196 -25.96 23.76 -68.14
C ARG G 196 -26.80 24.62 -69.07
N TYR G 197 -26.19 25.69 -69.57
CA TYR G 197 -26.86 26.67 -70.42
C TYR G 197 -26.09 26.78 -71.72
N PHE G 198 -26.78 26.53 -72.83
CA PHE G 198 -26.14 26.41 -74.13
C PHE G 198 -26.62 27.50 -75.08
N SER G 199 -25.75 27.89 -76.00
CA SER G 199 -26.11 28.71 -77.15
C SER G 199 -25.73 27.93 -78.39
N GLN G 200 -26.73 27.55 -79.19
CA GLN G 200 -26.55 26.74 -80.39
C GLN G 200 -25.86 25.42 -80.02
N PRO G 201 -26.53 24.52 -79.31
CA PRO G 201 -25.89 23.25 -78.95
C PRO G 201 -25.82 22.28 -80.12
N VAL G 202 -26.27 22.73 -81.28
CA VAL G 202 -26.26 21.89 -82.48
C VAL G 202 -24.82 21.73 -82.97
N ILE G 203 -24.53 20.57 -83.54
CA ILE G 203 -23.23 20.28 -84.13
C ILE G 203 -23.10 21.15 -85.38
N TYR G 204 -21.90 21.24 -85.93
CA TYR G 204 -21.69 22.03 -87.14
C TYR G 204 -22.56 21.53 -88.28
N ALA G 205 -22.73 22.38 -89.29
CA ALA G 205 -23.67 22.09 -90.37
C ALA G 205 -23.31 20.79 -91.08
N GLU G 206 -22.03 20.60 -91.40
CA GLU G 206 -21.52 19.40 -92.04
C GLU G 206 -22.35 19.04 -93.28
N PRO G 207 -22.26 19.84 -94.35
CA PRO G 207 -23.08 19.55 -95.53
C PRO G 207 -22.80 18.18 -96.13
N GLY G 208 -21.54 17.75 -96.12
CA GLY G 208 -21.19 16.48 -96.74
C GLY G 208 -21.53 16.41 -98.21
N ARG G 209 -21.42 17.53 -98.92
CA ARG G 209 -21.79 17.59 -100.33
C ARG G 209 -20.67 16.99 -101.18
N VAL G 210 -20.82 17.09 -102.50
CA VAL G 210 -19.82 16.55 -103.41
C VAL G 210 -18.72 17.58 -103.59
N GLU G 211 -17.69 17.50 -102.74
CA GLU G 211 -16.55 18.40 -102.79
C GLU G 211 -15.27 17.59 -102.94
N ALA G 212 -14.28 18.21 -103.58
CA ALA G 212 -13.02 17.51 -103.83
C ALA G 212 -12.27 17.24 -102.53
N THR G 213 -12.08 18.27 -101.69
CA THR G 213 -11.25 18.13 -100.50
C THR G 213 -12.07 17.81 -99.26
N TYR G 214 -12.94 18.73 -98.85
CA TYR G 214 -13.71 18.59 -97.62
C TYR G 214 -14.68 19.76 -97.51
N ARG G 215 -15.56 19.68 -96.52
CA ARG G 215 -16.45 20.80 -96.19
C ARG G 215 -15.72 21.79 -95.28
N VAL G 216 -16.38 22.91 -94.98
CA VAL G 216 -15.76 23.93 -94.15
C VAL G 216 -16.75 24.42 -93.08
N ARG G 217 -17.86 23.69 -92.92
CA ARG G 217 -18.90 24.11 -92.00
C ARG G 217 -18.38 24.20 -90.57
N THR G 218 -18.89 25.19 -89.83
CA THR G 218 -18.42 25.47 -88.49
C THR G 218 -19.54 26.05 -87.64
N THR G 219 -19.47 25.81 -86.33
CA THR G 219 -20.41 26.38 -85.38
C THR G 219 -19.69 26.79 -84.11
N VAL G 220 -20.32 27.71 -83.39
CA VAL G 220 -19.83 28.20 -82.10
C VAL G 220 -20.87 27.91 -81.04
N ASN G 221 -20.46 28.09 -79.79
CA ASN G 221 -21.32 27.80 -78.65
C ASN G 221 -20.90 28.64 -77.47
N CYS G 222 -21.86 29.34 -76.87
CA CYS G 222 -21.68 29.97 -75.57
C CYS G 222 -22.14 28.99 -74.51
N GLU G 223 -21.26 28.68 -73.56
CA GLU G 223 -21.56 27.71 -72.51
C GLU G 223 -21.50 28.41 -71.17
N ILE G 224 -22.62 28.38 -70.45
CA ILE G 224 -22.71 28.96 -69.11
C ILE G 224 -23.03 27.83 -68.15
N VAL G 225 -22.14 27.60 -67.19
CA VAL G 225 -22.27 26.48 -66.26
C VAL G 225 -22.26 27.01 -64.84
N ASP G 226 -22.96 26.30 -63.96
CA ASP G 226 -22.88 26.54 -62.53
C ASP G 226 -22.31 25.30 -61.85
N MET G 227 -21.44 25.51 -60.88
CA MET G 227 -20.74 24.40 -60.24
C MET G 227 -20.44 24.79 -58.79
N ILE G 228 -19.79 23.86 -58.09
CA ILE G 228 -19.47 24.01 -56.68
C ILE G 228 -17.96 24.05 -56.54
N ALA G 229 -17.47 24.94 -55.69
CA ALA G 229 -16.04 25.11 -55.47
C ALA G 229 -15.73 25.01 -53.98
N ARG G 230 -14.54 24.47 -53.70
CA ARG G 230 -14.07 24.25 -52.35
C ARG G 230 -12.67 24.81 -52.17
N SER G 231 -12.42 25.29 -50.96
CA SER G 231 -11.16 25.91 -50.58
C SER G 231 -10.70 25.36 -49.24
N ALA G 232 -9.39 25.44 -49.02
CA ALA G 232 -8.80 24.97 -47.78
C ALA G 232 -8.94 26.04 -46.68
N GLU G 233 -8.41 25.73 -45.50
CA GLU G 233 -8.46 26.67 -44.39
C GLU G 233 -7.78 28.00 -44.70
N PRO G 234 -6.56 28.06 -45.23
CA PRO G 234 -5.95 29.37 -45.49
C PRO G 234 -6.72 30.20 -46.50
N TYR G 235 -7.54 29.59 -47.33
CA TYR G 235 -8.44 30.29 -48.26
C TYR G 235 -7.67 31.22 -49.20
N ASN G 236 -6.45 30.84 -49.58
CA ASN G 236 -5.69 31.61 -50.55
C ASN G 236 -5.88 31.11 -51.97
N TYR G 237 -6.39 29.89 -52.13
CA TYR G 237 -6.65 29.31 -53.44
C TYR G 237 -7.68 28.20 -53.27
N PHE G 238 -8.29 27.79 -54.38
CA PHE G 238 -9.39 26.84 -54.30
C PHE G 238 -9.52 26.11 -55.63
N VAL G 239 -10.44 25.15 -55.66
CA VAL G 239 -10.68 24.33 -56.85
C VAL G 239 -12.19 24.21 -57.02
N THR G 240 -12.61 23.81 -58.22
CA THR G 240 -14.03 23.64 -58.50
C THR G 240 -14.38 22.17 -58.68
N SER G 241 -15.68 21.90 -58.66
CA SER G 241 -16.16 20.55 -58.91
C SER G 241 -15.82 20.09 -60.33
N LEU G 242 -15.83 21.01 -61.29
CA LEU G 242 -15.51 20.67 -62.67
C LEU G 242 -14.06 20.25 -62.84
N GLY G 243 -13.20 20.48 -61.85
CA GLY G 243 -11.81 20.09 -61.91
C GLY G 243 -10.86 21.21 -62.23
N ASP G 244 -11.35 22.34 -62.70
CA ASP G 244 -10.48 23.47 -62.99
C ASP G 244 -9.85 23.99 -61.70
N THR G 245 -8.59 24.42 -61.80
CA THR G 245 -7.84 24.90 -60.65
C THR G 245 -7.52 26.38 -60.83
N VAL G 246 -7.37 27.08 -59.71
CA VAL G 246 -7.14 28.51 -59.70
C VAL G 246 -6.42 28.88 -58.41
N GLU G 247 -5.55 29.88 -58.49
CA GLU G 247 -4.67 30.25 -57.38
C GLU G 247 -5.00 31.63 -56.83
N VAL G 248 -6.28 31.92 -56.65
CA VAL G 248 -6.71 33.19 -56.09
C VAL G 248 -7.57 32.94 -54.86
N SER G 249 -7.57 33.90 -53.95
CA SER G 249 -8.33 33.76 -52.71
C SER G 249 -9.82 33.98 -52.98
N PRO G 250 -10.69 33.05 -52.56
CA PRO G 250 -12.13 33.30 -52.72
C PRO G 250 -12.60 34.54 -51.98
N PHE G 251 -11.96 34.88 -50.87
CA PHE G 251 -12.25 36.11 -50.16
C PHE G 251 -11.34 37.21 -50.67
N CYS G 252 -11.93 38.21 -51.33
CA CYS G 252 -11.16 39.31 -51.90
C CYS G 252 -12.13 40.44 -52.26
N TYR G 253 -11.66 41.67 -52.05
CA TYR G 253 -12.45 42.87 -52.33
C TYR G 253 -13.80 42.84 -51.61
N ASN G 254 -13.85 42.17 -50.46
CA ASN G 254 -15.02 42.15 -49.59
C ASN G 254 -14.51 42.35 -48.18
N GLU G 255 -14.38 43.62 -47.76
CA GLU G 255 -13.69 43.98 -46.54
C GLU G 255 -12.32 43.32 -46.48
N SER G 256 -11.68 43.18 -47.64
CA SER G 256 -10.44 42.45 -47.77
C SER G 256 -9.70 42.93 -49.02
N SER G 257 -8.42 42.58 -49.09
CA SER G 257 -7.55 43.04 -50.16
C SER G 257 -7.57 42.03 -51.32
N CYS G 258 -6.61 42.18 -52.24
CA CYS G 258 -6.29 41.27 -53.33
C CYS G 258 -7.23 41.38 -54.53
N SER G 259 -8.21 42.28 -54.50
CA SER G 259 -9.07 42.45 -55.67
C SER G 259 -9.62 43.87 -55.68
N THR G 260 -10.01 44.32 -56.87
CA THR G 260 -10.51 45.68 -57.05
C THR G 260 -11.35 45.72 -58.32
N THR G 261 -12.11 46.80 -58.45
CA THR G 261 -12.97 46.98 -59.62
C THR G 261 -12.21 46.94 -60.94
N PRO G 262 -11.05 47.60 -61.11
CA PRO G 262 -10.30 47.44 -62.36
C PRO G 262 -9.88 45.99 -62.57
N SER G 263 -9.87 45.57 -63.83
CA SER G 263 -9.45 44.22 -64.19
C SER G 263 -7.95 44.23 -64.44
N ASN G 264 -7.20 43.56 -63.56
CA ASN G 264 -5.75 43.49 -63.71
C ASN G 264 -5.23 42.34 -62.86
N LYS G 265 -4.58 41.37 -63.51
CA LYS G 265 -3.94 40.24 -62.84
C LYS G 265 -3.18 39.45 -63.89
N ASN G 266 -2.16 38.73 -63.43
CA ASN G 266 -1.36 37.87 -64.31
C ASN G 266 -2.13 36.57 -64.54
N GLY G 267 -2.62 36.39 -65.76
CA GLY G 267 -3.43 35.22 -66.07
C GLY G 267 -4.85 35.28 -65.57
N LEU G 268 -5.27 36.40 -64.99
CA LEU G 268 -6.61 36.52 -64.45
C LEU G 268 -7.06 37.97 -64.62
N SER G 269 -8.36 38.19 -64.39
CA SER G 269 -8.91 39.54 -64.44
C SER G 269 -8.86 40.22 -63.07
N VAL G 270 -9.36 39.54 -62.03
CA VAL G 270 -9.47 40.10 -60.69
C VAL G 270 -10.30 41.37 -60.76
N GLN G 271 -11.60 41.23 -61.00
CA GLN G 271 -12.50 42.36 -61.15
C GLN G 271 -13.71 42.15 -60.24
N VAL G 272 -14.25 43.24 -59.72
CA VAL G 272 -15.49 43.19 -58.96
C VAL G 272 -16.48 44.17 -59.57
N VAL G 273 -17.68 43.65 -59.90
CA VAL G 273 -18.75 44.51 -60.47
C VAL G 273 -19.78 44.78 -59.37
N LEU G 274 -20.05 46.06 -59.08
CA LEU G 274 -21.00 46.42 -58.00
C LEU G 274 -22.44 46.16 -58.47
N ASN G 275 -23.34 45.81 -57.55
CA ASN G 275 -24.77 45.59 -57.90
C ASN G 275 -24.87 45.03 -59.33
N HIS G 276 -24.26 43.87 -59.58
CA HIS G 276 -24.29 43.28 -60.91
C HIS G 276 -25.68 42.80 -61.28
N THR G 277 -26.39 42.20 -60.32
CA THR G 277 -27.77 41.76 -60.50
C THR G 277 -27.89 40.75 -61.66
N VAL G 278 -27.23 39.61 -61.48
CA VAL G 278 -27.36 38.53 -62.45
C VAL G 278 -28.82 38.08 -62.51
N VAL G 279 -29.22 37.55 -63.67
CA VAL G 279 -30.59 37.10 -63.84
C VAL G 279 -30.93 35.98 -62.87
N THR G 280 -29.92 35.21 -62.45
CA THR G 280 -30.05 34.16 -61.44
C THR G 280 -30.87 32.98 -61.93
N TYR G 281 -31.47 33.10 -63.12
CA TYR G 281 -32.17 31.97 -63.73
C TYR G 281 -32.23 32.25 -65.23
N SER G 282 -31.35 31.60 -65.99
CA SER G 282 -31.38 31.75 -67.44
C SER G 282 -32.60 31.08 -68.04
N ASP G 283 -32.99 29.92 -67.51
CA ASP G 283 -34.15 29.21 -68.03
C ASP G 283 -35.42 30.03 -67.85
N ARG G 284 -35.61 30.63 -66.68
CA ARG G 284 -36.80 31.44 -66.37
C ARG G 284 -36.32 32.72 -65.70
N GLY G 285 -36.13 33.77 -66.50
CA GLY G 285 -35.64 35.05 -66.02
C GLY G 285 -36.27 35.54 -64.73
N THR G 286 -35.43 35.86 -63.75
CA THR G 286 -35.86 36.30 -62.43
C THR G 286 -35.39 37.73 -62.18
N SER G 287 -35.82 38.29 -61.05
CA SER G 287 -35.49 39.66 -60.67
C SER G 287 -34.92 39.68 -59.26
N PRO G 288 -33.68 39.26 -59.07
CA PRO G 288 -33.08 39.23 -57.74
C PRO G 288 -32.40 40.54 -57.36
N THR G 289 -31.79 40.57 -56.18
CA THR G 289 -31.16 41.77 -55.67
C THR G 289 -29.92 42.13 -56.50
N PRO G 290 -29.61 43.42 -56.63
CA PRO G 290 -28.35 43.85 -57.27
C PRO G 290 -27.16 43.72 -56.31
N GLN G 291 -26.63 42.52 -56.23
CA GLN G 291 -25.53 42.22 -55.32
C GLN G 291 -24.19 42.36 -56.04
N ASN G 292 -23.13 42.41 -55.23
CA ASN G 292 -21.78 42.46 -55.77
C ASN G 292 -21.40 41.12 -56.39
N ARG G 293 -20.36 41.14 -57.20
CA ARG G 293 -19.80 39.89 -57.71
C ARG G 293 -18.36 40.13 -58.14
N ILE G 294 -17.59 39.05 -58.23
CA ILE G 294 -16.20 39.11 -58.64
C ILE G 294 -15.98 38.11 -59.76
N PHE G 295 -15.32 38.58 -60.82
CA PHE G 295 -15.01 37.79 -62.01
C PHE G 295 -13.50 37.71 -62.20
N VAL G 296 -13.06 36.57 -62.73
CA VAL G 296 -11.68 36.35 -63.12
C VAL G 296 -11.68 35.79 -64.53
N GLU G 297 -10.79 36.31 -65.39
CA GLU G 297 -10.72 35.92 -66.79
C GLU G 297 -9.52 35.01 -67.00
N THR G 298 -9.79 33.77 -67.39
CA THR G 298 -8.75 32.79 -67.63
C THR G 298 -8.33 32.80 -69.09
N GLY G 299 -7.41 31.92 -69.45
CA GLY G 299 -7.00 31.80 -70.84
C GLY G 299 -8.03 31.15 -71.74
N ALA G 300 -8.96 30.39 -71.16
CA ALA G 300 -9.95 29.68 -71.95
C ALA G 300 -11.39 29.90 -71.48
N TYR G 301 -11.60 30.54 -70.35
CA TYR G 301 -12.95 30.71 -69.81
C TYR G 301 -12.92 31.83 -68.78
N THR G 302 -14.05 32.02 -68.08
CA THR G 302 -14.17 33.07 -67.08
C THR G 302 -14.96 32.55 -65.90
N LEU G 303 -14.47 32.80 -64.69
CA LEU G 303 -15.12 32.38 -63.47
C LEU G 303 -15.76 33.56 -62.76
N SER G 304 -16.85 33.29 -62.04
CA SER G 304 -17.64 34.33 -61.42
C SER G 304 -18.21 33.82 -60.11
N TRP G 305 -18.13 34.62 -59.06
CA TRP G 305 -18.71 34.21 -57.78
C TRP G 305 -18.96 35.43 -56.92
N ALA G 306 -19.79 35.24 -55.88
CA ALA G 306 -20.11 36.32 -54.97
C ALA G 306 -18.99 36.50 -53.96
N SER G 307 -18.51 37.73 -53.83
CA SER G 307 -17.43 38.03 -52.89
C SER G 307 -17.94 38.02 -51.46
N GLU G 308 -17.06 37.68 -50.53
CA GLU G 308 -17.40 37.59 -49.12
C GLU G 308 -16.13 37.58 -48.30
N SER G 309 -16.14 38.29 -47.17
CA SER G 309 -14.98 38.38 -46.31
C SER G 309 -14.66 37.04 -45.66
N LYS G 310 -13.39 36.86 -45.28
CA LYS G 310 -13.00 35.68 -44.52
C LYS G 310 -13.75 35.60 -43.20
N THR G 311 -13.89 36.73 -42.52
CA THR G 311 -14.73 36.79 -41.33
C THR G 311 -16.19 36.57 -41.72
N THR G 312 -16.97 36.07 -40.77
CA THR G 312 -18.39 35.76 -40.95
C THR G 312 -18.64 34.72 -42.04
N ALA G 313 -17.59 34.06 -42.54
CA ALA G 313 -17.74 33.02 -43.55
C ALA G 313 -17.32 31.66 -43.01
N VAL G 314 -16.10 31.54 -42.49
CA VAL G 314 -15.59 30.28 -41.96
C VAL G 314 -14.91 30.55 -40.63
N CYS G 315 -15.19 29.69 -39.65
CA CYS G 315 -14.66 29.86 -38.30
C CYS G 315 -13.96 28.57 -37.90
N PRO G 316 -12.65 28.60 -37.63
CA PRO G 316 -11.85 27.36 -37.60
C PRO G 316 -12.17 26.42 -36.44
N LEU G 317 -13.12 26.74 -35.57
CA LEU G 317 -13.42 25.89 -34.42
C LEU G 317 -14.84 25.36 -34.51
N ALA G 318 -14.99 24.08 -34.22
CA ALA G 318 -16.28 23.41 -34.23
C ALA G 318 -16.45 22.59 -32.96
N LEU G 319 -17.66 22.60 -32.41
CA LEU G 319 -17.91 21.88 -31.17
C LEU G 319 -17.79 20.38 -31.39
N TRP G 320 -17.24 19.70 -30.39
CA TRP G 320 -17.09 18.25 -30.44
C TRP G 320 -18.00 17.55 -29.44
N LYS G 321 -17.89 17.87 -28.16
CA LYS G 321 -18.68 17.20 -27.13
C LYS G 321 -19.00 18.20 -26.02
N THR G 322 -20.02 17.87 -25.25
CA THR G 322 -20.37 18.61 -24.04
C THR G 322 -20.29 17.67 -22.84
N PHE G 323 -20.21 18.25 -21.65
CA PHE G 323 -20.04 17.47 -20.43
C PHE G 323 -20.71 18.22 -19.29
N PRO G 324 -21.90 17.79 -18.88
CA PRO G 324 -22.56 18.47 -17.75
C PRO G 324 -21.78 18.43 -16.46
N ARG G 325 -21.06 17.34 -16.20
CA ARG G 325 -20.33 17.16 -14.95
C ARG G 325 -18.85 17.07 -15.26
N SER G 326 -18.05 17.92 -14.61
CA SER G 326 -16.61 17.93 -14.81
C SER G 326 -15.96 18.54 -13.58
N ILE G 327 -15.14 17.75 -12.89
CA ILE G 327 -14.54 18.16 -11.62
C ILE G 327 -13.20 18.80 -11.94
N GLN G 328 -13.18 20.13 -12.00
CA GLN G 328 -11.95 20.86 -12.21
C GLN G 328 -11.09 20.82 -10.96
N THR G 329 -9.99 20.07 -11.01
CA THR G 329 -9.07 19.94 -9.89
C THR G 329 -7.75 20.61 -10.24
N THR G 330 -7.22 21.40 -9.33
CA THR G 330 -5.97 22.09 -9.56
C THR G 330 -4.79 21.13 -9.39
N HIS G 331 -3.59 21.67 -9.55
CA HIS G 331 -2.36 20.90 -9.40
C HIS G 331 -1.24 21.88 -9.09
N GLU G 332 0.00 21.42 -9.23
CA GLU G 332 1.15 22.27 -8.89
C GLU G 332 1.14 23.58 -9.67
N ASP G 333 0.97 23.51 -10.99
CA ASP G 333 0.95 24.72 -11.79
C ASP G 333 -0.07 24.67 -12.93
N SER G 334 -0.89 23.63 -13.02
CA SER G 334 -1.81 23.47 -14.13
C SER G 334 -3.12 22.91 -13.62
N PHE G 335 -4.15 23.02 -14.45
CA PHE G 335 -5.46 22.53 -14.09
C PHE G 335 -5.64 21.09 -14.56
N HIS G 336 -6.81 20.53 -14.26
CA HIS G 336 -7.13 19.16 -14.66
C HIS G 336 -8.64 19.06 -14.77
N PHE G 337 -9.15 18.95 -16.00
CA PHE G 337 -10.57 18.80 -16.24
C PHE G 337 -10.85 17.34 -16.58
N VAL G 338 -11.84 16.76 -15.93
CA VAL G 338 -12.11 15.33 -16.02
C VAL G 338 -13.46 15.13 -16.70
N ALA G 339 -13.49 14.24 -17.70
CA ALA G 339 -14.72 13.86 -18.36
C ALA G 339 -14.75 12.33 -18.39
N ASN G 340 -15.45 11.74 -17.42
CA ASN G 340 -15.49 10.29 -17.31
C ASN G 340 -16.49 9.64 -18.26
N GLU G 341 -17.31 10.44 -18.95
CA GLU G 341 -18.20 9.86 -19.96
C GLU G 341 -17.40 9.20 -21.08
N ILE G 342 -16.19 9.70 -21.36
CA ILE G 342 -15.33 9.11 -22.37
C ILE G 342 -14.00 8.75 -21.74
N THR G 343 -13.91 8.87 -20.42
CA THR G 343 -12.71 8.50 -19.65
C THR G 343 -11.49 9.26 -20.14
N ALA G 344 -11.54 10.58 -19.98
CA ALA G 344 -10.47 11.44 -20.44
C ALA G 344 -10.22 12.56 -19.43
N THR G 345 -9.01 13.11 -19.49
CA THR G 345 -8.62 14.24 -18.67
C THR G 345 -7.76 15.19 -19.48
N PHE G 346 -8.05 16.48 -19.36
CA PHE G 346 -7.35 17.51 -20.09
C PHE G 346 -6.60 18.42 -19.11
N THR G 347 -5.46 18.92 -19.57
CA THR G 347 -4.62 19.81 -18.77
C THR G 347 -4.51 21.16 -19.48
N ALA G 348 -4.21 22.19 -18.68
CA ALA G 348 -4.10 23.53 -19.20
C ALA G 348 -3.28 24.36 -18.22
N PRO G 349 -2.49 25.31 -18.70
CA PRO G 349 -1.72 26.16 -17.78
C PRO G 349 -2.65 26.99 -16.90
N LEU G 350 -2.16 27.28 -15.69
CA LEU G 350 -3.00 27.96 -14.70
C LEU G 350 -3.50 29.30 -15.19
N THR G 351 -2.71 29.99 -16.00
CA THR G 351 -3.14 31.27 -16.54
C THR G 351 -4.18 31.05 -17.63
N PRO G 352 -5.33 31.71 -17.58
CA PRO G 352 -6.32 31.58 -18.66
C PRO G 352 -5.82 32.25 -19.92
N VAL G 353 -4.94 31.54 -20.65
CA VAL G 353 -4.22 32.08 -21.80
C VAL G 353 -5.18 32.60 -22.85
N ALA G 354 -6.43 32.12 -22.83
CA ALA G 354 -7.44 32.59 -23.76
C ALA G 354 -7.90 33.97 -23.30
N ASN G 355 -7.03 34.96 -23.53
CA ASN G 355 -7.33 36.33 -23.12
C ASN G 355 -8.36 36.98 -24.01
N PHE G 356 -8.43 36.59 -25.27
CA PHE G 356 -9.20 37.29 -26.29
C PHE G 356 -10.05 36.31 -27.09
N THR G 357 -10.87 35.52 -26.40
CA THR G 357 -11.81 34.64 -27.08
C THR G 357 -12.88 35.46 -27.79
N ASP G 358 -12.83 36.79 -27.65
CA ASP G 358 -13.73 37.65 -28.40
C ASP G 358 -13.38 37.67 -29.88
N THR G 359 -12.11 37.47 -30.23
CA THR G 359 -11.72 37.44 -31.63
C THR G 359 -12.45 36.35 -32.39
N TYR G 360 -12.67 35.20 -31.75
CA TYR G 360 -13.47 34.13 -32.34
C TYR G 360 -14.96 34.48 -32.20
N SER G 361 -15.33 35.60 -32.83
CA SER G 361 -16.64 36.20 -32.62
C SER G 361 -17.78 35.33 -33.11
N CYS G 362 -17.50 34.36 -33.99
CA CYS G 362 -18.56 33.47 -34.47
C CYS G 362 -19.22 32.75 -33.32
N LEU G 363 -18.43 32.00 -32.57
CA LEU G 363 -18.96 31.10 -31.54
C LEU G 363 -19.66 31.85 -30.42
N THR G 364 -19.41 33.16 -30.30
CA THR G 364 -20.04 33.94 -29.24
C THR G 364 -21.55 33.71 -29.20
N SER G 365 -22.18 33.61 -30.37
CA SER G 365 -23.61 33.35 -30.45
C SER G 365 -23.98 32.01 -29.85
N ASP G 366 -23.49 30.91 -30.44
CA ASP G 366 -24.02 29.60 -30.11
C ASP G 366 -23.56 29.12 -28.74
N ILE G 367 -22.36 29.49 -28.31
CA ILE G 367 -21.91 29.05 -26.99
C ILE G 367 -22.85 29.57 -25.92
N ASN G 368 -23.36 30.79 -26.10
CA ASN G 368 -24.40 31.30 -25.21
C ASN G 368 -25.62 30.38 -25.25
N THR G 369 -26.05 29.99 -26.46
CA THR G 369 -27.22 29.14 -26.60
C THR G 369 -27.00 27.76 -25.98
N THR G 370 -25.85 27.16 -26.28
CA THR G 370 -25.56 25.82 -25.75
C THR G 370 -25.46 25.85 -24.24
N LEU G 371 -24.78 26.86 -23.69
CA LEU G 371 -24.70 27.00 -22.25
C LEU G 371 -26.07 27.20 -21.64
N ASN G 372 -26.90 28.03 -22.27
CA ASN G 372 -28.25 28.25 -21.76
C ASN G 372 -29.04 26.95 -21.73
N ALA G 373 -28.97 26.18 -22.81
CA ALA G 373 -29.70 24.91 -22.86
C ALA G 373 -29.20 23.95 -21.78
N SER G 374 -27.88 23.81 -21.66
CA SER G 374 -27.33 22.88 -20.68
C SER G 374 -27.71 23.28 -19.26
N LYS G 375 -27.52 24.55 -18.92
CA LYS G 375 -27.81 24.98 -17.57
C LYS G 375 -29.31 24.99 -17.29
N ALA G 376 -30.14 25.24 -18.30
CA ALA G 376 -31.58 25.10 -18.10
C ALA G 376 -31.94 23.66 -17.79
N LYS G 377 -31.32 22.71 -18.49
CA LYS G 377 -31.54 21.31 -18.19
C LYS G 377 -31.09 20.96 -16.78
N LEU G 378 -29.91 21.38 -16.37
CA LEU G 378 -29.46 20.92 -15.05
C LEU G 378 -29.68 21.82 -13.85
N ALA G 379 -30.29 22.96 -14.05
CA ALA G 379 -30.48 23.90 -12.95
C ALA G 379 -31.29 23.34 -11.80
N SER G 380 -31.87 22.16 -11.94
CA SER G 380 -32.61 21.58 -10.82
C SER G 380 -31.71 21.30 -9.61
N THR G 381 -30.39 21.26 -9.81
CA THR G 381 -29.47 20.95 -8.73
C THR G 381 -28.30 21.91 -8.57
N HIS G 382 -28.00 22.75 -9.56
CA HIS G 382 -26.82 23.60 -9.49
C HIS G 382 -27.15 25.01 -9.99
N VAL G 383 -26.27 25.94 -9.63
CA VAL G 383 -26.35 27.33 -10.06
C VAL G 383 -24.94 27.85 -10.27
N PRO G 384 -24.71 28.78 -11.18
CA PRO G 384 -23.34 29.21 -11.49
C PRO G 384 -22.72 29.97 -10.32
N ASN G 385 -21.60 29.44 -9.80
CA ASN G 385 -20.86 30.08 -8.72
C ASN G 385 -19.78 31.02 -9.24
N GLY G 386 -19.90 31.50 -10.47
CA GLY G 386 -18.92 32.42 -11.00
C GLY G 386 -19.12 32.63 -12.49
N THR G 387 -18.17 33.34 -13.07
CA THR G 387 -18.19 33.64 -14.50
C THR G 387 -17.67 32.44 -15.29
N VAL G 388 -17.44 32.62 -16.58
CA VAL G 388 -16.95 31.57 -17.45
C VAL G 388 -15.59 31.98 -17.98
N GLN G 389 -14.76 30.98 -18.31
CA GLN G 389 -13.44 31.24 -18.85
C GLN G 389 -13.14 30.24 -19.97
N TYR G 390 -11.99 30.45 -20.62
CA TYR G 390 -11.56 29.64 -21.73
C TYR G 390 -10.09 29.32 -21.57
N PHE G 391 -9.70 28.13 -22.04
CA PHE G 391 -8.32 27.67 -21.94
C PHE G 391 -7.91 27.00 -23.24
N HIS G 392 -6.60 26.95 -23.47
CA HIS G 392 -6.02 26.33 -24.65
C HIS G 392 -5.05 25.26 -24.18
N THR G 393 -5.46 23.99 -24.31
CA THR G 393 -4.61 22.89 -23.88
C THR G 393 -3.41 22.75 -24.80
N THR G 394 -2.47 21.90 -24.38
CA THR G 394 -1.26 21.66 -25.17
C THR G 394 -1.59 20.90 -26.45
N GLY G 395 -2.53 19.96 -26.38
CA GLY G 395 -2.85 19.15 -27.54
C GLY G 395 -3.38 19.94 -28.72
N GLY G 396 -3.94 21.11 -28.47
CA GLY G 396 -4.50 21.95 -29.51
C GLY G 396 -5.98 22.20 -29.38
N LEU G 397 -6.69 21.42 -28.57
CA LEU G 397 -8.10 21.65 -28.36
C LEU G 397 -8.32 22.95 -27.58
N TYR G 398 -9.58 23.31 -27.42
CA TYR G 398 -9.95 24.51 -26.67
C TYR G 398 -11.04 24.15 -25.68
N LEU G 399 -10.93 24.69 -24.47
CA LEU G 399 -11.84 24.35 -23.37
C LEU G 399 -12.63 25.57 -22.96
N VAL G 400 -13.93 25.39 -22.79
CA VAL G 400 -14.83 26.42 -22.27
C VAL G 400 -15.35 25.91 -20.94
N TRP G 401 -15.17 26.70 -19.88
CA TRP G 401 -15.48 26.23 -18.53
C TRP G 401 -16.40 27.23 -17.84
N GLN G 402 -17.48 26.72 -17.25
CA GLN G 402 -18.38 27.53 -16.42
C GLN G 402 -18.67 26.79 -15.13
N PRO G 403 -18.12 27.22 -14.00
CA PRO G 403 -18.40 26.54 -12.74
C PRO G 403 -19.86 26.63 -12.36
N MET G 404 -20.35 25.59 -11.67
CA MET G 404 -21.74 25.56 -11.25
C MET G 404 -21.79 24.83 -9.92
N SER G 405 -21.91 25.58 -8.83
CA SER G 405 -21.99 24.96 -7.51
C SER G 405 -23.37 24.36 -7.31
N ALA G 406 -23.39 23.17 -6.70
CA ALA G 406 -24.66 22.49 -6.43
C ALA G 406 -25.47 23.28 -5.42
N ILE G 407 -26.79 23.29 -5.62
CA ILE G 407 -27.67 24.00 -4.71
C ILE G 407 -27.93 23.13 -3.49
N ASN G 408 -27.94 23.75 -2.32
CA ASN G 408 -28.17 23.02 -1.09
C ASN G 408 -29.65 22.71 -0.94
N LEU G 409 -29.97 21.45 -0.61
CA LEU G 409 -31.36 21.05 -0.45
C LEU G 409 -32.03 21.75 0.72
N THR G 410 -31.26 22.28 1.67
CA THR G 410 -31.83 23.01 2.80
C THR G 410 -31.76 24.51 2.57
N ASP G 454 -6.59 12.05 -33.98
CA ASP G 454 -6.72 10.70 -33.47
C ASP G 454 -5.77 10.50 -32.29
N ASN G 455 -4.75 11.36 -32.22
CA ASN G 455 -3.75 11.30 -31.16
C ASN G 455 -4.36 11.83 -29.87
N LEU G 456 -5.17 10.98 -29.24
CA LEU G 456 -5.82 11.31 -27.98
C LEU G 456 -5.47 10.35 -26.86
N SER G 457 -4.60 9.36 -27.12
CA SER G 457 -4.28 8.35 -26.12
C SER G 457 -3.79 8.99 -24.82
N TYR G 458 -2.93 10.00 -24.93
CA TYR G 458 -2.31 10.57 -23.74
C TYR G 458 -3.33 11.11 -22.76
N THR G 459 -4.48 11.58 -23.24
CA THR G 459 -5.54 12.02 -22.33
C THR G 459 -6.04 10.86 -21.48
N GLN G 460 -6.32 9.72 -22.10
CA GLN G 460 -6.76 8.55 -21.35
C GLN G 460 -5.66 8.09 -20.40
N LEU G 461 -4.41 8.16 -20.84
CA LEU G 461 -3.30 7.80 -19.96
C LEU G 461 -3.30 8.68 -18.72
N GLN G 462 -3.46 9.99 -18.91
CA GLN G 462 -3.52 10.91 -17.78
C GLN G 462 -4.68 10.58 -16.86
N PHE G 463 -5.84 10.25 -17.45
CA PHE G 463 -7.01 9.92 -16.65
C PHE G 463 -6.74 8.71 -15.76
N ALA G 464 -6.21 7.64 -16.36
CA ALA G 464 -5.93 6.43 -15.60
C ALA G 464 -4.89 6.69 -14.52
N TYR G 465 -3.84 7.45 -14.85
CA TYR G 465 -2.80 7.72 -13.87
C TYR G 465 -3.37 8.52 -12.70
N ASP G 466 -4.21 9.51 -12.98
CA ASP G 466 -4.80 10.29 -11.90
C ASP G 466 -5.70 9.45 -11.03
N LYS G 467 -6.50 8.56 -11.65
CA LYS G 467 -7.34 7.67 -10.86
C LYS G 467 -6.51 6.80 -9.93
N LEU G 468 -5.46 6.18 -10.46
CA LEU G 468 -4.62 5.33 -9.63
C LEU G 468 -3.94 6.12 -8.52
N ARG G 469 -3.45 7.31 -8.83
CA ARG G 469 -2.78 8.13 -7.82
C ARG G 469 -3.74 8.49 -6.71
N ASP G 470 -4.97 8.90 -7.06
CA ASP G 470 -5.95 9.25 -6.04
C ASP G 470 -6.26 8.05 -5.16
N GLY G 471 -6.48 6.88 -5.77
CA GLY G 471 -6.79 5.69 -4.99
C GLY G 471 -5.67 5.32 -4.04
N ILE G 472 -4.43 5.33 -4.54
CA ILE G 472 -3.29 4.95 -3.72
C ILE G 472 -3.10 5.94 -2.57
N ASN G 473 -3.22 7.23 -2.86
CA ASN G 473 -3.05 8.21 -1.79
C ASN G 473 -4.14 8.05 -0.73
N GLN G 474 -5.37 7.76 -1.16
CA GLN G 474 -6.45 7.60 -0.19
C GLN G 474 -6.22 6.39 0.71
N VAL G 475 -5.84 5.25 0.13
CA VAL G 475 -5.60 4.08 0.97
C VAL G 475 -4.41 4.32 1.88
N LEU G 476 -3.39 5.05 1.40
CA LEU G 476 -2.27 5.40 2.25
C LEU G 476 -2.71 6.24 3.43
N GLU G 477 -3.60 7.21 3.19
CA GLU G 477 -4.09 8.03 4.29
C GLU G 477 -4.85 7.21 5.32
N GLU G 478 -5.70 6.29 4.84
CA GLU G 478 -6.42 5.43 5.78
C GLU G 478 -5.47 4.58 6.61
N LEU G 479 -4.48 3.97 5.95
CA LEU G 479 -3.52 3.15 6.67
C LEU G 479 -2.74 3.99 7.68
N SER G 480 -2.40 5.22 7.30
CA SER G 480 -1.66 6.08 8.23
C SER G 480 -2.50 6.42 9.45
N ARG G 481 -3.77 6.75 9.26
CA ARG G 481 -4.62 7.06 10.40
C ARG G 481 -4.77 5.86 11.33
N ALA G 482 -5.03 4.68 10.75
CA ALA G 482 -5.18 3.48 11.57
C ALA G 482 -3.90 3.16 12.31
N TRP G 483 -2.75 3.26 11.63
CA TRP G 483 -1.49 2.96 12.29
C TRP G 483 -1.18 3.98 13.37
N CYS G 484 -1.58 5.24 13.18
CA CYS G 484 -1.37 6.23 14.22
C CYS G 484 -2.17 5.88 15.46
N ARG G 485 -3.44 5.47 15.26
CA ARG G 485 -4.24 5.07 16.41
C ARG G 485 -3.62 3.87 17.12
N GLU G 486 -3.12 2.90 16.35
CA GLU G 486 -2.50 1.73 16.96
C GLU G 486 -1.19 2.09 17.65
N GLN G 487 -0.42 3.01 17.07
CA GLN G 487 0.81 3.46 17.70
C GLN G 487 0.52 4.15 19.04
N VAL G 488 -0.52 4.97 19.07
CA VAL G 488 -0.92 5.63 20.32
C VAL G 488 -1.36 4.58 21.35
N ARG G 489 -2.11 3.58 20.90
CA ARG G 489 -2.53 2.51 21.80
C ARG G 489 -1.32 1.75 22.36
N ASP G 490 -0.32 1.50 21.51
CA ASP G 490 0.90 0.83 21.97
C ASP G 490 1.65 1.71 22.97
N ASN G 491 1.69 3.02 22.73
CA ASN G 491 2.31 3.93 23.69
C ASN G 491 1.59 3.88 25.04
N LEU G 492 0.26 3.85 25.01
CA LEU G 492 -0.51 3.74 26.25
C LEU G 492 -0.22 2.42 26.96
N MET G 493 -0.12 1.33 26.19
CA MET G 493 0.21 0.04 26.78
C MET G 493 1.60 0.05 27.41
N TRP G 494 2.57 0.67 26.74
CA TRP G 494 3.91 0.80 27.31
C TRP G 494 3.88 1.61 28.60
N TYR G 495 3.13 2.71 28.62
CA TYR G 495 3.02 3.51 29.83
C TYR G 495 2.39 2.71 30.97
N GLU G 496 1.35 1.92 30.66
CA GLU G 496 0.71 1.11 31.69
C GLU G 496 1.67 0.04 32.21
N LEU G 497 2.45 -0.58 31.32
CA LEU G 497 3.39 -1.62 31.74
C LEU G 497 4.56 -1.02 32.53
N SER G 498 4.90 0.24 32.29
CA SER G 498 6.00 0.89 32.99
C SER G 498 5.72 1.08 34.47
N LYS G 499 4.48 0.90 34.92
CA LYS G 499 4.16 1.08 36.34
C LYS G 499 4.77 -0.01 37.21
N ILE G 500 5.24 -1.11 36.62
CA ILE G 500 5.84 -2.20 37.38
C ILE G 500 7.32 -1.93 37.56
N ASN G 501 8.05 -1.82 36.45
CA ASN G 501 9.48 -1.55 36.48
C ASN G 501 9.84 -0.63 35.32
N PRO G 502 9.96 0.68 35.57
CA PRO G 502 10.30 1.61 34.48
C PRO G 502 11.67 1.38 33.88
N THR G 503 12.58 0.71 34.60
CA THR G 503 13.92 0.51 34.07
C THR G 503 13.91 -0.38 32.83
N SER G 504 13.07 -1.42 32.83
CA SER G 504 12.97 -2.28 31.66
C SER G 504 12.43 -1.52 30.46
N VAL G 505 11.40 -0.69 30.68
CA VAL G 505 10.83 0.10 29.59
C VAL G 505 11.86 1.08 29.05
N MET G 506 12.62 1.73 29.93
CA MET G 506 13.63 2.68 29.47
C MET G 506 14.75 1.98 28.71
N THR G 507 15.17 0.80 29.17
CA THR G 507 16.22 0.06 28.47
C THR G 507 15.71 -0.47 27.13
N ALA G 508 14.42 -0.75 27.02
CA ALA G 508 13.88 -1.19 25.74
C ALA G 508 13.76 -0.04 24.76
N ILE G 509 13.30 1.12 25.23
CA ILE G 509 13.13 2.27 24.34
C ILE G 509 14.49 2.82 23.91
N TYR G 510 15.41 2.99 24.85
CA TYR G 510 16.71 3.57 24.56
C TYR G 510 17.71 2.47 24.23
N GLY G 511 18.54 2.73 23.23
CA GLY G 511 19.54 1.74 22.83
C GLY G 511 20.56 1.48 23.92
N ARG G 512 21.07 2.55 24.53
CA ARG G 512 22.03 2.40 25.61
C ARG G 512 21.33 2.04 26.91
N PRO G 513 21.97 1.23 27.75
CA PRO G 513 21.36 0.89 29.05
C PRO G 513 21.31 2.11 29.97
N VAL G 514 20.18 2.25 30.68
CA VAL G 514 19.98 3.35 31.60
C VAL G 514 19.31 2.82 32.87
N SER G 515 19.43 3.59 33.94
CA SER G 515 18.79 3.29 35.22
C SER G 515 17.63 4.24 35.43
N ALA G 516 16.47 3.69 35.79
CA ALA G 516 15.26 4.48 35.93
C ALA G 516 14.54 4.08 37.21
N LYS G 517 13.76 5.02 37.76
CA LYS G 517 12.96 4.77 38.94
C LYS G 517 11.78 5.73 38.95
N PHE G 518 10.85 5.49 39.86
CA PHE G 518 9.64 6.31 39.99
C PHE G 518 9.84 7.34 41.09
N VAL G 519 9.71 8.61 40.75
CA VAL G 519 9.76 9.70 41.70
C VAL G 519 8.44 10.45 41.60
N GLY G 520 7.62 10.35 42.65
CA GLY G 520 6.30 10.95 42.61
C GLY G 520 5.48 10.35 41.47
N ASP G 521 4.94 11.22 40.63
CA ASP G 521 4.20 10.81 39.45
C ASP G 521 5.05 10.77 38.19
N ALA G 522 6.35 11.05 38.30
CA ALA G 522 7.25 11.10 37.16
C ALA G 522 8.27 9.97 37.24
N ILE G 523 9.04 9.82 36.16
CA ILE G 523 10.08 8.80 36.07
C ILE G 523 11.42 9.52 36.00
N SER G 524 12.30 9.22 36.95
CA SER G 524 13.63 9.81 36.99
C SER G 524 14.64 8.79 36.47
N VAL G 525 15.41 9.21 35.46
CA VAL G 525 16.38 8.35 34.81
C VAL G 525 17.76 8.99 34.93
N THR G 526 18.75 8.19 35.32
CA THR G 526 20.12 8.62 35.49
C THR G 526 21.00 7.98 34.43
N GLU G 527 22.30 8.25 34.52
CA GLU G 527 23.27 7.67 33.60
C GLU G 527 23.79 6.34 34.15
N CYS G 528 24.69 5.71 33.39
CA CYS G 528 25.27 4.44 33.78
C CYS G 528 26.79 4.49 33.65
N ILE G 529 27.48 3.78 34.53
CA ILE G 529 28.94 3.74 34.57
C ILE G 529 29.38 2.29 34.58
N ASN G 530 30.37 1.96 33.74
CA ASN G 530 30.89 0.61 33.67
C ASN G 530 31.92 0.38 34.78
N VAL G 531 32.29 -0.89 34.95
CA VAL G 531 33.26 -1.27 35.97
C VAL G 531 34.47 -1.90 35.29
N ASP G 532 35.46 -2.29 36.08
CA ASP G 532 36.68 -2.89 35.54
C ASP G 532 36.38 -4.30 35.03
N GLN G 533 36.43 -4.46 33.72
CA GLN G 533 36.14 -5.77 33.12
C GLN G 533 37.28 -6.75 33.30
N SER G 534 38.51 -6.27 33.52
CA SER G 534 39.65 -7.16 33.67
C SER G 534 39.54 -8.01 34.93
N SER G 535 39.12 -7.42 36.03
CA SER G 535 39.04 -8.11 37.32
C SER G 535 37.58 -8.46 37.59
N VAL G 536 37.18 -9.65 37.17
CA VAL G 536 35.84 -10.18 37.42
C VAL G 536 35.97 -11.62 37.89
N ASN G 537 35.27 -11.96 38.96
CA ASN G 537 35.29 -13.32 39.50
C ASN G 537 33.85 -13.74 39.81
N ILE G 538 33.52 -14.97 39.42
CA ILE G 538 32.21 -15.56 39.65
C ILE G 538 32.38 -16.83 40.46
N HIS G 539 31.68 -16.90 41.59
CA HIS G 539 31.76 -18.09 42.44
C HIS G 539 31.08 -19.27 41.76
N LYS G 540 31.71 -20.44 41.88
CA LYS G 540 31.19 -21.67 41.27
C LYS G 540 30.30 -22.46 42.22
N SER G 541 30.11 -21.99 43.45
CA SER G 541 29.28 -22.67 44.44
C SER G 541 28.15 -21.74 44.86
N LEU G 542 26.92 -22.26 44.80
CA LEU G 542 25.74 -21.49 45.19
C LEU G 542 25.28 -21.80 46.61
N ARG G 543 26.02 -22.61 47.35
CA ARG G 543 25.63 -22.97 48.71
C ARG G 543 26.08 -21.88 49.68
N THR G 544 25.13 -21.32 50.41
CA THR G 544 25.41 -20.31 51.42
C THR G 544 25.49 -20.97 52.80
N ASN G 545 25.56 -20.15 53.83
CA ASN G 545 25.59 -20.66 55.19
C ASN G 545 24.23 -21.24 55.58
N SER G 546 24.25 -22.12 56.58
CA SER G 546 23.05 -22.80 57.09
C SER G 546 22.45 -23.62 55.95
N LYS G 547 21.12 -23.75 55.92
CA LYS G 547 20.44 -24.53 54.90
C LYS G 547 19.14 -23.84 54.51
N ASP G 548 18.65 -24.18 53.31
CA ASP G 548 17.40 -23.68 52.76
C ASP G 548 17.40 -22.17 52.55
N VAL G 549 18.58 -21.54 52.58
CA VAL G 549 18.70 -20.11 52.35
C VAL G 549 19.74 -19.85 51.27
N CYS G 550 19.89 -20.81 50.35
CA CYS G 550 20.87 -20.68 49.29
C CYS G 550 20.52 -19.52 48.37
N TYR G 551 21.57 -18.87 47.85
CA TYR G 551 21.38 -17.73 46.97
C TYR G 551 20.73 -18.15 45.66
N ALA G 552 19.84 -17.29 45.15
CA ALA G 552 19.18 -17.58 43.88
C ALA G 552 20.13 -17.44 42.71
N ARG G 553 21.03 -16.47 42.76
CA ARG G 553 21.98 -16.21 41.70
C ARG G 553 23.40 -16.15 42.26
N PRO G 554 24.39 -16.55 41.46
CA PRO G 554 25.77 -16.49 41.95
C PRO G 554 26.25 -15.07 42.16
N LEU G 555 27.18 -14.92 43.11
CA LEU G 555 27.76 -13.62 43.42
C LEU G 555 28.92 -13.31 42.49
N VAL G 556 29.14 -12.01 42.26
CA VAL G 556 30.18 -11.54 41.35
C VAL G 556 31.05 -10.53 42.10
N THR G 557 32.37 -10.69 42.01
CA THR G 557 33.32 -9.80 42.63
C THR G 557 34.09 -9.04 41.54
N PHE G 558 34.14 -7.72 41.68
CA PHE G 558 34.80 -6.87 40.68
C PHE G 558 35.24 -5.59 41.35
N LYS G 559 35.79 -4.67 40.54
CA LYS G 559 36.27 -3.37 41.00
C LYS G 559 35.74 -2.29 40.07
N PHE G 560 35.85 -1.05 40.53
CA PHE G 560 35.39 0.12 39.78
C PHE G 560 36.59 0.84 39.18
N LEU G 561 36.62 0.93 37.86
CA LEU G 561 37.66 1.64 37.09
C LEU G 561 39.03 1.11 37.53
N ASN G 562 40.02 1.96 37.78
CA ASN G 562 41.34 1.53 38.20
C ASN G 562 41.51 1.53 39.72
N SER G 563 40.48 1.90 40.46
CA SER G 563 40.56 1.91 41.92
C SER G 563 40.77 0.50 42.45
N SER G 564 41.73 0.36 43.36
CA SER G 564 42.08 -0.95 43.92
C SER G 564 41.20 -1.20 45.15
N ASN G 565 40.03 -1.78 44.90
CA ASN G 565 39.09 -2.10 45.96
C ASN G 565 38.20 -3.25 45.50
N LEU G 566 37.80 -4.09 46.44
CA LEU G 566 36.98 -5.25 46.13
C LEU G 566 35.51 -4.96 46.40
N PHE G 567 34.66 -5.29 45.43
CA PHE G 567 33.23 -5.09 45.54
C PHE G 567 32.51 -6.37 45.15
N THR G 568 31.63 -6.83 46.04
CA THR G 568 30.89 -8.07 45.84
C THR G 568 29.41 -7.76 45.71
N GLY G 569 28.78 -8.27 44.65
CA GLY G 569 27.36 -8.05 44.43
C GLY G 569 26.68 -9.24 43.80
N GLN G 570 25.41 -9.07 43.42
CA GLN G 570 24.65 -10.13 42.79
C GLN G 570 24.50 -9.85 41.30
N LEU G 571 24.86 -10.82 40.47
CA LEU G 571 24.77 -10.66 39.03
C LEU G 571 23.30 -10.63 38.60
N GLY G 572 22.96 -9.66 37.75
CA GLY G 572 21.60 -9.52 37.28
C GLY G 572 21.39 -10.07 35.87
N ALA G 573 20.78 -9.28 35.01
CA ALA G 573 20.50 -9.67 33.64
C ALA G 573 21.16 -8.69 32.68
N ARG G 574 21.54 -9.20 31.51
CA ARG G 574 22.20 -8.41 30.47
C ARG G 574 23.47 -7.75 31.01
N ASN G 575 24.26 -8.54 31.75
CA ASN G 575 25.53 -8.10 32.33
C ASN G 575 25.32 -6.89 33.25
N GLU G 576 24.52 -7.11 34.30
CA GLU G 576 24.23 -6.10 35.30
C GLU G 576 24.65 -6.59 36.68
N ILE G 577 25.18 -5.68 37.49
CA ILE G 577 25.64 -5.99 38.84
C ILE G 577 24.75 -5.26 39.82
N ILE G 578 24.22 -6.00 40.80
CA ILE G 578 23.35 -5.46 41.84
C ILE G 578 24.05 -5.61 43.18
N LEU G 579 24.16 -4.51 43.91
CA LEU G 579 24.84 -4.52 45.21
C LEU G 579 23.93 -4.94 46.35
N THR G 580 22.65 -5.19 46.09
CA THR G 580 21.70 -5.61 47.12
C THR G 580 21.46 -7.11 46.93
N ASN G 581 22.09 -7.92 47.77
CA ASN G 581 21.95 -9.38 47.69
C ASN G 581 20.75 -9.85 48.50
N ASN G 582 19.57 -9.43 48.05
CA ASN G 582 18.30 -9.79 48.67
C ASN G 582 17.60 -10.94 47.97
N GLN G 583 18.22 -11.53 46.93
CA GLN G 583 17.61 -12.61 46.17
C GLN G 583 18.01 -13.94 46.81
N VAL G 584 17.08 -14.55 47.56
CA VAL G 584 17.31 -15.83 48.19
C VAL G 584 16.13 -16.74 47.90
N GLU G 585 16.38 -18.05 47.97
CA GLU G 585 15.35 -19.04 47.72
C GLU G 585 15.66 -20.29 48.51
N THR G 586 14.63 -21.10 48.74
CA THR G 586 14.79 -22.35 49.45
C THR G 586 15.53 -23.37 48.59
N CYS G 587 16.32 -24.21 49.26
CA CYS G 587 17.07 -25.25 48.55
C CYS G 587 16.12 -26.30 48.00
N LYS G 588 16.33 -26.68 46.73
CA LYS G 588 15.51 -27.67 46.06
C LYS G 588 16.40 -28.78 45.51
N ASP G 589 16.01 -30.02 45.79
CA ASP G 589 16.77 -31.17 45.31
C ASP G 589 16.64 -31.30 43.79
N THR G 590 17.72 -31.80 43.17
CA THR G 590 17.79 -31.99 41.73
C THR G 590 17.47 -30.71 40.96
N CYS G 591 18.03 -29.59 41.43
CA CYS G 591 17.81 -28.30 40.80
C CYS G 591 18.65 -28.16 39.54
N GLU G 592 18.42 -27.08 38.82
CA GLU G 592 19.15 -26.79 37.59
C GLU G 592 19.01 -25.30 37.28
N HIS G 593 20.13 -24.68 36.90
CA HIS G 593 20.13 -23.25 36.60
C HIS G 593 20.90 -22.99 35.31
N TYR G 594 20.41 -22.02 34.53
CA TYR G 594 21.08 -21.59 33.31
C TYR G 594 21.22 -20.07 33.34
N PHE G 595 22.43 -19.59 33.06
CA PHE G 595 22.70 -18.16 33.06
C PHE G 595 23.40 -17.78 31.76
N ILE G 596 23.13 -16.57 31.29
CA ILE G 596 23.71 -16.05 30.06
C ILE G 596 24.47 -14.77 30.38
N THR G 597 25.75 -14.72 29.96
CA THR G 597 26.59 -13.55 30.14
C THR G 597 27.25 -13.25 28.80
N ARG G 598 26.83 -12.16 28.16
CA ARG G 598 27.32 -11.75 26.86
C ARG G 598 27.14 -12.87 25.84
N ASN G 599 28.25 -13.51 25.43
CA ASN G 599 28.22 -14.58 24.45
C ASN G 599 28.61 -15.92 25.07
N GLU G 600 28.35 -16.08 26.37
CA GLU G 600 28.68 -17.31 27.08
C GLU G 600 27.51 -17.74 27.93
N THR G 601 27.46 -19.05 28.21
CA THR G 601 26.41 -19.63 29.03
C THR G 601 27.03 -20.44 30.17
N LEU G 602 26.39 -20.37 31.33
CA LEU G 602 26.81 -21.11 32.51
C LEU G 602 25.68 -22.03 32.95
N VAL G 603 26.01 -23.31 33.13
CA VAL G 603 25.05 -24.33 33.52
C VAL G 603 25.41 -24.81 34.92
N TYR G 604 24.50 -24.63 35.86
CA TYR G 604 24.70 -25.02 37.26
C TYR G 604 23.80 -26.21 37.57
N LYS G 605 24.42 -27.38 37.71
CA LYS G 605 23.69 -28.57 38.13
C LYS G 605 23.47 -28.55 39.63
N ASP G 606 22.25 -28.90 40.04
CA ASP G 606 21.85 -28.84 41.44
C ASP G 606 22.08 -27.44 42.00
N TYR G 607 23.10 -27.28 42.85
CA TYR G 607 23.45 -25.98 43.39
C TYR G 607 24.96 -25.77 43.44
N ALA G 608 25.70 -26.43 42.56
CA ALA G 608 27.16 -26.36 42.56
C ALA G 608 27.65 -26.69 41.16
N TYR G 609 28.96 -26.96 41.05
CA TYR G 609 29.61 -27.35 39.81
C TYR G 609 29.56 -26.22 38.77
N LEU G 610 30.09 -26.49 37.57
CA LEU G 610 30.15 -25.50 36.51
C LEU G 610 30.13 -26.19 35.16
N ARG G 611 29.56 -25.52 34.17
CA ARG G 611 29.50 -26.05 32.82
C ARG G 611 29.29 -24.89 31.85
N THR G 612 30.22 -24.73 30.91
CA THR G 612 30.18 -23.64 29.95
C THR G 612 29.97 -24.20 28.55
N ILE G 613 28.95 -23.71 27.85
CA ILE G 613 28.65 -24.12 26.49
C ILE G 613 28.36 -22.88 25.66
N ASN G 614 28.42 -23.05 24.34
CA ASN G 614 28.17 -21.95 23.42
C ASN G 614 26.71 -21.51 23.48
N THR G 615 26.48 -20.23 23.19
CA THR G 615 25.13 -19.68 23.20
C THR G 615 24.26 -20.27 22.10
N THR G 616 24.85 -20.73 21.00
CA THR G 616 24.08 -21.28 19.89
C THR G 616 23.40 -22.59 20.25
N ASP G 617 23.90 -23.31 21.26
CA ASP G 617 23.30 -24.58 21.63
C ASP G 617 21.87 -24.40 22.14
N ILE G 618 21.64 -23.34 22.92
CA ILE G 618 20.31 -23.10 23.48
C ILE G 618 19.37 -22.66 22.36
N SER G 619 18.22 -23.32 22.26
CA SER G 619 17.24 -22.98 21.25
C SER G 619 16.63 -21.61 21.53
N THR G 620 16.30 -20.90 20.46
CA THR G 620 15.73 -19.57 20.54
C THR G 620 14.40 -19.53 19.80
N LEU G 621 13.37 -19.00 20.44
CA LEU G 621 12.06 -18.87 19.82
C LEU G 621 12.01 -17.64 18.92
N ASN G 622 11.12 -17.69 17.93
CA ASN G 622 10.93 -16.61 16.97
C ASN G 622 9.46 -16.18 17.03
N THR G 623 9.18 -15.15 17.82
CA THR G 623 7.82 -14.62 17.97
C THR G 623 7.60 -13.44 17.05
N PHE G 624 7.64 -13.71 15.74
CA PHE G 624 7.43 -12.70 14.72
C PHE G 624 6.05 -12.85 14.08
N ILE G 625 5.68 -11.82 13.33
CA ILE G 625 4.52 -11.85 12.44
C ILE G 625 5.08 -11.58 11.04
N ALA G 626 5.26 -12.65 10.25
CA ALA G 626 5.94 -12.53 8.98
C ALA G 626 5.13 -11.67 8.00
N LEU G 627 5.73 -10.60 7.52
CA LEU G 627 5.11 -9.74 6.52
C LEU G 627 5.61 -10.12 5.13
N ASN G 628 5.24 -11.33 4.70
CA ASN G 628 5.57 -11.79 3.37
C ASN G 628 4.78 -10.98 2.34
N LEU G 629 5.49 -10.24 1.50
CA LEU G 629 4.87 -9.33 0.55
C LEU G 629 5.20 -9.76 -0.87
N SER G 630 4.78 -8.94 -1.83
CA SER G 630 5.07 -9.14 -3.24
C SER G 630 5.16 -7.79 -3.90
N PHE G 631 6.08 -7.66 -4.86
CA PHE G 631 6.43 -6.37 -5.44
C PHE G 631 5.86 -6.26 -6.84
N ILE G 632 5.18 -5.19 -7.18
CA ILE G 632 4.74 -5.16 -8.57
C ILE G 632 5.98 -5.58 -9.36
N GLN G 633 5.86 -6.51 -10.30
CA GLN G 633 7.00 -6.95 -11.14
C GLN G 633 7.20 -6.03 -12.35
N ASN G 634 8.13 -6.30 -13.27
CA ASN G 634 8.18 -5.28 -14.32
C ASN G 634 8.04 -5.96 -15.67
N ILE G 635 7.22 -5.38 -16.53
CA ILE G 635 6.91 -5.97 -17.83
C ILE G 635 7.22 -4.97 -18.93
N ASP G 636 7.42 -5.49 -20.14
CA ASP G 636 7.74 -4.70 -21.30
C ASP G 636 6.56 -4.73 -22.27
N PHE G 637 6.17 -3.55 -22.76
CA PHE G 637 5.02 -3.42 -23.65
C PHE G 637 5.51 -3.50 -25.08
N LYS G 638 5.27 -4.63 -25.73
CA LYS G 638 5.60 -4.78 -27.14
C LYS G 638 4.67 -3.94 -27.99
N ALA G 639 5.23 -3.18 -28.92
CA ALA G 639 4.42 -2.37 -29.81
C ALA G 639 3.68 -3.26 -30.80
N ILE G 640 2.39 -2.98 -30.99
CA ILE G 640 1.53 -3.79 -31.84
C ILE G 640 0.90 -2.90 -32.89
N GLU G 641 0.29 -3.54 -33.90
CA GLU G 641 -0.37 -2.82 -34.97
C GLU G 641 -1.43 -3.74 -35.57
N LEU G 642 -2.36 -3.13 -36.30
CA LEU G 642 -3.50 -3.88 -36.85
C LEU G 642 -3.26 -4.35 -38.28
N TYR G 643 -3.07 -3.41 -39.20
CA TYR G 643 -2.96 -3.72 -40.62
C TYR G 643 -1.52 -3.49 -41.07
N SER G 644 -0.88 -4.54 -41.56
CA SER G 644 0.49 -4.43 -42.02
C SER G 644 0.58 -3.54 -43.26
N SER G 645 1.82 -3.28 -43.68
CA SER G 645 2.03 -2.37 -44.80
C SER G 645 1.45 -2.94 -46.10
N ALA G 646 1.50 -4.25 -46.27
CA ALA G 646 1.04 -4.86 -47.52
C ALA G 646 -0.41 -4.50 -47.81
N GLU G 647 -1.29 -4.66 -46.82
CA GLU G 647 -2.68 -4.29 -47.01
C GLU G 647 -2.82 -2.79 -47.26
N LYS G 648 -2.00 -1.97 -46.61
CA LYS G 648 -2.00 -0.55 -46.91
C LYS G 648 -1.70 -0.28 -48.37
N ARG G 649 -0.74 -1.03 -48.94
CA ARG G 649 -0.53 -0.96 -50.38
C ARG G 649 -1.77 -1.42 -51.13
N LEU G 650 -2.37 -2.52 -50.66
CA LEU G 650 -3.59 -3.08 -51.31
C LEU G 650 -4.63 -1.97 -51.48
N ALA G 651 -4.50 -0.87 -50.72
CA ALA G 651 -5.49 0.23 -50.79
C ALA G 651 -5.63 0.69 -52.24
N SER G 652 -4.51 0.74 -52.98
CA SER G 652 -4.55 1.13 -54.41
C SER G 652 -5.32 2.44 -54.56
N SER G 653 -6.32 2.47 -55.45
CA SER G 653 -7.14 3.70 -55.66
C SER G 653 -7.55 4.27 -54.30
N GLN H 20 49.91 12.91 43.95
CA GLN H 20 50.17 13.49 45.27
C GLN H 20 48.90 14.11 45.85
N VAL H 21 47.91 13.27 46.12
CA VAL H 21 46.63 13.74 46.67
C VAL H 21 46.79 13.91 48.18
N GLN H 22 46.42 15.09 48.67
CA GLN H 22 46.52 15.41 50.09
C GLN H 22 45.15 15.38 50.74
N LEU H 23 45.13 15.03 52.02
CA LEU H 23 43.91 14.96 52.81
C LEU H 23 43.99 15.94 53.96
N VAL H 24 42.88 16.63 54.23
CA VAL H 24 42.79 17.61 55.30
C VAL H 24 41.70 17.16 56.27
N GLN H 25 42.03 17.13 57.55
CA GLN H 25 41.09 16.71 58.59
C GLN H 25 40.90 17.85 59.59
N SER H 26 39.70 17.91 60.15
CA SER H 26 39.36 18.95 61.11
C SER H 26 40.13 18.76 62.42
N GLY H 27 40.21 19.83 63.18
CA GLY H 27 40.92 19.80 64.45
C GLY H 27 40.16 19.03 65.52
N ALA H 28 40.85 18.79 66.63
CA ALA H 28 40.26 18.07 67.75
C ALA H 28 39.13 18.87 68.37
N GLU H 29 38.06 18.17 68.75
CA GLU H 29 36.90 18.79 69.37
C GLU H 29 36.50 18.01 70.62
N LEU H 30 35.97 18.72 71.59
CA LEU H 30 35.52 18.14 72.86
C LEU H 30 34.01 18.16 72.92
N LYS H 31 33.42 16.99 73.19
CA LYS H 31 31.97 16.86 73.27
C LYS H 31 31.61 16.02 74.48
N THR H 32 30.42 16.27 75.03
CA THR H 32 29.93 15.50 76.16
C THR H 32 29.57 14.09 75.73
N PRO H 33 29.68 13.12 76.63
CA PRO H 33 29.30 11.74 76.28
C PRO H 33 27.82 11.66 75.90
N GLY H 34 27.53 10.81 74.91
CA GLY H 34 26.17 10.64 74.43
C GLY H 34 25.71 11.68 73.43
N SER H 35 26.59 12.58 72.99
CA SER H 35 26.23 13.61 72.04
C SER H 35 26.59 13.15 70.62
N SER H 36 26.46 14.05 69.66
CA SER H 36 26.76 13.77 68.26
C SER H 36 28.04 14.47 67.86
N VAL H 37 28.92 13.75 67.17
CA VAL H 37 30.21 14.27 66.73
C VAL H 37 30.28 14.17 65.21
N LYS H 38 30.58 15.28 64.56
CA LYS H 38 30.69 15.36 63.12
C LYS H 38 32.13 15.68 62.73
N VAL H 39 32.69 14.88 61.83
CA VAL H 39 34.05 15.03 61.35
C VAL H 39 34.02 15.21 59.84
N SER H 40 34.70 16.25 59.35
CA SER H 40 34.75 16.57 57.93
C SER H 40 36.16 16.36 57.40
N CYS H 41 36.27 15.65 56.29
CA CYS H 41 37.53 15.38 55.64
C CYS H 41 37.49 15.91 54.21
N LYS H 42 38.50 16.69 53.84
CA LYS H 42 38.59 17.30 52.52
C LYS H 42 39.68 16.60 51.72
N ALA H 43 39.37 16.27 50.47
CA ALA H 43 40.29 15.61 49.56
C ALA H 43 40.71 16.57 48.48
N SER H 44 42.02 16.66 48.23
CA SER H 44 42.56 17.54 47.21
C SER H 44 42.43 16.88 45.84
N GLY H 45 43.07 17.46 44.84
CA GLY H 45 43.00 16.93 43.49
C GLY H 45 41.82 17.44 42.71
N GLY H 46 41.63 16.84 41.54
CA GLY H 46 40.56 17.23 40.65
C GLY H 46 39.17 16.96 41.20
N THR H 47 38.85 15.69 41.41
CA THR H 47 37.53 15.30 41.90
C THR H 47 37.66 13.94 42.57
N PHE H 48 36.55 13.48 43.16
CA PHE H 48 36.53 12.19 43.83
C PHE H 48 36.79 11.06 42.84
N SER H 49 36.20 11.13 41.66
CA SER H 49 36.34 10.13 40.59
C SER H 49 35.85 8.79 41.14
N SER H 50 36.51 7.69 40.83
CA SER H 50 36.09 6.36 41.26
C SER H 50 36.69 5.94 42.60
N ASN H 51 37.44 6.83 43.25
CA ASN H 51 38.07 6.48 44.51
C ASN H 51 37.03 6.30 45.62
N THR H 52 37.36 5.43 46.56
CA THR H 52 36.51 5.14 47.72
C THR H 52 37.17 5.70 48.97
N VAL H 53 36.40 6.42 49.79
CA VAL H 53 36.91 7.07 50.98
C VAL H 53 36.52 6.24 52.19
N SER H 54 37.51 5.82 52.97
CA SER H 54 37.29 4.98 54.14
C SER H 54 37.65 5.73 55.40
N TRP H 55 36.99 5.36 56.50
CA TRP H 55 37.23 5.96 57.81
C TRP H 55 37.74 4.90 58.77
N LEU H 56 38.85 5.18 59.45
CA LEU H 56 39.44 4.24 60.38
C LEU H 56 39.78 4.96 61.68
N ARG H 57 39.39 4.38 62.80
CA ARG H 57 39.68 4.94 64.12
C ARG H 57 40.77 4.11 64.79
N GLN H 58 41.58 4.79 65.61
CA GLN H 58 42.66 4.15 66.35
C GLN H 58 42.66 4.67 67.77
N ALA H 59 42.52 3.77 68.73
CA ALA H 59 42.59 4.14 70.14
C ALA H 59 44.04 4.19 70.60
N PRO H 60 44.34 4.99 71.63
CA PRO H 60 45.71 5.05 72.13
C PRO H 60 46.18 3.73 72.72
N GLY H 61 47.17 3.11 72.09
CA GLY H 61 47.68 1.83 72.54
C GLY H 61 46.96 0.62 72.02
N GLN H 62 45.91 0.80 71.22
CA GLN H 62 45.13 -0.30 70.68
C GLN H 62 45.45 -0.49 69.19
N GLY H 63 44.77 -1.44 68.58
CA GLY H 63 44.98 -1.76 67.18
C GLY H 63 44.11 -0.92 66.26
N LEU H 64 43.99 -1.39 65.02
CA LEU H 64 43.21 -0.72 63.98
C LEU H 64 42.03 -1.58 63.57
N GLU H 65 40.94 -0.92 63.20
CA GLU H 65 39.74 -1.60 62.73
C GLU H 65 39.10 -0.77 61.62
N TRP H 66 38.29 -1.43 60.81
CA TRP H 66 37.62 -0.81 59.67
C TRP H 66 36.22 -0.36 60.09
N MET H 67 35.99 0.94 60.07
CA MET H 67 34.68 1.48 60.42
C MET H 67 33.72 1.43 59.24
N GLY H 68 34.07 2.09 58.14
CA GLY H 68 33.20 2.11 56.98
C GLY H 68 33.86 2.81 55.82
N ARG H 69 33.15 2.79 54.69
CA ARG H 69 33.65 3.39 53.46
C ARG H 69 32.48 3.91 52.64
N ILE H 70 32.79 4.84 51.74
CA ILE H 70 31.81 5.47 50.85
C ILE H 70 32.39 5.55 49.46
N ILE H 71 31.62 5.12 48.47
CA ILE H 71 31.96 5.29 47.05
C ILE H 71 30.96 6.27 46.45
N PRO H 72 31.40 7.44 45.97
CA PRO H 72 30.46 8.44 45.45
C PRO H 72 30.01 8.19 44.01
N ILE H 73 30.64 7.26 43.29
CA ILE H 73 30.22 6.97 41.93
C ILE H 73 28.79 6.44 41.92
N VAL H 74 28.49 5.51 42.82
CA VAL H 74 27.14 5.00 43.02
C VAL H 74 26.52 5.53 44.30
N ASP H 75 27.26 6.32 45.08
CA ASP H 75 26.81 6.83 46.38
C ASP H 75 26.42 5.68 47.30
N VAL H 76 27.32 4.72 47.44
CA VAL H 76 27.08 3.51 48.23
C VAL H 76 27.96 3.55 49.47
N THR H 77 27.36 3.34 50.63
CA THR H 77 28.05 3.33 51.91
C THR H 77 28.10 1.90 52.44
N ASN H 78 29.30 1.44 52.78
CA ASN H 78 29.51 0.14 53.38
C ASN H 78 29.91 0.33 54.84
N TYR H 79 29.22 -0.39 55.73
CA TYR H 79 29.43 -0.25 57.17
C TYR H 79 29.76 -1.60 57.77
N ALA H 80 30.48 -1.56 58.89
CA ALA H 80 30.78 -2.78 59.63
C ALA H 80 29.54 -3.31 60.34
N GLN H 81 29.56 -4.60 60.64
CA GLN H 81 28.40 -5.23 61.28
C GLN H 81 28.17 -4.72 62.69
N LYS H 82 29.20 -4.20 63.35
CA LYS H 82 29.06 -3.68 64.71
C LYS H 82 28.79 -2.18 64.75
N PHE H 83 28.75 -1.51 63.60
CA PHE H 83 28.51 -0.07 63.55
C PHE H 83 27.30 0.28 62.68
N GLN H 84 26.45 -0.69 62.38
CA GLN H 84 25.28 -0.43 61.55
C GLN H 84 24.25 0.39 62.32
N GLY H 85 23.79 1.47 61.70
CA GLY H 85 22.79 2.33 62.31
C GLY H 85 23.31 3.33 63.30
N ARG H 86 24.63 3.38 63.53
CA ARG H 86 25.22 4.31 64.49
C ARG H 86 26.10 5.37 63.85
N VAL H 87 26.68 5.10 62.69
CA VAL H 87 27.56 6.04 62.01
C VAL H 87 26.95 6.37 60.66
N LYS H 88 26.83 7.66 60.36
CA LYS H 88 26.29 8.15 59.11
C LYS H 88 27.40 8.78 58.28
N ILE H 89 27.54 8.34 57.03
CA ILE H 89 28.59 8.80 56.13
C ILE H 89 27.94 9.46 54.93
N THR H 90 28.37 10.67 54.60
CA THR H 90 27.88 11.41 53.46
C THR H 90 29.05 12.01 52.70
N ALA H 91 28.83 12.29 51.41
CA ALA H 91 29.86 12.87 50.56
C ALA H 91 29.25 13.96 49.71
N ASP H 92 30.06 14.95 49.37
CA ASP H 92 29.65 16.06 48.51
C ASP H 92 30.45 16.02 47.22
N LYS H 93 29.74 16.04 46.09
CA LYS H 93 30.39 16.00 44.78
C LYS H 93 30.93 17.35 44.34
N SER H 94 30.51 18.44 44.98
CA SER H 94 30.96 19.78 44.61
C SER H 94 32.21 20.19 45.39
N THR H 95 32.16 20.12 46.71
CA THR H 95 33.28 20.50 47.56
C THR H 95 34.25 19.36 47.81
N THR H 96 33.95 18.16 47.33
CA THR H 96 34.79 16.98 47.53
C THR H 96 35.10 16.77 49.01
N THR H 97 34.06 16.85 49.83
CA THR H 97 34.16 16.73 51.28
C THR H 97 33.31 15.57 51.78
N ALA H 98 33.86 14.80 52.71
CA ALA H 98 33.17 13.68 53.32
C ALA H 98 32.87 14.00 54.78
N TYR H 99 31.63 13.73 55.20
CA TYR H 99 31.17 14.00 56.55
C TYR H 99 30.80 12.70 57.24
N MET H 100 31.31 12.51 58.45
CA MET H 100 31.03 11.33 59.26
C MET H 100 30.40 11.79 60.57
N GLN H 101 29.20 11.30 60.86
CA GLN H 101 28.47 11.66 62.07
C GLN H 101 28.32 10.43 62.95
N LEU H 102 28.72 10.55 64.21
CA LEU H 102 28.58 9.43 65.18
C LEU H 102 27.94 9.95 66.47
N SER H 103 26.65 9.75 66.66
CA SER H 103 26.00 10.31 67.87
C SER H 103 26.14 9.32 69.03
N SER H 104 25.51 9.62 70.17
CA SER H 104 25.53 8.69 71.32
C SER H 104 26.97 8.32 71.67
N LEU H 105 27.90 9.24 71.41
CA LEU H 105 29.32 8.90 71.63
C LEU H 105 29.50 8.36 73.05
N ARG H 106 30.22 7.25 73.20
CA ARG H 106 30.48 6.65 74.54
C ARG H 106 31.90 6.99 74.96
N SER H 107 32.26 6.70 76.22
CA SER H 107 33.60 7.10 76.74
C SER H 107 34.73 6.49 75.91
N GLU H 108 34.75 5.16 75.79
CA GLU H 108 35.83 4.46 75.04
C GLU H 108 35.85 4.93 73.58
N ASP H 109 34.77 5.59 73.13
CA ASP H 109 34.70 6.05 71.72
C ASP H 109 35.84 7.02 71.44
N THR H 110 36.35 7.68 72.50
CA THR H 110 37.46 8.65 72.33
C THR H 110 38.61 8.00 71.56
N ALA H 111 39.01 8.57 70.43
CA ALA H 111 40.12 8.02 69.62
C ALA H 111 40.48 8.99 68.49
N VAL H 112 41.56 8.71 67.75
CA VAL H 112 41.92 9.55 66.58
C VAL H 112 41.19 8.99 65.35
N TYR H 113 40.96 9.82 64.34
CA TYR H 113 40.18 9.35 63.16
C TYR H 113 40.91 9.71 61.85
N PHE H 114 41.13 8.72 60.99
CA PHE H 114 41.81 8.94 59.72
C PHE H 114 40.85 8.69 58.57
N CYS H 115 40.89 9.56 57.56
CA CYS H 115 40.04 9.38 56.35
C CYS H 115 40.94 8.94 55.19
N ALA H 116 41.19 7.64 55.05
CA ALA H 116 42.12 7.13 54.00
C ALA H 116 41.44 7.12 52.63
N ARG H 117 42.21 6.92 51.56
CA ARG H 117 41.65 6.94 50.18
C ARG H 117 42.19 5.75 49.37
N ASP H 118 41.34 5.13 48.56
CA ASP H 118 41.77 3.99 47.70
C ASP H 118 42.62 4.53 46.54
N ASP H 119 43.62 3.75 46.09
CA ASP H 119 44.49 4.17 44.96
C ASP H 119 44.70 2.99 44.01
N ALA H 120 44.94 3.26 42.72
CA ALA H 120 45.14 2.20 41.72
C ALA H 120 46.22 1.21 42.19
N ILE H 121 47.21 1.70 42.95
CA ILE H 121 48.26 0.80 43.51
C ILE H 121 47.63 -0.09 44.59
N ASP H 122 46.95 0.53 45.56
CA ASP H 122 46.29 -0.23 46.65
C ASP H 122 45.45 0.75 47.48
N PRO H 123 44.37 0.30 48.15
CA PRO H 123 43.49 1.22 48.89
C PRO H 123 44.22 1.81 50.11
N PHE H 124 43.71 2.93 50.63
CA PHE H 124 44.32 3.57 51.83
C PHE H 124 45.71 4.11 51.48
N SER H 125 46.09 4.08 50.20
CA SER H 125 47.38 4.61 49.79
C SER H 125 47.64 6.01 50.30
N TYR H 126 46.64 6.67 50.88
CA TYR H 126 46.80 8.02 51.41
C TYR H 126 46.19 8.10 52.80
N TRP H 127 46.75 8.98 53.62
CA TRP H 127 46.29 9.16 54.99
C TRP H 127 46.22 10.65 55.30
N GLY H 128 45.26 11.02 56.15
CA GLY H 128 45.08 12.40 56.55
C GLY H 128 45.82 12.74 57.83
N GLN H 129 45.66 14.00 58.26
CA GLN H 129 46.28 14.44 59.49
C GLN H 129 45.69 13.72 60.70
N GLY H 130 44.38 13.54 60.71
CA GLY H 130 43.71 12.85 61.78
C GLY H 130 42.97 13.82 62.70
N THR H 131 41.85 13.34 63.24
CA THR H 131 41.03 14.13 64.15
C THR H 131 40.94 13.40 65.49
N LEU H 132 41.29 14.09 66.57
CA LEU H 132 41.29 13.49 67.90
C LEU H 132 39.94 13.78 68.56
N VAL H 133 39.27 12.73 69.00
CA VAL H 133 37.97 12.84 69.66
C VAL H 133 38.12 12.34 71.09
N THR H 134 37.80 13.19 72.06
CA THR H 134 37.89 12.86 73.47
C THR H 134 36.50 12.86 74.08
N VAL H 135 36.19 11.82 74.85
CA VAL H 135 34.88 11.70 75.49
C VAL H 135 34.95 12.22 76.91
N SER I 21 35.70 -11.08 64.17
CA SER I 21 36.70 -12.01 63.66
C SER I 21 37.98 -11.29 63.26
N GLU I 22 38.52 -10.51 64.20
CA GLU I 22 39.74 -9.77 63.96
C GLU I 22 40.94 -10.72 63.85
N LEU I 23 41.87 -10.36 62.97
CA LEU I 23 43.06 -11.18 62.78
C LEU I 23 43.94 -11.15 64.03
N SER I 24 44.63 -12.26 64.27
CA SER I 24 45.49 -12.41 65.43
C SER I 24 46.94 -12.27 65.01
N GLN I 25 47.69 -11.46 65.76
CA GLN I 25 49.10 -11.20 65.48
C GLN I 25 49.91 -11.34 66.76
N PRO I 26 51.19 -11.69 66.66
CA PRO I 26 52.03 -11.79 67.85
C PRO I 26 52.17 -10.44 68.55
N ALA I 27 52.26 -10.49 69.88
CA ALA I 27 52.37 -9.26 70.66
C ALA I 27 53.67 -8.52 70.36
N SER I 28 54.78 -9.25 70.29
CA SER I 28 56.07 -8.64 70.02
C SER I 28 57.03 -9.70 69.50
N VAL I 29 58.07 -9.24 68.80
CA VAL I 29 59.10 -10.11 68.25
C VAL I 29 60.45 -9.47 68.51
N SER I 30 61.43 -10.30 68.88
CA SER I 30 62.78 -9.81 69.13
C SER I 30 63.52 -9.61 67.82
N GLY I 31 64.76 -9.15 67.92
CA GLY I 31 65.57 -8.91 66.73
C GLY I 31 66.99 -8.57 67.11
N SER I 32 67.85 -8.56 66.10
CA SER I 32 69.26 -8.26 66.27
C SER I 32 69.82 -7.79 64.94
N PRO I 33 70.90 -7.00 64.95
CA PRO I 33 71.51 -6.56 63.69
C PRO I 33 72.02 -7.75 62.89
N GLY I 34 71.93 -7.63 61.57
CA GLY I 34 72.35 -8.71 60.68
C GLY I 34 71.53 -9.98 60.84
N GLN I 35 70.21 -9.83 61.00
CA GLN I 35 69.33 -10.97 61.19
C GLN I 35 68.03 -10.74 60.43
N SER I 36 67.32 -11.83 60.17
CA SER I 36 66.03 -11.79 59.50
C SER I 36 64.92 -12.09 60.50
N ILE I 37 63.85 -11.30 60.45
CA ILE I 37 62.74 -11.39 61.39
C ILE I 37 61.49 -11.76 60.62
N THR I 38 60.78 -12.79 61.10
CA THR I 38 59.56 -13.27 60.48
C THR I 38 58.37 -12.97 61.39
N ILE I 39 57.32 -12.40 60.80
CA ILE I 39 56.09 -12.06 61.52
C ILE I 39 54.94 -12.82 60.87
N SER I 40 54.16 -13.51 61.69
CA SER I 40 53.06 -14.33 61.21
C SER I 40 51.72 -13.61 61.35
N CYS I 41 50.77 -14.00 60.51
CA CYS I 41 49.43 -13.44 60.53
C CYS I 41 48.45 -14.52 60.10
N THR I 42 47.51 -14.87 60.98
CA THR I 42 46.56 -15.93 60.71
C THR I 42 45.16 -15.45 61.09
N GLY I 43 44.17 -16.12 60.51
CA GLY I 43 42.79 -15.78 60.79
C GLY I 43 41.83 -16.79 60.20
N THR I 44 40.56 -16.40 60.13
CA THR I 44 39.54 -17.27 59.58
C THR I 44 39.77 -17.50 58.09
N SER I 45 39.45 -18.71 57.63
CA SER I 45 39.63 -19.07 56.23
C SER I 45 38.67 -18.34 55.30
N SER I 46 37.64 -17.69 55.84
CA SER I 46 36.71 -16.95 54.99
C SER I 46 37.34 -15.69 54.43
N ASP I 47 38.28 -15.09 55.16
CA ASP I 47 38.91 -13.83 54.76
C ASP I 47 40.27 -14.05 54.10
N VAL I 48 41.19 -14.72 54.80
CA VAL I 48 42.53 -14.91 54.27
C VAL I 48 42.64 -16.17 53.42
N GLY I 49 41.88 -17.22 53.74
CA GLY I 49 41.91 -18.46 52.98
C GLY I 49 41.09 -18.48 51.73
N ALA I 50 40.33 -17.43 51.44
CA ALA I 50 39.49 -17.37 50.25
C ALA I 50 39.96 -16.36 49.22
N TYR I 51 40.73 -15.35 49.63
CA TYR I 51 41.23 -14.32 48.73
C TYR I 51 42.74 -14.24 48.86
N ASN I 52 43.35 -13.40 48.01
CA ASN I 52 44.80 -13.21 47.98
C ASN I 52 45.13 -11.72 47.95
N PHE I 53 44.47 -10.96 48.82
CA PHE I 53 44.65 -9.52 48.90
C PHE I 53 45.14 -9.11 50.30
N VAL I 54 46.08 -9.87 50.84
CA VAL I 54 46.63 -9.54 52.15
C VAL I 54 47.59 -8.35 52.01
N SER I 55 47.73 -7.59 53.10
CA SER I 55 48.59 -6.42 53.10
C SER I 55 49.19 -6.23 54.48
N TRP I 56 50.34 -5.57 54.49
CA TRP I 56 51.06 -5.24 55.72
C TRP I 56 51.31 -3.73 55.76
N TYR I 57 51.00 -3.12 56.90
CA TYR I 57 51.13 -1.68 57.07
C TYR I 57 52.05 -1.40 58.25
N GLN I 58 53.01 -0.49 58.06
CA GLN I 58 53.92 -0.06 59.12
C GLN I 58 53.52 1.32 59.58
N GLN I 59 53.40 1.49 60.89
CA GLN I 59 53.01 2.76 61.50
C GLN I 59 54.06 3.18 62.51
N HIS I 60 54.61 4.37 62.32
CA HIS I 60 55.57 4.93 63.26
C HIS I 60 54.83 5.60 64.42
N PRO I 61 55.47 5.70 65.59
CA PRO I 61 54.84 6.40 66.71
C PRO I 61 54.53 7.85 66.37
N GLY I 62 53.25 8.19 66.46
CA GLY I 62 52.81 9.54 66.11
C GLY I 62 52.98 9.86 64.65
N LYS I 63 52.67 8.92 63.77
CA LYS I 63 52.80 9.12 62.34
C LYS I 63 51.75 8.29 61.61
N ALA I 64 51.46 8.70 60.38
CA ALA I 64 50.47 7.98 59.58
C ALA I 64 51.02 6.62 59.16
N PRO I 65 50.14 5.62 59.05
CA PRO I 65 50.59 4.29 58.62
C PRO I 65 51.13 4.30 57.20
N LYS I 66 52.09 3.42 56.95
CA LYS I 66 52.73 3.29 55.65
C LYS I 66 52.62 1.85 55.17
N LEU I 67 52.31 1.68 53.89
CA LEU I 67 52.15 0.37 53.28
C LEU I 67 53.44 -0.03 52.58
N MET I 68 53.93 -1.24 52.85
CA MET I 68 55.14 -1.74 52.22
C MET I 68 54.96 -3.09 51.53
N ILE I 69 53.94 -3.87 51.87
CA ILE I 69 53.67 -5.15 51.24
C ILE I 69 52.19 -5.22 50.93
N TYR I 70 51.85 -5.48 49.65
CA TYR I 70 50.48 -5.58 49.19
C TYR I 70 50.31 -6.83 48.36
N ASP I 71 49.07 -7.05 47.89
CA ASP I 71 48.72 -8.21 47.08
C ASP I 71 49.10 -9.51 47.77
N VAL I 72 50.10 -10.21 47.24
CA VAL I 72 50.59 -11.45 47.85
C VAL I 72 52.07 -11.30 48.17
N THR I 73 52.89 -11.10 47.13
CA THR I 73 54.32 -10.91 47.32
C THR I 73 54.91 -9.82 46.45
N LYS I 74 54.11 -9.15 45.62
CA LYS I 74 54.64 -8.11 44.73
C LYS I 74 55.03 -6.88 45.54
N TRP I 75 56.23 -6.38 45.29
CA TRP I 75 56.70 -5.17 45.96
C TRP I 75 56.13 -3.93 45.28
N PRO I 76 55.86 -2.88 46.05
CA PRO I 76 55.37 -1.62 45.48
C PRO I 76 56.53 -0.82 44.90
N SER I 77 56.22 0.38 44.42
CA SER I 77 57.19 1.22 43.75
C SER I 77 57.97 2.06 44.76
N GLY I 78 59.29 2.15 44.54
CA GLY I 78 60.14 2.99 45.37
C GLY I 78 60.25 2.56 46.81
N VAL I 79 60.39 1.26 47.06
CA VAL I 79 60.56 0.73 48.41
C VAL I 79 61.73 -0.24 48.40
N SER I 80 62.23 -0.51 49.61
CA SER I 80 63.33 -1.46 49.77
C SER I 80 62.85 -2.88 49.47
N ASN I 81 63.71 -3.67 48.85
CA ASN I 81 63.39 -5.05 48.48
C ASN I 81 63.79 -6.07 49.54
N ARG I 82 64.31 -5.62 50.68
CA ARG I 82 64.72 -6.54 51.74
C ARG I 82 63.54 -7.24 52.39
N PHE I 83 62.33 -6.74 52.20
CA PHE I 83 61.13 -7.33 52.79
C PHE I 83 60.43 -8.23 51.78
N SER I 84 59.84 -9.31 52.27
CA SER I 84 59.12 -10.24 51.41
C SER I 84 57.97 -10.85 52.19
N GLY I 85 57.02 -11.43 51.45
CA GLY I 85 55.87 -12.05 52.06
C GLY I 85 55.52 -13.34 51.35
N SER I 86 54.94 -14.27 52.11
CA SER I 86 54.54 -15.56 51.56
C SER I 86 53.36 -16.10 52.35
N LYS I 87 52.28 -16.44 51.65
CA LYS I 87 51.07 -16.96 52.26
C LYS I 87 50.96 -18.44 51.97
N SER I 88 50.92 -19.26 53.02
CA SER I 88 50.76 -20.70 52.89
C SER I 88 49.58 -21.14 53.73
N GLY I 89 48.69 -21.94 53.15
CA GLY I 89 47.52 -22.39 53.87
C GLY I 89 46.67 -21.20 54.30
N ASN I 90 46.46 -21.09 55.60
CA ASN I 90 45.70 -20.00 56.18
C ASN I 90 46.59 -18.98 56.90
N THR I 91 47.91 -19.08 56.74
CA THR I 91 48.84 -18.23 57.48
C THR I 91 49.78 -17.51 56.51
N ALA I 92 49.91 -16.21 56.69
CA ALA I 92 50.87 -15.42 55.94
C ALA I 92 52.08 -15.09 56.81
N SER I 93 53.25 -15.04 56.20
CA SER I 93 54.49 -14.74 56.90
C SER I 93 55.22 -13.63 56.15
N LEU I 94 55.59 -12.58 56.87
CA LEU I 94 56.38 -11.48 56.33
C LEU I 94 57.79 -11.57 56.90
N THR I 95 58.78 -11.69 56.02
CA THR I 95 60.17 -11.84 56.42
C THR I 95 60.96 -10.59 56.01
N ILE I 96 61.66 -10.01 56.97
CA ILE I 96 62.50 -8.84 56.75
C ILE I 96 63.95 -9.25 56.94
N SER I 97 64.81 -8.82 56.00
CA SER I 97 66.23 -9.13 56.05
C SER I 97 67.11 -7.92 56.27
N GLY I 98 66.58 -6.71 56.07
CA GLY I 98 67.36 -5.49 56.27
C GLY I 98 67.31 -5.01 57.70
N LEU I 99 68.36 -5.30 58.46
CA LEU I 99 68.42 -4.91 59.87
C LEU I 99 68.95 -3.48 59.98
N GLN I 100 69.31 -3.08 61.19
CA GLN I 100 69.82 -1.73 61.48
C GLN I 100 68.72 -0.72 61.15
N ALA I 101 69.12 0.51 60.83
CA ALA I 101 68.19 1.62 60.53
C ALA I 101 67.29 1.80 61.77
N GLU I 102 66.00 2.06 61.59
CA GLU I 102 65.10 2.20 62.73
C GLU I 102 64.40 0.88 63.05
N ASP I 103 63.63 0.34 62.10
CA ASP I 103 62.93 -0.93 62.26
C ASP I 103 62.09 -0.95 63.54
N GLU I 104 61.42 0.17 63.81
CA GLU I 104 60.62 0.31 65.01
C GLU I 104 59.14 0.53 64.74
N ALA I 105 58.73 0.64 63.47
CA ALA I 105 57.33 0.87 63.15
C ALA I 105 56.51 -0.39 63.42
N ASP I 106 55.37 -0.22 64.07
CA ASP I 106 54.49 -1.35 64.35
C ASP I 106 53.87 -1.87 63.05
N TYR I 107 53.82 -3.19 62.94
CA TYR I 107 53.33 -3.85 61.73
C TYR I 107 51.93 -4.40 61.97
N TYR I 108 51.03 -4.14 61.04
CA TYR I 108 49.65 -4.60 61.10
C TYR I 108 49.32 -5.38 59.83
N CYS I 109 48.63 -6.51 60.01
CA CYS I 109 48.23 -7.38 58.91
C CYS I 109 46.75 -7.19 58.61
N SER I 110 46.43 -7.04 57.33
CA SER I 110 45.04 -6.83 56.90
C SER I 110 44.73 -7.74 55.73
N SER I 111 43.45 -8.05 55.57
CA SER I 111 43.00 -8.90 54.49
C SER I 111 41.54 -8.57 54.17
N TYR I 112 41.12 -8.96 52.97
CA TYR I 112 39.75 -8.73 52.53
C TYR I 112 38.85 -9.87 53.02
N ALA I 113 37.64 -9.50 53.44
CA ALA I 113 36.66 -10.46 53.94
C ALA I 113 35.37 -10.33 53.13
N SER I 114 34.44 -11.25 53.41
CA SER I 114 33.18 -11.28 52.68
C SER I 114 32.29 -10.12 53.12
N SER I 115 31.19 -9.95 52.37
CA SER I 115 30.18 -8.91 52.65
C SER I 115 30.78 -7.51 52.57
N ASN I 116 31.80 -7.34 51.71
CA ASN I 116 32.44 -6.04 51.49
C ASN I 116 32.94 -5.42 52.79
N THR I 117 33.58 -6.25 53.62
CA THR I 117 34.08 -5.82 54.92
C THR I 117 35.58 -6.07 54.99
N TYR I 118 36.31 -5.12 55.57
CA TYR I 118 37.75 -5.23 55.75
C TYR I 118 38.08 -5.49 57.22
N VAL I 119 39.19 -6.19 57.44
CA VAL I 119 39.64 -6.52 58.79
C VAL I 119 41.11 -6.16 58.92
N PHE I 120 41.55 -5.98 60.16
CA PHE I 120 42.92 -5.64 60.46
C PHE I 120 43.40 -6.46 61.65
N GLY I 121 44.71 -6.69 61.70
CA GLY I 121 45.29 -7.47 62.78
C GLY I 121 45.44 -6.67 64.07
N THR I 122 45.73 -7.40 65.15
CA THR I 122 45.93 -6.76 66.44
C THR I 122 47.14 -5.84 66.43
N GLY I 123 48.23 -6.29 65.81
CA GLY I 123 49.44 -5.48 65.74
C GLY I 123 50.67 -6.21 66.26
N THR I 124 51.81 -5.96 65.63
CA THR I 124 53.07 -6.57 66.02
C THR I 124 54.10 -5.49 66.26
N LYS I 125 54.79 -5.56 67.39
CA LYS I 125 55.82 -4.59 67.76
C LYS I 125 57.20 -5.22 67.58
N LEU I 126 58.08 -4.54 66.86
CA LEU I 126 59.42 -5.02 66.57
C LEU I 126 60.42 -4.21 67.39
N THR I 127 61.28 -4.92 68.13
CA THR I 127 62.31 -4.31 68.96
C THR I 127 63.68 -4.78 68.51
N VAL I 128 64.64 -3.85 68.47
CA VAL I 128 66.00 -4.15 68.06
C VAL I 128 66.97 -3.60 69.11
N LEU I 129 68.16 -4.18 69.14
CA LEU I 129 69.18 -3.77 70.09
C LEU I 129 70.10 -2.73 69.47
#